data_8EU8
#
_entry.id   8EU8
#
_cell.length_a   1.00
_cell.length_b   1.00
_cell.length_c   1.00
_cell.angle_alpha   90.00
_cell.angle_beta   90.00
_cell.angle_gamma   90.00
#
_symmetry.space_group_name_H-M   'P 1'
#
loop_
_entity.id
_entity.type
_entity.pdbx_description
1 polymer 'CH848 10.17DT SOSIP Envelope glycoprotein gp160'
2 branched 2-acetamido-2-deoxy-beta-D-glucopyranose-(1-4)-2-acetamido-2-deoxy-beta-D-glucopyranose
3 non-polymer 2-acetamido-2-deoxy-beta-D-glucopyranose
#
_entity_poly.entity_id   1
_entity_poly.type   'polypeptide(L)'
_entity_poly.pdbx_seq_one_letter_code
;MPMGSLQPLATLYLLGMLVASVLAAENLWVTVYYGVPVWKEAKTTLFCASDARAYEKEVHNVWATHACVPTDPSPQELVL
GNVTENFNMWKNDMVDQMHEDIISLWDQSLKPCVKLTPLCVTLICSDATVKTGTVEEMKNCSFNTTTEIRDKEKKEYALF
YKPDIVPLSETNNTSEYRLINCNTSACTQACPKVTFEPIPIHYCAPAGYAILKCNDETFNGTGPCSNVSTVQCTHGIRPV
VSTQLLLNGSLAEKEIVIRSENLTNNAKIIIVHLHTPVEIVCTRPNNNTRKSVRIGPGQTFYATGDIIGDIKQAHCNISE
EKWNDTLQKVGIELQKHFPNKTIKYNQSAGGDMEITTHSFNCGGEFFYCNTSNLFNGTYNGTYISTNSSANSTSTITLQC
RIKQIINMWQGVGRCMYAPPIAGNITCRSNITGLLLTRDGGTNSNETETFRPAGGDMRDNWRSELYKYKVVKIEPLGVAP
TRCKRRVVGRRRRRRAVGIGAVFLGFLGAAGSTMGAASMTLTVQARNLLSGIVQQQSNLLRAPEAQQHLLKPPVWGIKQL
QARVLAVERYLRDQQLLGIWGCSGKLICCTNVPWNSSWSNRNLSEIWDNMTWLQWDKEISNYTQIIYGLLEESQNQQEKN
EQDLLALDGSLEVLFQGPGHHHHHHHHSAWSHPQFEKGGGSGGGGSGGSAWSHPQFEK
;
_entity_poly.pdbx_strand_id   A,B,C
#
loop_
_chem_comp.id
_chem_comp.type
_chem_comp.name
_chem_comp.formula
NAG D-saccharide, beta linking 2-acetamido-2-deoxy-beta-D-glucopyranose 'C8 H15 N O6'
#
# COMPACT_ATOMS: atom_id res chain seq x y z
N GLU A 26 55.24 13.83 10.78
CA GLU A 26 55.70 13.68 9.38
C GLU A 26 55.24 12.35 8.77
N ASN A 27 55.07 12.30 7.44
CA ASN A 27 54.65 11.13 6.66
C ASN A 27 53.26 10.59 7.07
N LEU A 28 52.25 11.46 7.08
CA LEU A 28 50.86 11.10 7.28
C LEU A 28 50.21 10.63 5.98
N TRP A 29 49.28 9.68 6.12
CA TRP A 29 48.46 9.12 5.05
C TRP A 29 47.01 9.07 5.53
N VAL A 30 46.04 9.10 4.62
CA VAL A 30 44.62 9.06 5.00
C VAL A 30 44.19 7.64 5.38
N THR A 31 43.38 7.54 6.42
CA THR A 31 42.73 6.29 6.84
C THR A 31 41.23 6.48 6.91
N VAL A 32 40.49 5.44 6.56
CA VAL A 32 39.04 5.43 6.58
C VAL A 32 38.56 4.62 7.77
N TYR A 33 37.58 5.18 8.48
CA TYR A 33 36.93 4.56 9.63
C TYR A 33 35.44 4.39 9.35
N TYR A 34 34.85 3.31 9.85
CA TYR A 34 33.42 3.05 9.82
C TYR A 34 32.87 2.91 11.23
N GLY A 35 31.66 3.42 11.48
CA GLY A 35 31.07 3.44 12.82
C GLY A 35 31.58 4.58 13.70
N VAL A 36 32.04 5.67 13.09
CA VAL A 36 32.39 6.89 13.81
C VAL A 36 31.14 7.48 14.46
N PRO A 37 31.16 7.92 15.73
CA PRO A 37 30.02 8.55 16.37
C PRO A 37 29.89 10.03 15.96
N VAL A 38 29.25 10.29 14.82
CA VAL A 38 29.06 11.64 14.26
C VAL A 38 27.73 11.75 13.52
N TRP A 39 27.13 12.94 13.52
CA TRP A 39 25.74 13.16 13.11
C TRP A 39 25.48 14.50 12.41
N LYS A 40 24.35 14.59 11.71
CA LYS A 40 23.82 15.79 11.06
C LYS A 40 22.33 15.96 11.33
N GLU A 41 21.85 17.19 11.25
CA GLU A 41 20.46 17.55 11.52
C GLU A 41 19.56 17.23 10.32
N ALA A 42 18.40 16.64 10.55
CA ALA A 42 17.59 15.98 9.53
C ALA A 42 16.10 15.93 9.90
N LYS A 43 15.25 15.56 8.95
CA LYS A 43 13.88 15.10 9.26
C LYS A 43 13.56 13.82 8.49
N THR A 44 12.89 12.89 9.17
CA THR A 44 12.45 11.59 8.64
C THR A 44 11.31 11.09 9.51
N THR A 45 10.39 10.33 8.96
CA THR A 45 9.14 9.99 9.64
C THR A 45 9.37 9.00 10.77
N LEU A 46 9.23 9.45 12.01
CA LEU A 46 9.35 8.60 13.19
C LEU A 46 8.19 7.61 13.25
N PHE A 47 8.38 6.47 13.91
CA PHE A 47 7.33 5.47 14.04
C PHE A 47 6.67 5.53 15.42
N CYS A 48 5.34 5.46 15.43
CA CYS A 48 4.50 5.45 16.63
C CYS A 48 4.62 4.10 17.35
N ALA A 49 4.85 4.12 18.64
CA ALA A 49 4.95 2.97 19.52
C ALA A 49 4.02 3.10 20.73
N SER A 50 3.43 1.99 21.16
CA SER A 50 2.48 1.91 22.28
C SER A 50 3.01 1.03 23.40
N ASP A 51 2.73 1.43 24.63
CA ASP A 51 2.84 0.59 25.81
C ASP A 51 1.77 -0.53 25.81
N ALA A 52 1.88 -1.46 26.75
CA ALA A 52 1.03 -2.65 26.93
C ALA A 52 0.85 -3.47 25.64
N ASN A 61 -8.21 4.50 22.09
CA ASN A 61 -8.00 3.21 21.45
C ASN A 61 -7.50 3.34 20.01
N VAL A 62 -7.71 4.50 19.37
CA VAL A 62 -7.48 4.66 17.93
C VAL A 62 -6.01 4.46 17.55
N TRP A 63 -5.09 4.85 18.43
CA TRP A 63 -3.66 4.76 18.20
C TRP A 63 -3.15 3.31 18.20
N ALA A 64 -3.37 2.59 19.30
CA ALA A 64 -2.91 1.23 19.48
C ALA A 64 -3.69 0.16 18.68
N THR A 65 -4.58 0.57 17.77
CA THR A 65 -5.34 -0.36 16.91
C THR A 65 -5.12 -0.12 15.42
N HIS A 66 -4.36 0.88 15.00
CA HIS A 66 -3.96 0.99 13.58
C HIS A 66 -2.59 1.65 13.33
N ALA A 67 -2.35 2.86 13.85
CA ALA A 67 -1.13 3.60 13.54
C ALA A 67 0.08 3.21 14.38
N CYS A 68 -0.14 2.70 15.58
CA CYS A 68 0.89 2.57 16.60
C CYS A 68 1.15 1.10 16.91
N VAL A 69 2.40 0.63 16.81
CA VAL A 69 2.72 -0.77 17.14
C VAL A 69 2.73 -0.98 18.65
N PRO A 70 2.10 -2.04 19.20
CA PRO A 70 2.30 -2.42 20.59
C PRO A 70 3.71 -3.00 20.71
N THR A 71 4.54 -2.44 21.58
CA THR A 71 5.97 -2.79 21.65
C THR A 71 6.62 -2.49 22.99
N ASP A 72 5.82 -2.12 23.99
CA ASP A 72 6.16 -1.98 25.41
C ASP A 72 7.59 -1.43 25.63
N PRO A 73 7.91 -0.26 25.04
CA PRO A 73 9.28 0.18 24.83
C PRO A 73 9.95 0.49 26.16
N SER A 74 10.81 -0.42 26.62
CA SER A 74 11.43 -0.32 27.95
C SER A 74 12.47 0.83 28.02
N PRO A 75 12.54 1.62 29.10
CA PRO A 75 13.45 2.77 29.17
C PRO A 75 14.92 2.37 28.99
N GLN A 76 15.62 3.03 28.07
CA GLN A 76 16.97 2.69 27.62
C GLN A 76 17.86 3.92 27.38
N GLU A 77 17.66 5.00 28.15
CA GLU A 77 18.45 6.24 28.05
C GLU A 77 19.93 6.03 28.35
N LEU A 78 20.78 6.81 27.67
CA LEU A 78 22.21 6.93 27.97
C LEU A 78 22.61 8.42 27.96
N VAL A 79 23.37 8.84 28.98
CA VAL A 79 23.92 10.20 29.06
C VAL A 79 25.19 10.32 28.22
N LEU A 80 25.38 11.44 27.54
CA LEU A 80 26.57 11.72 26.75
C LEU A 80 27.49 12.65 27.54
N GLY A 81 28.77 12.33 27.62
CA GLY A 81 29.64 12.89 28.65
C GLY A 81 29.83 14.40 28.57
N ASN A 82 30.15 14.92 27.38
CA ASN A 82 30.65 16.29 27.22
C ASN A 82 30.15 16.99 25.96
N VAL A 83 29.20 16.40 25.22
CA VAL A 83 28.68 16.99 23.99
C VAL A 83 27.79 18.20 24.30
N THR A 84 27.78 19.17 23.40
CA THR A 84 26.81 20.27 23.41
C THR A 84 26.18 20.41 22.04
N GLU A 85 24.89 20.71 22.03
CA GLU A 85 24.08 20.86 20.83
C GLU A 85 23.19 22.10 21.00
N ASN A 86 22.72 22.67 19.91
CA ASN A 86 21.67 23.68 19.94
C ASN A 86 20.32 23.04 19.55
N PHE A 87 19.29 23.33 20.34
CA PHE A 87 17.93 22.81 20.21
C PHE A 87 16.99 23.99 19.96
N ASN A 88 15.88 23.80 19.25
CA ASN A 88 14.95 24.89 18.95
C ASN A 88 13.48 24.43 18.85
N MET A 89 12.70 24.66 19.90
CA MET A 89 11.32 24.19 19.99
C MET A 89 10.48 24.64 18.79
N TRP A 90 10.61 25.90 18.38
CA TRP A 90 9.78 26.48 17.31
C TRP A 90 10.22 26.15 15.88
N LYS A 91 11.02 25.10 15.69
CA LYS A 91 11.33 24.51 14.39
C LYS A 91 11.45 22.98 14.42
N ASN A 92 11.06 22.32 15.50
CA ASN A 92 11.18 20.87 15.63
C ASN A 92 10.12 20.14 14.80
N ASP A 93 10.52 19.50 13.70
CA ASP A 93 9.61 18.80 12.78
C ASP A 93 8.87 17.60 13.40
N MET A 94 9.23 17.15 14.61
CA MET A 94 8.39 16.21 15.35
C MET A 94 7.00 16.75 15.65
N VAL A 95 6.84 18.06 15.91
CA VAL A 95 5.51 18.60 16.21
C VAL A 95 4.61 18.56 14.99
N ASP A 96 5.13 18.91 13.82
CA ASP A 96 4.34 18.92 12.60
C ASP A 96 4.10 17.50 12.05
N GLN A 97 5.00 16.56 12.33
CA GLN A 97 4.77 15.14 12.08
C GLN A 97 3.64 14.61 12.99
N MET A 98 3.66 14.92 14.28
CA MET A 98 2.65 14.41 15.20
C MET A 98 1.29 15.00 14.90
N HIS A 99 1.23 16.27 14.51
CA HIS A 99 -0.02 16.88 14.09
C HIS A 99 -0.62 16.14 12.89
N GLU A 100 0.16 15.86 11.86
CA GLU A 100 -0.33 15.13 10.71
C GLU A 100 -0.75 13.69 11.07
N ASP A 101 -0.01 13.02 11.94
CA ASP A 101 -0.29 11.67 12.42
C ASP A 101 -1.64 11.61 13.15
N ILE A 102 -1.85 12.47 14.16
CA ILE A 102 -3.12 12.57 14.88
C ILE A 102 -4.27 12.94 13.95
N ILE A 103 -4.15 13.98 13.13
CA ILE A 103 -5.23 14.42 12.24
C ILE A 103 -5.63 13.27 11.33
N SER A 104 -4.65 12.59 10.74
CA SER A 104 -4.93 11.54 9.77
C SER A 104 -5.59 10.35 10.45
N LEU A 105 -5.03 9.88 11.56
CA LEU A 105 -5.54 8.73 12.29
C LEU A 105 -6.94 8.95 12.83
N TRP A 106 -7.15 10.10 13.45
CA TRP A 106 -8.39 10.41 14.16
C TRP A 106 -9.39 11.16 13.27
N ASP A 107 -9.15 11.14 11.96
CA ASP A 107 -10.14 11.27 10.89
C ASP A 107 -10.48 9.89 10.31
N GLN A 108 -9.48 9.06 10.02
CA GLN A 108 -9.65 7.70 9.54
C GLN A 108 -10.45 6.80 10.50
N SER A 109 -10.40 7.03 11.81
CA SER A 109 -11.24 6.29 12.77
C SER A 109 -12.75 6.56 12.68
N LEU A 110 -13.22 7.52 11.87
CA LEU A 110 -14.64 7.70 11.55
C LEU A 110 -15.11 6.87 10.34
N LYS A 111 -14.19 6.41 9.48
CA LYS A 111 -14.50 5.78 8.19
C LYS A 111 -15.49 4.62 8.24
N PRO A 112 -15.48 3.68 9.21
CA PRO A 112 -16.44 2.58 9.20
C PRO A 112 -17.86 2.93 9.65
N CYS A 113 -18.08 4.10 10.25
CA CYS A 113 -19.28 4.39 11.04
C CYS A 113 -20.42 5.03 10.23
N VAL A 114 -21.62 5.12 10.82
CA VAL A 114 -22.82 5.60 10.15
C VAL A 114 -22.76 7.09 9.80
N LYS A 115 -23.09 7.40 8.54
CA LYS A 115 -23.36 8.76 8.05
C LYS A 115 -24.75 9.19 8.46
N LEU A 116 -24.89 10.36 9.07
CA LEU A 116 -26.19 10.91 9.49
C LEU A 116 -26.91 11.67 8.36
N THR A 117 -26.60 11.43 7.09
CA THR A 117 -27.29 12.08 5.96
C THR A 117 -28.81 11.92 6.01
N PRO A 118 -29.39 10.76 6.39
CA PRO A 118 -30.84 10.63 6.50
C PRO A 118 -31.47 11.41 7.66
N LEU A 119 -30.68 12.08 8.50
CA LEU A 119 -31.12 12.90 9.62
C LEU A 119 -31.21 14.39 9.28
N CYS A 120 -30.70 14.85 8.14
CA CYS A 120 -30.90 16.23 7.67
C CYS A 120 -32.34 16.42 7.21
N VAL A 121 -33.26 16.55 8.15
CA VAL A 121 -34.71 16.52 7.96
C VAL A 121 -35.33 17.76 8.56
N THR A 122 -36.49 18.20 8.09
CA THR A 122 -37.19 19.33 8.67
C THR A 122 -37.59 18.98 10.10
N LEU A 123 -36.97 19.66 11.05
CA LEU A 123 -36.94 19.23 12.44
C LEU A 123 -37.81 20.21 13.23
N ILE A 124 -38.89 19.71 13.84
CA ILE A 124 -39.89 20.54 14.51
C ILE A 124 -39.76 20.41 16.03
N CYS A 125 -39.62 21.52 16.73
CA CYS A 125 -39.10 21.55 18.11
C CYS A 125 -39.87 22.45 19.07
N SER A 126 -39.83 22.09 20.35
CA SER A 126 -40.45 22.76 21.50
C SER A 126 -39.52 22.70 22.71
N ASP A 127 -39.82 23.45 23.77
CA ASP A 127 -39.00 23.45 24.98
C ASP A 127 -38.98 22.09 25.68
N ALA A 128 -37.81 21.66 26.15
CA ALA A 128 -37.67 20.40 26.87
C ALA A 128 -38.13 20.55 28.32
N THR A 129 -38.94 19.61 28.81
CA THR A 129 -39.35 19.61 30.22
C THR A 129 -39.56 18.23 30.83
N VAL A 130 -38.89 18.00 31.96
CA VAL A 130 -39.16 16.94 32.93
C VAL A 130 -40.21 17.46 33.90
N LYS A 131 -40.97 16.61 34.62
CA LYS A 131 -41.93 17.08 35.64
C LYS A 131 -41.29 18.00 36.70
N THR A 132 -39.99 17.86 36.94
CA THR A 132 -39.17 18.68 37.85
C THR A 132 -38.84 20.08 37.31
N GLY A 133 -38.95 20.34 36.02
CA GLY A 133 -38.72 21.66 35.44
C GLY A 133 -38.39 21.69 33.94
N THR A 134 -38.19 22.88 33.40
CA THR A 134 -37.64 23.10 32.05
C THR A 134 -36.12 23.07 32.08
N VAL A 135 -35.51 22.57 31.00
CA VAL A 135 -34.06 22.62 30.77
C VAL A 135 -33.82 23.66 29.69
N GLU A 136 -33.05 24.70 29.99
CA GLU A 136 -32.84 25.80 29.04
C GLU A 136 -31.76 25.49 28.01
N GLU A 137 -30.84 24.57 28.33
CA GLU A 137 -29.73 24.18 27.44
C GLU A 137 -30.16 23.25 26.29
N MET A 138 -31.37 22.68 26.34
CA MET A 138 -31.84 21.68 25.37
C MET A 138 -33.20 22.01 24.77
N LYS A 139 -33.38 21.70 23.49
CA LYS A 139 -34.69 21.64 22.85
C LYS A 139 -35.14 20.20 22.73
N ASN A 140 -36.44 20.01 22.58
CA ASN A 140 -37.07 18.74 22.25
C ASN A 140 -37.50 18.79 20.80
N CYS A 141 -36.96 17.93 19.94
CA CYS A 141 -37.21 17.96 18.52
C CYS A 141 -37.78 16.64 18.00
N SER A 142 -38.64 16.74 16.99
CA SER A 142 -39.40 15.65 16.37
C SER A 142 -39.21 15.66 14.86
N PHE A 143 -39.08 14.49 14.27
CA PHE A 143 -38.73 14.30 12.86
C PHE A 143 -39.23 12.95 12.30
N ASN A 144 -39.09 12.75 10.98
CA ASN A 144 -39.42 11.51 10.28
C ASN A 144 -38.14 10.74 9.90
N THR A 145 -38.06 9.45 10.22
CA THR A 145 -36.89 8.60 9.94
C THR A 145 -37.22 7.42 9.04
N THR A 146 -36.24 6.96 8.26
CA THR A 146 -36.34 5.80 7.36
C THR A 146 -36.10 4.49 8.10
N THR A 147 -36.88 3.45 7.80
CA THR A 147 -36.70 2.08 8.34
C THR A 147 -35.97 1.17 7.33
N GLU A 148 -35.54 -0.06 7.66
CA GLU A 148 -35.01 -0.97 6.61
C GLU A 148 -36.07 -1.32 5.53
N ILE A 149 -37.36 -1.19 5.86
CA ILE A 149 -38.44 -1.09 4.87
C ILE A 149 -38.56 0.38 4.40
N ARG A 150 -37.93 0.72 3.28
CA ARG A 150 -37.77 2.08 2.73
C ARG A 150 -39.08 2.84 2.47
N ASP A 151 -40.16 2.14 2.12
CA ASP A 151 -41.42 2.75 1.69
C ASP A 151 -42.32 3.26 2.82
N LYS A 152 -41.92 3.08 4.09
CA LYS A 152 -42.61 3.58 5.29
C LYS A 152 -41.66 4.49 6.09
N GLU A 153 -42.20 5.50 6.74
CA GLU A 153 -41.46 6.46 7.56
C GLU A 153 -42.04 6.56 8.95
N LYS A 154 -41.20 6.68 9.98
CA LYS A 154 -41.62 6.70 11.38
C LYS A 154 -41.41 8.07 12.05
N LYS A 155 -42.44 8.58 12.74
CA LYS A 155 -42.40 9.80 13.55
C LYS A 155 -41.65 9.51 14.86
N GLU A 156 -40.60 10.28 15.14
CA GLU A 156 -39.65 9.96 16.22
C GLU A 156 -39.06 11.26 16.83
N TYR A 157 -38.56 11.22 18.07
CA TYR A 157 -38.10 12.41 18.81
C TYR A 157 -36.78 12.21 19.55
N ALA A 158 -36.04 13.30 19.71
CA ALA A 158 -34.79 13.37 20.45
C ALA A 158 -34.61 14.74 21.12
N LEU A 159 -33.93 14.78 22.25
CA LEU A 159 -33.46 16.04 22.83
C LEU A 159 -32.13 16.40 22.20
N PHE A 160 -31.94 17.67 21.85
CA PHE A 160 -30.68 18.18 21.32
C PHE A 160 -30.22 19.40 22.11
N TYR A 161 -28.91 19.52 22.29
CA TYR A 161 -28.28 20.67 22.91
C TYR A 161 -28.34 21.88 21.99
N LYS A 162 -28.75 23.03 22.52
CA LYS A 162 -29.06 24.23 21.74
C LYS A 162 -27.96 24.66 20.77
N PRO A 163 -26.66 24.65 21.10
CA PRO A 163 -25.62 25.08 20.17
C PRO A 163 -25.46 24.24 18.88
N ASP A 164 -26.13 23.11 18.69
CA ASP A 164 -26.07 22.31 17.46
C ASP A 164 -27.29 22.45 16.52
N ILE A 165 -28.28 23.25 16.91
CA ILE A 165 -29.53 23.48 16.17
C ILE A 165 -29.59 24.92 15.63
N VAL A 166 -29.98 25.13 14.36
CA VAL A 166 -30.07 26.46 13.71
C VAL A 166 -31.48 26.71 13.13
N PRO A 167 -32.05 27.91 13.28
CA PRO A 167 -33.41 28.23 12.82
C PRO A 167 -33.48 28.43 11.30
N LEU A 168 -34.55 27.92 10.68
CA LEU A 168 -34.57 27.61 9.25
C LEU A 168 -35.08 28.73 8.34
N SER A 169 -35.84 29.68 8.87
CA SER A 169 -36.24 30.90 8.17
C SER A 169 -36.41 32.06 9.14
N GLU A 170 -36.09 33.28 8.70
CA GLU A 170 -36.31 34.52 9.46
C GLU A 170 -37.77 34.99 9.47
N THR A 171 -38.66 34.40 8.66
CA THR A 171 -39.97 34.97 8.33
C THR A 171 -40.89 35.20 9.54
N ASN A 172 -40.87 34.29 10.53
CA ASN A 172 -41.62 34.37 11.78
C ASN A 172 -40.89 33.60 12.90
N ASN A 173 -41.13 33.97 14.16
CA ASN A 173 -40.72 33.18 15.33
C ASN A 173 -41.50 31.85 15.33
N THR A 174 -40.78 30.74 15.10
CA THR A 174 -41.36 29.46 14.66
C THR A 174 -40.64 28.25 15.25
N SER A 175 -41.33 27.10 15.25
CA SER A 175 -40.85 25.82 15.77
C SER A 175 -39.98 25.02 14.79
N GLU A 176 -39.55 25.60 13.67
CA GLU A 176 -38.88 24.87 12.59
C GLU A 176 -37.37 25.12 12.55
N TYR A 177 -36.59 24.04 12.57
CA TYR A 177 -35.15 24.05 12.76
C TYR A 177 -34.42 23.01 11.88
N ARG A 178 -33.09 23.06 11.89
CA ARG A 178 -32.17 22.25 11.08
C ARG A 178 -30.90 21.93 11.86
N LEU A 179 -30.29 20.76 11.63
CA LEU A 179 -28.98 20.41 12.19
C LEU A 179 -27.89 21.26 11.55
N ILE A 180 -26.99 21.83 12.35
CA ILE A 180 -26.05 22.87 11.89
C ILE A 180 -25.14 22.45 10.74
N ASN A 181 -24.72 21.19 10.68
CA ASN A 181 -23.82 20.71 9.64
C ASN A 181 -24.46 20.61 8.25
N CYS A 182 -25.79 20.54 8.14
CA CYS A 182 -26.50 20.17 6.91
C CYS A 182 -26.47 21.24 5.79
N ASN A 183 -25.64 22.28 5.91
CA ASN A 183 -25.30 23.20 4.83
C ASN A 183 -23.81 23.18 4.42
N THR A 184 -23.00 22.26 4.96
CA THR A 184 -21.55 22.27 4.80
C THR A 184 -20.98 20.86 4.61
N SER A 185 -21.32 19.91 5.49
CA SER A 185 -20.79 18.54 5.48
C SER A 185 -21.79 17.54 6.01
N ALA A 186 -21.73 16.29 5.57
CA ALA A 186 -22.49 15.20 6.18
C ALA A 186 -21.69 14.60 7.33
N CYS A 187 -22.21 14.63 8.57
CA CYS A 187 -21.46 14.14 9.72
C CYS A 187 -21.52 12.63 9.87
N THR A 188 -20.48 12.07 10.46
CA THR A 188 -20.40 10.67 10.85
C THR A 188 -20.44 10.53 12.36
N GLN A 189 -21.27 9.61 12.85
CA GLN A 189 -21.29 9.23 14.26
C GLN A 189 -20.01 8.49 14.60
N ALA A 190 -19.42 8.69 15.78
CA ALA A 190 -18.33 7.84 16.24
C ALA A 190 -18.88 6.49 16.72
N CYS A 191 -18.35 5.37 16.23
CA CYS A 191 -18.81 4.04 16.62
C CYS A 191 -18.59 3.80 18.12
N PRO A 192 -19.59 3.40 18.92
CA PRO A 192 -19.45 3.31 20.38
C PRO A 192 -18.39 2.33 20.93
N LYS A 193 -17.82 1.44 20.12
CA LYS A 193 -16.66 0.62 20.50
C LYS A 193 -15.39 1.46 20.71
N VAL A 194 -15.19 2.49 19.90
CA VAL A 194 -14.04 3.39 19.96
C VAL A 194 -14.09 4.23 21.23
N THR A 195 -12.94 4.56 21.80
CA THR A 195 -12.81 5.48 22.93
C THR A 195 -11.67 6.46 22.75
N PHE A 196 -11.88 7.68 23.23
CA PHE A 196 -11.04 8.84 23.02
C PHE A 196 -10.06 9.11 24.17
N GLU A 197 -10.08 8.30 25.24
CA GLU A 197 -9.18 8.48 26.37
C GLU A 197 -7.72 8.48 25.88
N PRO A 198 -6.90 9.51 26.13
CA PRO A 198 -5.54 9.56 25.63
C PRO A 198 -4.67 8.44 26.23
N ILE A 199 -4.27 7.48 25.40
CA ILE A 199 -3.20 6.53 25.69
C ILE A 199 -1.84 7.22 25.55
N PRO A 200 -0.81 6.91 26.34
CA PRO A 200 0.52 7.46 26.13
C PRO A 200 1.13 6.94 24.82
N ILE A 201 1.61 7.85 23.99
CA ILE A 201 2.23 7.57 22.70
C ILE A 201 3.73 7.79 22.78
N HIS A 202 4.49 6.83 22.27
CA HIS A 202 5.94 6.93 22.15
C HIS A 202 6.33 7.14 20.69
N TYR A 203 7.26 8.04 20.42
CA TYR A 203 7.89 8.18 19.11
C TYR A 203 9.31 7.64 19.15
N CYS A 204 9.68 6.84 18.14
CA CYS A 204 10.97 6.18 18.07
C CYS A 204 11.69 6.43 16.74
N ALA A 205 13.02 6.38 16.77
CA ALA A 205 13.86 6.57 15.59
C ALA A 205 14.02 5.28 14.75
N PRO A 206 13.91 5.34 13.42
CA PRO A 206 14.31 4.24 12.55
C PRO A 206 15.83 4.08 12.50
N ALA A 207 16.31 2.94 12.01
CA ALA A 207 17.75 2.64 11.98
C ALA A 207 18.54 3.70 11.22
N GLY A 208 19.70 4.12 11.75
CA GLY A 208 20.49 5.19 11.14
C GLY A 208 20.11 6.60 11.57
N TYR A 209 19.17 6.74 12.50
CA TYR A 209 18.75 7.99 13.12
C TYR A 209 18.74 7.85 14.65
N ALA A 210 18.73 8.97 15.36
CA ALA A 210 18.67 8.99 16.81
C ALA A 210 17.86 10.19 17.31
N ILE A 211 17.38 10.09 18.55
CA ILE A 211 16.74 11.18 19.29
C ILE A 211 17.68 11.63 20.41
N LEU A 212 17.91 12.93 20.48
CA LEU A 212 18.68 13.57 21.53
C LEU A 212 17.77 14.42 22.41
N LYS A 213 18.08 14.49 23.71
CA LYS A 213 17.24 15.00 24.77
C LYS A 213 18.01 15.96 25.68
N CYS A 214 17.48 17.14 25.99
CA CYS A 214 18.10 18.05 26.97
C CYS A 214 17.65 17.74 28.38
N ASN A 215 18.60 17.49 29.28
CA ASN A 215 18.34 17.33 30.71
C ASN A 215 18.38 18.65 31.48
N ASP A 216 18.85 19.74 30.87
CA ASP A 216 19.16 20.98 31.58
C ASP A 216 17.93 21.65 32.17
N GLU A 217 18.01 22.10 33.42
CA GLU A 217 16.93 22.85 34.06
C GLU A 217 16.75 24.22 33.40
N THR A 218 15.51 24.68 33.23
CA THR A 218 15.20 26.01 32.67
C THR A 218 15.78 26.25 31.28
N PHE A 219 15.60 25.29 30.37
CA PHE A 219 16.16 25.33 29.03
C PHE A 219 15.67 26.51 28.16
N ASN A 220 14.55 27.16 28.48
CA ASN A 220 14.05 28.34 27.74
C ASN A 220 13.69 28.03 26.27
N GLY A 221 13.49 26.76 25.92
CA GLY A 221 12.97 26.30 24.63
C GLY A 221 13.89 26.48 23.40
N THR A 222 15.01 27.21 23.52
CA THR A 222 15.92 27.47 22.41
C THR A 222 17.35 27.77 22.89
N GLY A 223 18.33 27.53 22.04
CA GLY A 223 19.73 27.92 22.25
C GLY A 223 20.65 26.78 22.70
N PRO A 224 21.87 27.09 23.15
CA PRO A 224 22.88 26.11 23.45
C PRO A 224 22.58 25.37 24.74
N CYS A 225 22.64 24.05 24.68
CA CYS A 225 22.31 23.14 25.77
C CYS A 225 23.50 22.25 26.15
N SER A 226 23.58 21.87 27.43
CA SER A 226 24.60 20.99 27.99
C SER A 226 23.93 19.95 28.89
N ASN A 227 24.61 18.84 29.16
CA ASN A 227 24.02 17.58 29.63
C ASN A 227 22.90 17.08 28.71
N VAL A 228 23.28 16.59 27.53
CA VAL A 228 22.41 15.88 26.59
C VAL A 228 22.43 14.37 26.84
N SER A 229 21.33 13.69 26.53
CA SER A 229 21.23 12.23 26.51
C SER A 229 20.71 11.75 25.17
N THR A 230 20.99 10.50 24.81
CA THR A 230 20.31 9.82 23.71
C THR A 230 19.35 8.78 24.24
N VAL A 231 18.20 8.65 23.59
CA VAL A 231 17.14 7.71 23.97
C VAL A 231 16.54 7.16 22.69
N GLN A 232 16.29 5.87 22.58
CA GLN A 232 15.79 5.28 21.33
C GLN A 232 14.33 5.66 21.03
N CYS A 233 13.59 6.06 22.06
CA CYS A 233 12.22 6.53 21.96
C CYS A 233 11.95 7.63 22.99
N THR A 234 10.97 8.48 22.75
CA THR A 234 10.51 9.49 23.71
C THR A 234 9.82 8.85 24.92
N HIS A 235 9.66 9.61 26.01
CA HIS A 235 8.68 9.24 27.04
C HIS A 235 7.27 9.26 26.46
N GLY A 236 6.27 8.87 27.26
CA GLY A 236 4.88 8.91 26.81
C GLY A 236 4.43 10.35 26.61
N ILE A 237 3.97 10.70 25.42
CA ILE A 237 3.24 11.93 25.16
C ILE A 237 1.77 11.56 25.13
N ARG A 238 0.96 12.17 25.99
CA ARG A 238 -0.49 11.99 25.95
C ARG A 238 -1.02 12.91 24.85
N PRO A 239 -1.77 12.41 23.85
CA PRO A 239 -2.31 13.22 22.77
C PRO A 239 -3.54 14.04 23.18
N VAL A 240 -3.50 14.66 24.36
CA VAL A 240 -4.60 15.44 24.95
C VAL A 240 -4.86 16.73 24.20
N VAL A 241 -6.13 17.03 23.94
CA VAL A 241 -6.58 18.22 23.21
C VAL A 241 -7.38 19.11 24.14
N SER A 242 -6.91 20.35 24.34
CA SER A 242 -7.58 21.40 25.11
C SER A 242 -7.13 22.78 24.64
N THR A 243 -7.90 23.85 24.90
CA THR A 243 -7.71 25.14 24.20
C THR A 243 -7.07 26.27 25.00
N GLN A 244 -7.22 26.35 26.33
CA GLN A 244 -6.62 27.43 27.14
C GLN A 244 -5.74 26.92 28.28
N LEU A 245 -6.19 25.89 28.97
CA LEU A 245 -5.42 25.19 30.00
C LEU A 245 -4.95 23.84 29.46
N LEU A 246 -3.68 23.52 29.62
CA LEU A 246 -3.12 22.22 29.30
C LEU A 246 -3.43 21.23 30.43
N LEU A 247 -4.24 20.23 30.14
CA LEU A 247 -4.60 19.17 31.09
C LEU A 247 -3.68 17.95 30.98
N ASN A 248 -3.36 17.30 32.10
CA ASN A 248 -2.62 16.05 32.23
C ASN A 248 -1.25 15.99 31.55
N GLY A 249 -0.61 17.13 31.28
CA GLY A 249 0.74 17.16 30.70
C GLY A 249 1.83 16.82 31.71
N SER A 250 3.04 16.54 31.24
CA SER A 250 4.22 16.28 32.07
C SER A 250 4.63 17.54 32.83
N LEU A 251 4.92 17.47 34.13
CA LEU A 251 5.17 18.66 34.97
C LEU A 251 6.54 19.30 34.75
N ALA A 252 6.72 20.57 35.14
CA ALA A 252 8.03 21.22 35.14
C ALA A 252 8.92 20.72 36.29
N GLU A 253 10.24 20.66 36.09
CA GLU A 253 11.10 19.86 36.95
C GLU A 253 11.56 20.54 38.25
N LYS A 254 11.78 21.86 38.25
CA LYS A 254 12.21 22.59 39.48
C LYS A 254 11.61 23.98 39.69
N GLU A 255 11.22 24.70 38.63
CA GLU A 255 10.68 26.06 38.70
C GLU A 255 9.88 26.39 37.44
N ILE A 256 9.01 27.39 37.47
CA ILE A 256 8.10 27.70 36.35
C ILE A 256 8.91 28.15 35.14
N VAL A 257 8.67 27.53 33.99
CA VAL A 257 9.35 27.86 32.73
C VAL A 257 8.39 28.60 31.81
N ILE A 258 8.84 29.72 31.24
CA ILE A 258 8.05 30.56 30.35
C ILE A 258 8.69 30.57 28.97
N ARG A 259 7.97 30.18 27.91
CA ARG A 259 8.53 29.93 26.58
C ARG A 259 7.76 30.65 25.48
N SER A 260 8.45 31.32 24.57
CA SER A 260 7.92 31.82 23.30
C SER A 260 9.04 32.15 22.34
N GLU A 261 8.77 32.30 21.04
CA GLU A 261 9.81 32.66 20.07
C GLU A 261 10.48 34.01 20.39
N ASN A 262 9.70 35.01 20.79
CA ASN A 262 10.13 36.38 20.96
C ASN A 262 9.14 37.13 21.84
N LEU A 263 9.36 37.21 23.16
CA LEU A 263 8.41 37.83 24.09
C LEU A 263 8.05 39.27 23.74
N THR A 264 8.89 39.99 23.00
CA THR A 264 8.57 41.37 22.60
C THR A 264 7.45 41.43 21.58
N ASN A 265 7.30 40.40 20.74
CA ASN A 265 6.29 40.35 19.70
C ASN A 265 4.94 39.87 20.28
N ASN A 266 3.95 40.76 20.30
CA ASN A 266 2.62 40.46 20.83
C ASN A 266 1.90 39.33 20.06
N ALA A 267 2.24 39.05 18.80
CA ALA A 267 1.59 38.05 17.97
C ALA A 267 1.99 36.59 18.26
N LYS A 268 2.88 36.33 19.22
CA LYS A 268 3.38 34.97 19.55
C LYS A 268 2.81 34.44 20.86
N ILE A 269 2.34 33.19 20.85
CA ILE A 269 1.81 32.48 22.01
C ILE A 269 2.89 32.33 23.07
N ILE A 270 2.54 32.45 24.34
CA ILE A 270 3.41 32.13 25.46
C ILE A 270 2.93 30.81 26.07
N ILE A 271 3.83 29.84 26.19
CA ILE A 271 3.59 28.59 26.91
C ILE A 271 4.15 28.77 28.31
N VAL A 272 3.35 28.48 29.34
CA VAL A 272 3.79 28.52 30.73
C VAL A 272 3.64 27.15 31.33
N HIS A 273 4.69 26.63 31.94
CA HIS A 273 4.79 25.25 32.39
C HIS A 273 4.96 25.18 33.91
N LEU A 274 3.98 24.61 34.62
CA LEU A 274 3.90 24.70 36.09
C LEU A 274 4.69 23.63 36.83
N HIS A 275 5.17 23.98 38.03
CA HIS A 275 5.93 23.08 38.91
C HIS A 275 5.05 22.31 39.89
N THR A 276 4.16 23.00 40.58
CA THR A 276 3.16 22.37 41.47
C THR A 276 1.78 22.41 40.81
N PRO A 277 1.07 21.27 40.66
CA PRO A 277 -0.20 21.24 39.95
C PRO A 277 -1.33 21.96 40.69
N VAL A 278 -2.39 22.27 39.93
CA VAL A 278 -3.72 22.56 40.49
C VAL A 278 -4.71 21.61 39.85
N GLU A 279 -5.65 21.08 40.63
CA GLU A 279 -6.51 19.98 40.20
C GLU A 279 -7.92 20.49 39.88
N ILE A 280 -8.41 20.15 38.69
CA ILE A 280 -9.74 20.54 38.20
C ILE A 280 -10.65 19.33 38.18
N VAL A 281 -11.82 19.47 38.79
CA VAL A 281 -12.92 18.50 38.73
C VAL A 281 -14.05 19.09 37.92
N CYS A 282 -14.56 18.33 36.96
CA CYS A 282 -15.63 18.76 36.07
C CYS A 282 -16.73 17.73 35.97
N THR A 283 -17.98 18.14 35.79
CA THR A 283 -19.10 17.21 35.75
C THR A 283 -20.26 17.64 34.87
N ARG A 284 -20.97 16.65 34.33
CA ARG A 284 -22.38 16.77 33.97
C ARG A 284 -23.17 16.14 35.11
N PRO A 285 -23.92 16.91 35.90
CA PRO A 285 -24.49 16.42 37.14
C PRO A 285 -25.84 15.73 36.96
N ASN A 286 -26.50 15.92 35.81
CA ASN A 286 -27.84 15.42 35.52
C ASN A 286 -27.79 14.13 34.68
N ASN A 287 -28.62 13.16 35.03
CA ASN A 287 -28.68 11.84 34.41
C ASN A 287 -29.50 11.86 33.11
N ASN A 288 -28.86 11.57 32.00
CA ASN A 288 -29.47 11.46 30.68
C ASN A 288 -29.69 9.99 30.31
N THR A 289 -30.89 9.66 29.87
CA THR A 289 -31.21 8.34 29.29
C THR A 289 -30.93 8.34 27.79
N ARG A 290 -30.51 7.20 27.24
CA ARG A 290 -30.13 7.05 25.83
C ARG A 290 -31.12 6.19 25.06
N LYS A 291 -31.47 6.61 23.84
CA LYS A 291 -32.35 5.86 22.92
C LYS A 291 -31.72 5.66 21.55
N SER A 292 -32.02 4.53 20.93
CA SER A 292 -31.52 4.14 19.63
C SER A 292 -32.61 4.25 18.58
N VAL A 293 -32.33 4.98 17.52
CA VAL A 293 -33.24 5.25 16.40
C VAL A 293 -32.78 4.47 15.19
N ARG A 294 -33.72 3.80 14.50
CA ARG A 294 -33.47 3.15 13.21
C ARG A 294 -33.31 4.20 12.12
N ILE A 295 -32.33 4.03 11.24
CA ILE A 295 -31.97 5.04 10.23
C ILE A 295 -31.53 4.33 8.94
N GLY A 296 -32.45 3.57 8.35
CA GLY A 296 -32.20 2.67 7.21
C GLY A 296 -31.73 1.26 7.62
N PRO A 297 -31.22 0.46 6.66
CA PRO A 297 -30.72 -0.89 6.91
C PRO A 297 -29.45 -0.91 7.76
N GLY A 298 -29.46 -1.68 8.84
CA GLY A 298 -28.30 -2.00 9.70
C GLY A 298 -27.80 -0.86 10.60
N GLN A 299 -27.80 0.36 10.08
CA GLN A 299 -27.37 1.59 10.74
C GLN A 299 -28.28 2.00 11.89
N THR A 300 -27.74 2.58 12.97
CA THR A 300 -28.52 3.15 14.07
C THR A 300 -27.90 4.40 14.69
N PHE A 301 -28.75 5.33 15.12
CA PHE A 301 -28.40 6.65 15.64
C PHE A 301 -28.70 6.70 17.13
N TYR A 302 -27.74 7.15 17.94
CA TYR A 302 -27.92 7.28 19.38
C TYR A 302 -28.13 8.74 19.78
N ALA A 303 -29.18 9.02 20.54
CA ALA A 303 -29.54 10.37 20.97
C ALA A 303 -30.15 10.40 22.38
N THR A 304 -30.19 11.58 22.99
CA THR A 304 -30.70 11.75 24.35
C THR A 304 -32.23 11.68 24.38
N GLY A 305 -32.78 10.79 25.22
CA GLY A 305 -34.23 10.54 25.25
C GLY A 305 -34.97 11.34 26.31
N ASP A 306 -34.55 11.20 27.56
CA ASP A 306 -35.19 11.82 28.73
C ASP A 306 -34.17 12.09 29.84
N ILE A 307 -34.44 13.05 30.72
CA ILE A 307 -33.58 13.45 31.83
C ILE A 307 -34.24 13.04 33.15
N ILE A 308 -33.51 12.37 34.05
CA ILE A 308 -34.15 11.50 35.05
C ILE A 308 -34.89 12.21 36.19
N GLY A 309 -34.44 13.39 36.64
CA GLY A 309 -34.86 13.93 37.94
C GLY A 309 -34.43 15.38 38.16
N ASP A 310 -33.51 15.62 39.11
CA ASP A 310 -32.96 16.94 39.37
C ASP A 310 -32.16 17.48 38.17
N ILE A 311 -32.13 18.80 37.98
CA ILE A 311 -31.39 19.47 36.91
C ILE A 311 -30.49 20.58 37.45
N LYS A 312 -29.23 20.64 36.99
CA LYS A 312 -28.24 21.66 37.33
C LYS A 312 -27.23 21.78 36.17
N GLN A 313 -26.69 22.96 35.89
CA GLN A 313 -25.79 23.15 34.75
C GLN A 313 -24.43 22.45 34.92
N ALA A 314 -23.82 22.03 33.81
CA ALA A 314 -22.49 21.44 33.81
C ALA A 314 -21.44 22.45 34.29
N HIS A 315 -20.58 22.04 35.21
CA HIS A 315 -19.70 22.95 35.95
C HIS A 315 -18.39 22.28 36.36
N CYS A 316 -17.40 23.11 36.70
CA CYS A 316 -16.09 22.69 37.20
C CYS A 316 -15.66 23.50 38.42
N ASN A 317 -14.80 22.93 39.26
CA ASN A 317 -14.24 23.62 40.41
C ASN A 317 -12.70 23.56 40.41
N ILE A 318 -12.07 24.63 40.88
CA ILE A 318 -10.63 24.74 41.16
C ILE A 318 -10.47 25.36 42.55
N SER A 319 -9.53 24.88 43.36
CA SER A 319 -9.35 25.40 44.71
C SER A 319 -8.75 26.80 44.67
N GLU A 320 -9.44 27.78 45.26
CA GLU A 320 -9.19 29.20 44.98
C GLU A 320 -7.83 29.67 45.47
N GLU A 321 -7.37 29.19 46.60
CA GLU A 321 -6.09 29.56 47.17
C GLU A 321 -4.94 28.98 46.35
N LYS A 322 -5.04 27.71 45.92
CA LYS A 322 -4.00 27.10 45.09
C LYS A 322 -3.94 27.74 43.71
N TRP A 323 -5.08 28.15 43.16
CA TRP A 323 -5.08 28.95 41.95
C TRP A 323 -4.41 30.30 42.16
N ASN A 324 -4.77 31.03 43.21
CA ASN A 324 -4.18 32.34 43.49
C ASN A 324 -2.66 32.26 43.62
N ASP A 325 -2.19 31.29 44.40
CA ASP A 325 -0.77 31.04 44.59
C ASP A 325 -0.08 30.75 43.26
N THR A 326 -0.69 29.92 42.41
CA THR A 326 -0.17 29.60 41.09
C THR A 326 -0.11 30.84 40.20
N LEU A 327 -1.17 31.63 40.18
CA LEU A 327 -1.27 32.80 39.33
C LEU A 327 -0.27 33.88 39.76
N GLN A 328 0.01 33.97 41.06
CA GLN A 328 1.05 34.81 41.63
C GLN A 328 2.46 34.29 41.29
N LYS A 329 2.69 32.98 41.42
CA LYS A 329 4.00 32.38 41.19
C LYS A 329 4.39 32.40 39.72
N VAL A 330 3.42 32.23 38.82
CA VAL A 330 3.61 32.57 37.40
C VAL A 330 3.98 34.05 37.27
N GLY A 331 3.30 34.93 38.00
CA GLY A 331 3.52 36.36 37.95
C GLY A 331 4.97 36.77 38.18
N ILE A 332 5.61 36.31 39.25
CA ILE A 332 6.97 36.75 39.56
C ILE A 332 8.01 36.24 38.55
N GLU A 333 7.80 35.10 37.89
CA GLU A 333 8.63 34.68 36.76
C GLU A 333 8.31 35.43 35.48
N LEU A 334 7.05 35.80 35.25
CA LEU A 334 6.63 36.57 34.09
C LEU A 334 7.16 38.02 34.17
N GLN A 335 7.34 38.57 35.36
CA GLN A 335 7.86 39.92 35.54
C GLN A 335 9.28 40.08 35.01
N LYS A 336 10.13 39.05 35.12
CA LYS A 336 11.57 39.10 34.82
C LYS A 336 11.89 39.41 33.35
N HIS A 337 10.91 39.34 32.46
CA HIS A 337 11.03 39.71 31.04
C HIS A 337 10.45 41.08 30.69
N PHE A 338 9.85 41.77 31.67
CA PHE A 338 9.27 43.12 31.56
C PHE A 338 9.52 43.87 32.89
N PRO A 339 10.78 44.03 33.32
CA PRO A 339 11.12 44.14 34.74
C PRO A 339 10.39 45.18 35.58
N ASN A 340 10.20 46.38 35.02
CA ASN A 340 9.61 47.51 35.75
C ASN A 340 8.08 47.56 35.71
N LYS A 341 7.43 46.80 34.80
CA LYS A 341 5.97 46.89 34.57
C LYS A 341 5.16 45.97 35.51
N THR A 342 3.98 46.42 35.92
CA THR A 342 2.99 45.59 36.63
C THR A 342 2.24 44.71 35.64
N ILE A 343 1.70 43.58 36.09
CA ILE A 343 1.07 42.57 35.20
C ILE A 343 -0.33 42.20 35.68
N LYS A 344 -1.30 42.10 34.76
CA LYS A 344 -2.71 41.79 35.09
C LYS A 344 -3.38 40.91 34.04
N TYR A 345 -4.34 40.09 34.47
CA TYR A 345 -4.93 39.00 33.70
C TYR A 345 -6.40 39.27 33.41
N ASN A 346 -6.87 38.92 32.21
CA ASN A 346 -8.20 39.28 31.71
C ASN A 346 -8.79 38.19 30.78
N GLN A 347 -10.05 38.34 30.37
CA GLN A 347 -10.79 37.40 29.51
C GLN A 347 -10.14 37.19 28.15
N SER A 348 -10.53 36.11 27.47
CA SER A 348 -10.15 35.85 26.08
C SER A 348 -10.85 36.80 25.10
N ALA A 349 -10.54 36.71 23.81
CA ALA A 349 -10.89 37.70 22.80
C ALA A 349 -12.40 37.83 22.45
N GLY A 350 -13.27 36.95 22.92
CA GLY A 350 -14.71 36.96 22.60
C GLY A 350 -15.05 36.39 21.22
N GLY A 351 -16.34 36.27 20.93
CA GLY A 351 -16.85 35.69 19.68
C GLY A 351 -17.21 34.21 19.80
N ASP A 352 -16.77 33.39 18.86
CA ASP A 352 -17.14 31.98 18.74
C ASP A 352 -16.50 31.08 19.82
N MET A 353 -17.31 30.16 20.37
CA MET A 353 -16.95 29.34 21.54
C MET A 353 -15.61 28.63 21.39
N GLU A 354 -15.31 28.09 20.22
CA GLU A 354 -14.14 27.25 19.98
C GLU A 354 -12.79 27.95 20.21
N ILE A 355 -12.71 29.29 20.20
CA ILE A 355 -11.51 30.03 20.60
C ILE A 355 -11.68 30.73 21.94
N THR A 356 -12.84 31.33 22.21
CA THR A 356 -13.01 32.15 23.42
C THR A 356 -13.33 31.36 24.69
N THR A 357 -13.26 30.03 24.68
CA THR A 357 -13.63 29.18 25.83
C THR A 357 -12.67 27.99 26.00
N HIS A 358 -12.66 27.41 27.19
CA HIS A 358 -11.89 26.22 27.54
C HIS A 358 -12.59 24.97 27.03
N SER A 359 -12.13 24.40 25.92
CA SER A 359 -12.61 23.11 25.43
C SER A 359 -11.83 21.93 26.00
N PHE A 360 -12.50 20.80 26.22
CA PHE A 360 -11.91 19.49 26.50
C PHE A 360 -12.93 18.37 26.31
N ASN A 361 -12.49 17.12 26.24
CA ASN A 361 -13.35 15.94 26.19
C ASN A 361 -13.28 15.12 27.48
N CYS A 362 -14.42 14.64 27.96
CA CYS A 362 -14.54 13.99 29.25
C CYS A 362 -15.62 12.91 29.19
N GLY A 363 -15.23 11.66 29.44
CA GLY A 363 -16.09 10.49 29.31
C GLY A 363 -16.56 10.19 27.87
N GLY A 364 -16.15 11.00 26.89
CA GLY A 364 -16.63 10.99 25.51
C GLY A 364 -17.58 12.15 25.17
N GLU A 365 -18.08 12.92 26.14
CA GLU A 365 -18.76 14.18 25.86
C GLU A 365 -17.75 15.33 25.66
N PHE A 366 -18.12 16.37 24.91
CA PHE A 366 -17.27 17.52 24.67
C PHE A 366 -17.80 18.72 25.46
N PHE A 367 -16.95 19.26 26.33
CA PHE A 367 -17.25 20.37 27.22
C PHE A 367 -16.59 21.65 26.72
N TYR A 368 -17.31 22.75 26.78
CA TYR A 368 -16.79 24.10 26.55
C TYR A 368 -17.13 24.96 27.77
N CYS A 369 -16.14 25.55 28.44
CA CYS A 369 -16.33 26.27 29.70
C CYS A 369 -15.81 27.71 29.67
N ASN A 370 -16.47 28.59 30.41
CA ASN A 370 -16.20 30.02 30.43
C ASN A 370 -15.20 30.36 31.53
N THR A 371 -14.07 30.98 31.19
CA THR A 371 -12.92 31.17 32.07
C THR A 371 -12.79 32.56 32.68
N SER A 372 -13.79 33.43 32.53
CA SER A 372 -13.74 34.81 33.05
C SER A 372 -13.52 34.91 34.57
N ASN A 373 -14.01 33.96 35.35
CA ASN A 373 -13.76 33.92 36.79
C ASN A 373 -12.29 33.58 37.14
N LEU A 374 -11.60 32.84 36.27
CA LEU A 374 -10.31 32.23 36.56
C LEU A 374 -9.13 33.17 36.25
N PHE A 375 -9.14 33.81 35.08
CA PHE A 375 -8.11 34.77 34.65
C PHE A 375 -8.55 36.22 34.94
N ASN A 376 -8.65 36.57 36.22
CA ASN A 376 -9.07 37.89 36.69
C ASN A 376 -8.27 38.31 37.92
N GLY A 377 -7.25 39.17 37.75
CA GLY A 377 -6.37 39.60 38.85
C GLY A 377 -5.22 40.49 38.40
N THR A 378 -4.44 40.99 39.35
CA THR A 378 -3.32 41.92 39.16
C THR A 378 -2.16 41.53 40.08
N TYR A 379 -0.92 41.84 39.70
CA TYR A 379 0.27 41.58 40.51
C TYR A 379 1.31 42.69 40.40
N ASN A 380 1.92 43.04 41.55
CA ASN A 380 3.10 43.88 41.65
C ASN A 380 4.10 43.42 42.73
N GLY A 381 3.68 42.68 43.74
CA GLY A 381 4.56 42.05 44.73
C GLY A 381 3.81 41.37 45.87
N THR A 382 4.41 40.36 46.50
CA THR A 382 3.91 39.67 47.71
C THR A 382 2.49 39.12 47.60
N SER A 394 -12.21 27.74 50.13
CA SER A 394 -13.02 28.27 49.04
C SER A 394 -12.61 27.69 47.69
N THR A 395 -13.58 27.55 46.77
CA THR A 395 -13.35 27.11 45.40
C THR A 395 -13.88 28.13 44.41
N ILE A 396 -13.14 28.38 43.34
CA ILE A 396 -13.66 29.11 42.19
C ILE A 396 -14.42 28.12 41.32
N THR A 397 -15.50 28.55 40.69
CA THR A 397 -16.33 27.68 39.88
C THR A 397 -16.54 28.23 38.49
N LEU A 398 -16.49 27.36 37.50
CA LEU A 398 -16.68 27.65 36.09
C LEU A 398 -17.97 26.96 35.64
N GLN A 399 -18.73 27.57 34.74
CA GLN A 399 -19.92 26.97 34.17
C GLN A 399 -19.80 26.81 32.66
N CYS A 400 -20.41 25.76 32.14
CA CYS A 400 -20.06 25.16 30.86
C CYS A 400 -21.30 24.88 29.98
N ARG A 401 -21.08 24.68 28.69
CA ARG A 401 -22.05 24.22 27.71
C ARG A 401 -21.52 22.99 27.00
N ILE A 402 -22.39 22.05 26.66
CA ILE A 402 -22.03 20.80 25.99
C ILE A 402 -22.48 20.83 24.53
N LYS A 403 -21.66 20.32 23.61
CA LYS A 403 -21.95 20.17 22.18
C LYS A 403 -21.79 18.72 21.77
N GLN A 404 -22.51 18.30 20.73
CA GLN A 404 -22.33 17.00 20.12
C GLN A 404 -21.71 17.07 18.73
N ILE A 405 -22.07 18.06 17.91
CA ILE A 405 -21.55 18.21 16.56
C ILE A 405 -20.28 19.05 16.61
N ILE A 406 -19.13 18.45 16.34
CA ILE A 406 -17.82 19.08 16.53
C ILE A 406 -16.94 18.95 15.29
N ASN A 407 -16.28 20.04 14.91
CA ASN A 407 -15.26 20.08 13.87
C ASN A 407 -13.88 19.95 14.54
N MET A 408 -13.22 18.79 14.41
CA MET A 408 -12.17 18.36 15.35
C MET A 408 -10.96 19.30 15.41
N TRP A 409 -10.46 19.77 14.26
CA TRP A 409 -9.31 20.68 14.17
C TRP A 409 -9.40 21.59 12.96
N GLN A 410 -9.59 22.89 13.18
CA GLN A 410 -9.37 23.97 12.21
C GLN A 410 -9.95 23.73 10.79
N GLY A 411 -11.09 23.05 10.69
CA GLY A 411 -11.75 22.73 9.41
C GLY A 411 -11.02 21.71 8.54
N VAL A 412 -9.96 21.07 9.04
CA VAL A 412 -9.17 20.07 8.30
C VAL A 412 -9.86 18.70 8.25
N GLY A 413 -10.61 18.32 9.28
CA GLY A 413 -11.27 17.00 9.41
C GLY A 413 -12.78 16.99 9.20
N ARG A 414 -13.38 15.79 9.14
CA ARG A 414 -14.83 15.56 9.07
C ARG A 414 -15.57 16.13 10.29
N CYS A 415 -16.85 16.45 10.16
CA CYS A 415 -17.69 16.75 11.32
C CYS A 415 -18.12 15.45 12.01
N MET A 416 -17.79 15.35 13.29
CA MET A 416 -18.10 14.20 14.13
C MET A 416 -19.32 14.51 14.97
N TYR A 417 -20.24 13.56 15.09
CA TYR A 417 -21.27 13.59 16.11
C TYR A 417 -20.79 12.74 17.27
N ALA A 418 -20.67 13.34 18.45
CA ALA A 418 -20.32 12.65 19.67
C ALA A 418 -21.59 12.04 20.28
N PRO A 419 -21.71 10.71 20.34
CA PRO A 419 -22.93 10.09 20.86
C PRO A 419 -23.02 10.28 22.36
N PRO A 420 -24.22 10.43 22.93
CA PRO A 420 -24.37 10.70 24.35
C PRO A 420 -23.97 9.50 25.21
N ILE A 421 -23.37 9.77 26.35
CA ILE A 421 -22.99 8.77 27.36
C ILE A 421 -24.02 8.81 28.50
N ALA A 422 -24.56 7.67 28.91
CA ALA A 422 -25.65 7.61 29.88
C ALA A 422 -25.18 7.94 31.31
N GLY A 423 -26.09 8.41 32.16
CA GLY A 423 -25.81 8.70 33.57
C GLY A 423 -25.09 10.02 33.80
N ASN A 424 -24.68 10.27 35.05
CA ASN A 424 -23.80 11.38 35.38
C ASN A 424 -22.35 11.07 34.97
N ILE A 425 -21.56 12.10 34.70
CA ILE A 425 -20.18 11.99 34.22
C ILE A 425 -19.30 12.91 35.06
N THR A 426 -18.11 12.46 35.43
CA THR A 426 -17.11 13.28 36.13
C THR A 426 -15.70 13.01 35.59
N CYS A 427 -14.84 14.04 35.60
CA CYS A 427 -13.43 13.93 35.30
C CYS A 427 -12.59 14.62 36.37
N ARG A 428 -11.45 14.02 36.76
CA ARG A 428 -10.37 14.64 37.53
C ARG A 428 -9.19 14.87 36.59
N SER A 429 -8.61 16.06 36.55
CA SER A 429 -7.45 16.35 35.72
C SER A 429 -6.50 17.28 36.43
N ASN A 430 -5.22 17.26 36.05
CA ASN A 430 -4.23 18.19 36.56
C ASN A 430 -4.02 19.29 35.53
N ILE A 431 -4.12 20.56 35.93
CA ILE A 431 -3.71 21.67 35.10
C ILE A 431 -2.19 21.75 35.17
N THR A 432 -1.52 21.36 34.11
CA THR A 432 -0.06 21.40 33.98
C THR A 432 0.46 22.73 33.47
N GLY A 433 -0.31 23.48 32.69
CA GLY A 433 0.20 24.69 32.04
C GLY A 433 -0.85 25.57 31.39
N LEU A 434 -0.45 26.78 31.05
CA LEU A 434 -1.31 27.84 30.55
C LEU A 434 -0.82 28.30 29.17
N LEU A 435 -1.75 28.61 28.27
CA LEU A 435 -1.44 29.29 27.02
C LEU A 435 -1.95 30.72 27.09
N LEU A 436 -1.07 31.69 26.86
CA LEU A 436 -1.31 33.10 27.04
C LEU A 436 -0.89 33.92 25.82
N THR A 437 -1.40 35.14 25.75
CA THR A 437 -1.07 36.17 24.76
C THR A 437 -1.20 37.53 25.42
N ARG A 438 -0.42 38.50 24.95
CA ARG A 438 -0.21 39.80 25.60
C ARG A 438 -0.63 40.91 24.65
N ASP A 439 -1.46 41.85 25.10
CA ASP A 439 -2.06 42.84 24.20
C ASP A 439 -1.04 43.71 23.48
N THR A 442 -0.55 50.79 22.35
CA THR A 442 -0.85 50.46 23.74
C THR A 442 -1.83 51.45 24.39
N ASN A 443 -2.65 50.96 25.32
CA ASN A 443 -3.49 51.79 26.18
C ASN A 443 -2.77 52.25 27.48
N SER A 444 -1.54 51.78 27.73
CA SER A 444 -0.85 51.93 29.02
C SER A 444 0.67 51.87 28.89
N ASN A 445 1.39 52.37 29.89
CA ASN A 445 2.85 52.23 30.02
C ASN A 445 3.24 51.40 31.26
N GLU A 446 2.51 51.54 32.37
CA GLU A 446 2.78 50.89 33.65
C GLU A 446 2.28 49.43 33.74
N THR A 447 1.42 48.98 32.81
CA THR A 447 0.72 47.69 32.91
C THR A 447 0.85 46.84 31.65
N GLU A 448 1.13 45.55 31.80
CA GLU A 448 0.98 44.54 30.76
C GLU A 448 -0.24 43.67 31.05
N THR A 449 -1.08 43.46 30.02
CA THR A 449 -2.34 42.74 30.10
C THR A 449 -2.25 41.42 29.33
N PHE A 450 -2.57 40.31 30.01
CA PHE A 450 -2.47 38.94 29.48
C PHE A 450 -3.82 38.25 29.40
N ARG A 451 -4.05 37.49 28.31
CA ARG A 451 -5.32 36.87 27.95
C ARG A 451 -5.14 35.43 27.47
N PRO A 452 -6.05 34.50 27.76
CA PRO A 452 -5.98 33.15 27.23
C PRO A 452 -6.21 33.09 25.73
N ALA A 453 -5.44 32.24 25.04
CA ALA A 453 -5.54 32.01 23.61
C ALA A 453 -4.96 30.63 23.28
N GLY A 454 -5.26 30.07 22.11
CA GLY A 454 -4.74 28.77 21.71
C GLY A 454 -5.38 28.23 20.44
N GLY A 455 -5.42 26.90 20.29
CA GLY A 455 -6.18 26.22 19.24
C GLY A 455 -5.46 25.99 17.92
N ASP A 456 -4.30 26.60 17.67
CA ASP A 456 -3.30 26.01 16.79
C ASP A 456 -2.75 24.80 17.53
N MET A 457 -3.29 23.64 17.22
CA MET A 457 -3.18 22.44 18.06
C MET A 457 -1.72 22.04 18.34
N ARG A 458 -0.80 22.42 17.44
CA ARG A 458 0.63 22.16 17.57
C ARG A 458 1.18 22.63 18.89
N ASP A 459 0.69 23.71 19.45
CA ASP A 459 1.26 24.26 20.68
C ASP A 459 1.05 23.37 21.90
N ASN A 460 0.02 22.55 21.94
CA ASN A 460 -0.12 21.54 23.00
C ASN A 460 0.95 20.46 22.87
N TRP A 461 1.19 19.95 21.66
CA TRP A 461 2.21 18.93 21.41
C TRP A 461 3.63 19.48 21.49
N ARG A 462 3.87 20.74 21.14
CA ARG A 462 5.13 21.43 21.40
C ARG A 462 5.49 21.43 22.87
N SER A 463 4.52 21.57 23.77
CA SER A 463 4.78 21.59 25.20
C SER A 463 5.34 20.29 25.76
N GLU A 464 5.04 19.14 25.16
CA GLU A 464 5.61 17.85 25.56
C GLU A 464 6.92 17.55 24.84
N LEU A 465 7.17 18.16 23.68
CA LEU A 465 8.30 17.90 22.79
C LEU A 465 9.34 19.02 22.75
N TYR A 466 9.36 19.92 23.73
CA TYR A 466 10.33 21.01 23.77
C TYR A 466 11.77 20.54 23.92
N LYS A 467 11.97 19.39 24.57
CA LYS A 467 13.28 18.86 24.95
C LYS A 467 13.95 17.94 23.95
N TYR A 468 13.40 17.75 22.74
CA TYR A 468 13.83 16.70 21.81
C TYR A 468 14.31 17.21 20.45
N LYS A 469 15.24 16.48 19.85
CA LYS A 469 15.84 16.73 18.53
C LYS A 469 16.09 15.40 17.79
N VAL A 470 15.87 15.37 16.48
CA VAL A 470 16.14 14.21 15.61
C VAL A 470 17.41 14.45 14.82
N VAL A 471 18.27 13.43 14.72
CA VAL A 471 19.55 13.49 13.98
C VAL A 471 19.80 12.22 13.18
N LYS A 472 20.61 12.32 12.13
CA LYS A 472 21.03 11.21 11.26
C LYS A 472 22.48 10.85 11.55
N ILE A 473 22.78 9.57 11.81
CA ILE A 473 24.16 9.11 12.01
C ILE A 473 24.85 9.06 10.65
N GLU A 474 26.08 9.53 10.54
CA GLU A 474 26.87 9.46 9.31
C GLU A 474 28.14 8.65 9.56
N PRO A 475 28.12 7.33 9.40
CA PRO A 475 29.11 6.46 10.04
C PRO A 475 30.49 6.47 9.40
N LEU A 476 30.64 7.00 8.17
CA LEU A 476 31.94 7.13 7.51
C LEU A 476 32.70 8.36 8.01
N GLY A 477 34.01 8.30 7.91
CA GLY A 477 34.88 9.45 8.04
C GLY A 477 36.30 9.12 7.64
N VAL A 478 37.09 10.16 7.44
CA VAL A 478 38.50 10.09 7.11
C VAL A 478 39.32 10.91 8.08
N ALA A 479 40.54 10.46 8.37
CA ALA A 479 41.47 11.10 9.30
C ALA A 479 42.92 10.82 8.90
N PRO A 480 43.89 11.64 9.32
CA PRO A 480 45.30 11.35 9.12
C PRO A 480 45.83 10.28 10.09
N THR A 481 46.74 9.42 9.63
CA THR A 481 47.48 8.47 10.46
C THR A 481 48.86 8.13 9.89
N ARG A 482 49.73 7.54 10.71
CA ARG A 482 51.04 6.99 10.30
C ARG A 482 50.96 5.51 9.93
N CYS A 483 50.30 5.19 8.83
CA CYS A 483 50.20 3.83 8.28
C CYS A 483 50.32 3.81 6.75
N LYS A 484 51.02 2.81 6.21
CA LYS A 484 51.11 2.47 4.78
C LYS A 484 50.29 1.21 4.51
N ARG A 485 49.56 1.15 3.39
CA ARG A 485 49.06 -0.15 2.91
C ARG A 485 50.22 -0.99 2.37
N ARG A 486 50.23 -2.29 2.62
CA ARG A 486 51.26 -3.21 2.11
C ARG A 486 51.03 -3.43 0.62
N VAL A 487 51.94 -2.92 -0.22
CA VAL A 487 51.89 -3.05 -1.70
C VAL A 487 53.27 -2.87 -2.33
N LEU A 504 29.12 1.32 24.41
CA LEU A 504 28.16 0.95 25.45
C LEU A 504 26.69 1.29 25.11
N GLY A 505 26.45 1.97 23.99
CA GLY A 505 25.13 2.33 23.51
C GLY A 505 25.17 3.11 22.19
N PHE A 506 23.99 3.44 21.66
CA PHE A 506 23.72 3.76 20.25
C PHE A 506 24.67 4.77 19.59
N LEU A 507 25.18 5.72 20.37
CA LEU A 507 26.14 6.76 19.99
C LEU A 507 27.10 7.07 21.15
N GLY A 508 27.32 6.12 22.06
CA GLY A 508 27.65 6.43 23.45
C GLY A 508 28.90 7.28 23.69
N ALA A 509 29.92 7.17 22.85
CA ALA A 509 31.19 7.88 23.02
C ALA A 509 31.21 9.32 22.49
N ALA A 510 30.13 9.81 21.86
CA ALA A 510 30.21 10.88 20.86
C ALA A 510 30.92 12.19 21.24
N GLY A 511 30.97 12.57 22.52
CA GLY A 511 31.70 13.76 22.99
C GLY A 511 33.18 13.54 23.34
N SER A 512 33.70 12.31 23.20
CA SER A 512 35.01 11.90 23.69
C SER A 512 36.16 12.18 22.72
N THR A 513 37.40 12.07 23.21
CA THR A 513 38.65 12.08 22.44
C THR A 513 38.66 11.04 21.33
N MET A 514 39.04 11.39 20.10
CA MET A 514 38.88 10.50 18.94
C MET A 514 39.49 9.11 19.11
N GLY A 515 40.65 9.02 19.76
CA GLY A 515 41.29 7.75 20.03
C GLY A 515 40.43 6.82 20.87
N ALA A 516 39.68 7.33 21.83
CA ALA A 516 38.79 6.52 22.65
C ALA A 516 37.62 5.95 21.84
N ALA A 517 37.03 6.75 20.96
CA ALA A 517 35.92 6.31 20.13
C ALA A 517 36.33 5.20 19.16
N SER A 518 37.59 5.20 18.70
CA SER A 518 38.11 4.14 17.84
C SER A 518 38.09 2.74 18.49
N MET A 519 37.96 2.65 19.81
CA MET A 519 37.86 1.39 20.56
C MET A 519 36.43 0.82 20.62
N THR A 520 35.42 1.52 20.12
CA THR A 520 34.00 1.14 20.23
C THR A 520 33.23 1.23 18.91
N LEU A 521 33.93 1.21 17.78
CA LEU A 521 33.35 1.47 16.45
C LEU A 521 32.21 0.51 16.08
N THR A 522 32.29 -0.74 16.53
CA THR A 522 31.28 -1.77 16.26
C THR A 522 29.90 -1.41 16.78
N VAL A 523 29.80 -0.62 17.85
CA VAL A 523 28.51 -0.30 18.46
C VAL A 523 27.69 0.60 17.54
N GLN A 524 28.30 1.64 16.97
CA GLN A 524 27.63 2.49 15.99
C GLN A 524 27.48 1.80 14.63
N ALA A 525 28.08 0.63 14.42
CA ALA A 525 27.94 -0.13 13.19
C ALA A 525 26.69 -1.01 13.21
N ARG A 526 26.45 -1.76 14.28
CA ARG A 526 25.32 -2.70 14.33
C ARG A 526 23.96 -2.02 14.28
N ASN A 527 23.77 -0.88 14.96
CA ASN A 527 22.48 -0.19 14.99
C ASN A 527 22.11 0.57 13.69
N LEU A 528 22.93 0.49 12.65
CA LEU A 528 22.59 1.01 11.32
C LEU A 528 21.57 0.12 10.58
N LEU A 529 21.28 -1.08 11.07
CA LEU A 529 20.50 -2.08 10.35
C LEU A 529 19.55 -2.85 11.30
N SER A 530 18.39 -3.24 10.78
CA SER A 530 17.37 -4.01 11.53
C SER A 530 16.46 -4.84 10.60
N PRO A 553 -2.36 1.62 3.18
CA PRO A 553 -2.49 2.71 4.12
C PRO A 553 -1.12 3.26 4.56
N VAL A 554 -1.11 4.56 4.90
CA VAL A 554 0.10 5.30 5.31
C VAL A 554 0.88 4.59 6.40
N TRP A 555 0.18 4.06 7.41
CA TRP A 555 0.74 3.35 8.56
C TRP A 555 1.58 2.13 8.17
N GLY A 556 1.24 1.46 7.06
CA GLY A 556 2.03 0.37 6.50
C GLY A 556 3.13 0.88 5.60
N ILE A 557 2.78 1.74 4.63
CA ILE A 557 3.72 2.18 3.60
C ILE A 557 4.92 2.92 4.19
N LYS A 558 4.71 3.75 5.21
CA LYS A 558 5.80 4.51 5.80
C LYS A 558 6.83 3.64 6.52
N GLN A 559 6.43 2.52 7.11
CA GLN A 559 7.41 1.58 7.68
C GLN A 559 8.22 0.87 6.60
N LEU A 560 7.61 0.45 5.50
CA LEU A 560 8.37 -0.14 4.40
C LEU A 560 9.29 0.89 3.75
N GLN A 561 8.82 2.12 3.53
CA GLN A 561 9.65 3.17 2.96
C GLN A 561 10.84 3.50 3.85
N ALA A 562 10.64 3.58 5.17
CA ALA A 562 11.71 3.83 6.12
C ALA A 562 12.74 2.69 6.12
N ARG A 563 12.29 1.44 6.16
CA ARG A 563 13.17 0.27 6.20
C ARG A 563 14.00 0.14 4.93
N VAL A 564 13.41 0.33 3.77
CA VAL A 564 14.13 0.24 2.51
C VAL A 564 15.20 1.34 2.40
N LEU A 565 14.91 2.57 2.81
CA LEU A 565 15.92 3.62 2.84
C LEU A 565 17.08 3.29 3.78
N ALA A 566 16.80 2.69 4.93
CA ALA A 566 17.83 2.24 5.86
C ALA A 566 18.73 1.15 5.27
N VAL A 567 18.17 0.19 4.54
CA VAL A 567 18.96 -0.81 3.80
C VAL A 567 19.79 -0.16 2.70
N GLU A 568 19.21 0.73 1.90
CA GLU A 568 19.92 1.37 0.80
C GLU A 568 21.09 2.23 1.26
N ARG A 569 20.95 2.95 2.37
CA ARG A 569 22.07 3.69 2.98
C ARG A 569 23.21 2.77 3.39
N TYR A 570 22.90 1.65 4.05
CA TYR A 570 23.93 0.72 4.44
C TYR A 570 24.66 0.14 3.21
N LEU A 571 23.94 -0.20 2.15
CA LEU A 571 24.59 -0.78 0.98
C LEU A 571 25.51 0.23 0.29
N ARG A 572 25.12 1.50 0.20
CA ARG A 572 26.01 2.54 -0.32
C ARG A 572 27.28 2.65 0.50
N ASP A 573 27.20 2.59 1.82
CA ASP A 573 28.39 2.61 2.67
C ASP A 573 29.33 1.45 2.30
N GLN A 574 28.81 0.22 2.27
CA GLN A 574 29.66 -0.93 2.01
C GLN A 574 30.22 -0.92 0.59
N GLN A 575 29.49 -0.36 -0.37
CA GLN A 575 29.95 -0.26 -1.75
C GLN A 575 31.12 0.71 -1.88
N LEU A 576 31.09 1.88 -1.22
CA LEU A 576 32.26 2.76 -1.22
C LEU A 576 33.47 2.06 -0.60
N LEU A 577 33.27 1.35 0.52
CA LEU A 577 34.36 0.63 1.16
C LEU A 577 34.91 -0.48 0.27
N GLY A 578 34.11 -1.02 -0.64
CA GLY A 578 34.56 -1.93 -1.68
C GLY A 578 35.42 -1.22 -2.73
N ILE A 579 34.91 -0.13 -3.29
CA ILE A 579 35.59 0.66 -4.31
C ILE A 579 36.93 1.23 -3.80
N TRP A 580 37.10 1.43 -2.50
CA TRP A 580 38.36 1.91 -1.90
C TRP A 580 39.30 0.79 -1.42
N GLY A 581 38.94 -0.47 -1.65
CA GLY A 581 39.79 -1.63 -1.33
C GLY A 581 39.74 -2.14 0.12
N CYS A 582 38.84 -1.61 0.96
CA CYS A 582 38.65 -2.08 2.32
C CYS A 582 37.72 -3.30 2.42
N SER A 583 36.79 -3.47 1.48
CA SER A 583 36.08 -4.73 1.21
C SER A 583 35.50 -5.44 2.45
N GLY A 584 34.80 -4.68 3.28
CA GLY A 584 34.26 -5.15 4.55
C GLY A 584 35.32 -5.26 5.65
N LYS A 585 35.82 -4.12 6.11
CA LYS A 585 36.69 -4.00 7.30
C LYS A 585 36.47 -2.63 7.96
N LEU A 586 36.55 -2.56 9.28
CA LEU A 586 36.09 -1.39 10.06
C LEU A 586 37.11 -0.25 10.18
N ILE A 587 38.40 -0.59 10.19
CA ILE A 587 39.52 0.35 10.18
C ILE A 587 40.42 -0.04 9.02
N CYS A 588 40.76 0.90 8.15
CA CYS A 588 41.42 0.59 6.90
C CYS A 588 42.41 1.67 6.50
N CYS A 589 43.54 1.26 5.94
CA CYS A 589 44.73 2.07 5.74
C CYS A 589 45.17 2.00 4.27
N THR A 590 45.67 3.12 3.74
CA THR A 590 45.71 3.38 2.30
C THR A 590 46.92 4.22 1.91
N ASN A 591 47.39 4.07 0.68
CA ASN A 591 48.56 4.73 0.13
C ASN A 591 48.36 6.21 -0.29
N VAL A 592 47.21 6.84 -0.03
CA VAL A 592 46.99 8.26 -0.37
C VAL A 592 47.62 9.16 0.71
N PRO A 593 48.68 9.95 0.39
CA PRO A 593 49.35 10.79 1.36
C PRO A 593 48.47 11.96 1.81
N TRP A 594 48.48 12.28 3.10
CA TRP A 594 47.77 13.44 3.64
C TRP A 594 48.34 14.74 3.07
N ASN A 595 47.49 15.74 2.84
CA ASN A 595 47.88 17.02 2.25
C ASN A 595 47.65 18.17 3.24
N SER A 596 48.71 18.93 3.53
CA SER A 596 48.65 20.09 4.41
C SER A 596 47.66 21.16 3.96
N SER A 597 47.25 21.18 2.69
CA SER A 597 46.21 22.09 2.18
C SER A 597 44.83 21.84 2.81
N TRP A 598 44.59 20.65 3.39
CA TRP A 598 43.36 20.32 4.11
C TRP A 598 43.46 20.70 5.60
N SER A 599 44.50 20.25 6.30
CA SER A 599 44.77 20.61 7.72
C SER A 599 46.23 20.39 8.12
N ASN A 600 46.66 21.06 9.19
CA ASN A 600 48.06 21.21 9.62
C ASN A 600 48.30 20.84 11.09
N ARG A 601 47.25 20.41 11.81
CA ARG A 601 47.32 20.05 13.24
C ARG A 601 48.32 18.91 13.50
N ASN A 602 48.91 18.86 14.70
CA ASN A 602 49.84 17.79 15.08
C ASN A 602 49.08 16.46 15.21
N LEU A 603 49.78 15.33 15.13
CA LEU A 603 49.14 14.00 15.24
C LEU A 603 48.43 13.82 16.59
N SER A 604 49.10 14.16 17.69
CA SER A 604 48.49 14.13 19.03
C SER A 604 47.37 15.17 19.19
N GLU A 605 47.51 16.35 18.60
CA GLU A 605 46.50 17.41 18.70
C GLU A 605 45.18 17.00 18.01
N ILE A 606 45.28 16.26 16.90
CA ILE A 606 44.15 15.55 16.30
C ILE A 606 43.64 14.47 17.25
N TRP A 607 44.48 13.50 17.60
CA TRP A 607 44.01 12.22 18.14
C TRP A 607 43.68 12.23 19.62
N ASP A 608 44.31 13.09 20.41
CA ASP A 608 44.12 13.17 21.86
C ASP A 608 43.20 14.34 22.27
N ASN A 609 43.26 15.47 21.59
CA ASN A 609 42.73 16.74 22.09
C ASN A 609 41.44 17.22 21.40
N MET A 610 40.82 16.42 20.55
CA MET A 610 39.63 16.77 19.77
C MET A 610 38.61 15.64 19.77
N THR A 611 37.34 15.97 19.53
CA THR A 611 36.22 15.02 19.49
C THR A 611 35.65 14.90 18.09
N TRP A 612 35.19 13.71 17.68
CA TRP A 612 35.00 13.37 16.27
C TRP A 612 34.13 14.36 15.49
N LEU A 613 33.00 14.79 16.04
CA LEU A 613 32.13 15.71 15.31
C LEU A 613 32.78 17.09 15.08
N GLN A 614 33.73 17.52 15.91
CA GLN A 614 34.51 18.73 15.64
C GLN A 614 35.48 18.51 14.49
N TRP A 615 36.18 17.37 14.47
CA TRP A 615 37.08 17.04 13.37
C TRP A 615 36.30 16.94 12.05
N ASP A 616 35.12 16.33 12.10
CA ASP A 616 34.25 16.23 10.94
C ASP A 616 33.81 17.61 10.45
N LYS A 617 33.42 18.50 11.36
CA LYS A 617 33.06 19.87 11.01
C LYS A 617 34.23 20.56 10.31
N GLU A 618 35.44 20.46 10.84
CA GLU A 618 36.60 21.08 10.22
C GLU A 618 36.91 20.51 8.83
N ILE A 619 36.99 19.19 8.66
CA ILE A 619 37.35 18.62 7.35
C ILE A 619 36.21 18.73 6.33
N SER A 620 34.99 19.05 6.76
CA SER A 620 33.77 19.00 5.94
C SER A 620 33.95 19.46 4.50
N ASN A 621 34.43 20.68 4.26
CA ASN A 621 34.43 21.26 2.92
C ASN A 621 35.37 20.54 1.94
N TYR A 622 36.48 20.00 2.42
CA TYR A 622 37.43 19.24 1.61
C TYR A 622 36.97 17.81 1.30
N THR A 623 35.95 17.29 1.98
CA THR A 623 35.72 15.83 2.04
C THR A 623 35.50 15.19 0.67
N GLN A 624 34.73 15.84 -0.20
CA GLN A 624 34.46 15.37 -1.55
C GLN A 624 35.70 15.33 -2.46
N ILE A 625 36.79 16.02 -2.12
CA ILE A 625 38.06 15.86 -2.83
C ILE A 625 38.64 14.47 -2.56
N ILE A 626 38.65 14.06 -1.28
CA ILE A 626 39.35 12.87 -0.80
C ILE A 626 38.84 11.62 -1.50
N TYR A 627 37.53 11.48 -1.69
CA TYR A 627 36.96 10.24 -2.22
C TYR A 627 37.40 9.97 -3.66
N GLY A 628 37.68 11.01 -4.46
CA GLY A 628 38.19 10.86 -5.81
C GLY A 628 39.60 10.26 -5.82
N LEU A 629 40.46 10.69 -4.90
CA LEU A 629 41.81 10.15 -4.77
C LEU A 629 41.76 8.68 -4.38
N LEU A 630 40.83 8.31 -3.49
CA LEU A 630 40.71 6.93 -3.04
C LEU A 630 40.30 6.02 -4.21
N GLU A 631 39.29 6.42 -4.98
CA GLU A 631 38.81 5.61 -6.10
C GLU A 631 39.86 5.44 -7.19
N GLU A 632 40.54 6.51 -7.61
CA GLU A 632 41.57 6.35 -8.63
C GLU A 632 42.75 5.52 -8.11
N SER A 633 43.13 5.68 -6.84
CA SER A 633 44.22 4.91 -6.26
C SER A 633 43.91 3.43 -6.28
N GLN A 634 42.71 3.03 -5.86
CA GLN A 634 42.36 1.61 -5.90
C GLN A 634 42.35 1.07 -7.32
N ASN A 635 41.88 1.86 -8.29
CA ASN A 635 41.87 1.40 -9.67
C ASN A 635 43.29 1.21 -10.22
N GLN A 636 44.19 2.15 -9.91
CA GLN A 636 45.61 2.00 -10.25
C GLN A 636 46.20 0.74 -9.63
N GLN A 637 45.92 0.50 -8.35
CA GLN A 637 46.50 -0.61 -7.61
C GLN A 637 46.04 -1.94 -8.17
N GLU A 638 44.77 -2.07 -8.51
CA GLU A 638 44.22 -3.31 -9.05
C GLU A 638 44.80 -3.63 -10.44
N LYS A 639 45.01 -2.62 -11.29
CA LYS A 639 45.65 -2.82 -12.59
C LYS A 639 47.09 -3.27 -12.44
N ASN A 640 47.84 -2.66 -11.52
CA ASN A 640 49.21 -3.07 -11.22
C ASN A 640 49.28 -4.54 -10.74
N GLU A 641 48.35 -4.95 -9.89
CA GLU A 641 48.27 -6.35 -9.43
C GLU A 641 47.87 -7.31 -10.55
N GLN A 642 46.90 -6.94 -11.37
CA GLN A 642 46.42 -7.76 -12.48
C GLN A 642 47.48 -7.97 -13.55
N ASP A 643 48.31 -6.95 -13.79
CA ASP A 643 49.51 -7.08 -14.61
C ASP A 643 50.49 -8.09 -13.99
N LEU A 644 50.89 -7.89 -12.74
CA LEU A 644 51.93 -8.68 -12.10
C LEU A 644 51.60 -10.17 -12.02
N LEU A 645 50.33 -10.52 -11.84
CA LEU A 645 49.90 -11.92 -11.73
C LEU A 645 50.25 -12.78 -12.95
N ALA A 646 50.50 -12.18 -14.12
CA ALA A 646 50.96 -12.90 -15.31
C ALA A 646 52.45 -13.29 -15.27
N LEU A 647 53.23 -12.69 -14.36
CA LEU A 647 54.69 -12.81 -14.27
C LEU A 647 55.18 -13.27 -12.88
N ASP A 648 54.29 -13.32 -11.87
CA ASP A 648 54.59 -13.57 -10.47
C ASP A 648 55.50 -14.78 -10.23
N GLU B 26 48.43 -18.99 -25.54
CA GLU B 26 48.50 -20.27 -24.79
C GLU B 26 48.35 -20.03 -23.28
N ASN B 27 47.84 -21.03 -22.55
CA ASN B 27 47.62 -21.03 -21.10
C ASN B 27 46.65 -19.91 -20.63
N LEU B 28 45.46 -19.86 -21.23
CA LEU B 28 44.38 -18.99 -20.80
C LEU B 28 43.58 -19.59 -19.66
N TRP B 29 43.09 -18.73 -18.78
CA TRP B 29 42.23 -19.05 -17.65
C TRP B 29 41.07 -18.05 -17.61
N VAL B 30 39.92 -18.43 -17.04
CA VAL B 30 38.77 -17.52 -16.99
C VAL B 30 38.94 -16.46 -15.90
N THR B 31 38.54 -15.23 -16.20
CA THR B 31 38.48 -14.13 -15.25
C THR B 31 37.08 -13.55 -15.22
N VAL B 32 36.65 -13.11 -14.04
CA VAL B 32 35.35 -12.50 -13.82
C VAL B 32 35.51 -11.01 -13.64
N TYR B 33 34.65 -10.25 -14.33
CA TYR B 33 34.58 -8.80 -14.27
C TYR B 33 33.21 -8.36 -13.77
N TYR B 34 33.18 -7.27 -13.00
CA TYR B 34 31.96 -6.61 -12.55
C TYR B 34 31.90 -5.18 -13.05
N GLY B 35 30.72 -4.70 -13.42
CA GLY B 35 30.56 -3.37 -14.02
C GLY B 35 30.90 -3.31 -15.50
N VAL B 36 30.79 -4.44 -16.20
CA VAL B 36 30.91 -4.49 -17.66
C VAL B 36 29.77 -3.70 -18.30
N PRO B 37 30.01 -2.84 -19.31
CA PRO B 37 28.96 -2.11 -20.00
C PRO B 37 28.24 -3.00 -21.02
N VAL B 38 27.26 -3.78 -20.58
CA VAL B 38 26.49 -4.71 -21.43
C VAL B 38 25.05 -4.82 -20.96
N TRP B 39 24.11 -5.07 -21.89
CA TRP B 39 22.68 -4.94 -21.65
C TRP B 39 21.81 -5.95 -22.41
N LYS B 40 20.56 -6.10 -21.98
CA LYS B 40 19.51 -6.91 -22.61
C LYS B 40 18.19 -6.16 -22.65
N GLU B 41 17.33 -6.53 -23.59
CA GLU B 41 16.04 -5.89 -23.82
C GLU B 41 14.98 -6.39 -22.81
N ALA B 42 14.20 -5.49 -22.25
CA ALA B 42 13.40 -5.74 -21.06
C ALA B 42 12.17 -4.82 -20.97
N LYS B 43 11.27 -5.08 -20.03
CA LYS B 43 10.15 -4.21 -19.69
C LYS B 43 10.02 -4.11 -18.18
N THR B 44 9.90 -2.90 -17.65
CA THR B 44 9.84 -2.61 -16.20
C THR B 44 9.24 -1.23 -15.99
N THR B 45 8.57 -1.00 -14.87
CA THR B 45 7.79 0.23 -14.62
C THR B 45 8.69 1.44 -14.45
N LEU B 46 8.65 2.36 -15.42
CA LEU B 46 9.36 3.62 -15.33
C LEU B 46 8.64 4.57 -14.38
N PHE B 47 9.37 5.29 -13.53
CA PHE B 47 8.75 6.23 -12.61
C PHE B 47 8.52 7.59 -13.27
N CYS B 48 7.40 8.24 -12.94
CA CYS B 48 7.03 9.53 -13.48
C CYS B 48 7.76 10.66 -12.76
N ALA B 49 8.47 11.50 -13.51
CA ALA B 49 9.23 12.64 -13.02
C ALA B 49 8.64 13.95 -13.56
N SER B 50 8.40 14.91 -12.67
CA SER B 50 7.87 16.24 -13.01
C SER B 50 8.93 17.31 -12.85
N ASP B 51 8.86 18.32 -13.72
CA ASP B 51 9.47 19.63 -13.49
C ASP B 51 8.81 20.34 -12.29
N ALA B 52 9.40 21.45 -11.85
CA ALA B 52 9.06 22.20 -10.63
C ALA B 52 9.01 21.30 -9.39
N ASN B 61 -2.63 19.64 -13.50
CA ASN B 61 -2.17 19.54 -12.13
C ASN B 61 -2.18 18.09 -11.63
N VAL B 62 -2.95 17.20 -12.25
CA VAL B 62 -3.21 15.84 -11.74
C VAL B 62 -1.92 15.03 -11.62
N TRP B 63 -1.02 15.15 -12.59
CA TRP B 63 0.24 14.41 -12.63
C TRP B 63 1.16 14.77 -11.47
N ALA B 64 1.46 16.06 -11.32
CA ALA B 64 2.34 16.60 -10.28
C ALA B 64 1.70 16.65 -8.88
N THR B 65 0.55 16.00 -8.66
CA THR B 65 -0.09 15.92 -7.33
C THR B 65 -0.38 14.51 -6.86
N HIS B 66 -0.08 13.46 -7.63
CA HIS B 66 -0.01 12.09 -7.05
C HIS B 66 0.92 11.11 -7.78
N ALA B 67 0.80 10.97 -9.09
CA ALA B 67 1.56 9.96 -9.84
C ALA B 67 3.03 10.33 -10.06
N CYS B 68 3.31 11.62 -10.22
CA CYS B 68 4.60 12.13 -10.66
C CYS B 68 5.32 12.84 -9.51
N VAL B 69 6.55 12.44 -9.20
CA VAL B 69 7.35 13.17 -8.19
C VAL B 69 7.93 14.45 -8.80
N PRO B 70 7.81 15.62 -8.15
CA PRO B 70 8.56 16.80 -8.56
C PRO B 70 10.04 16.54 -8.29
N THR B 71 10.88 16.71 -9.29
CA THR B 71 12.28 16.25 -9.24
C THR B 71 13.20 16.93 -10.26
N ASP B 72 12.71 17.97 -10.93
CA ASP B 72 13.47 18.94 -11.74
C ASP B 72 14.63 18.31 -12.52
N PRO B 73 14.35 17.31 -13.38
CA PRO B 73 15.38 16.44 -13.96
C PRO B 73 16.24 17.22 -14.95
N SER B 74 17.42 17.67 -14.50
CA SER B 74 18.31 18.48 -15.35
C SER B 74 18.90 17.64 -16.51
N PRO B 75 19.01 18.18 -17.75
CA PRO B 75 19.49 17.41 -18.90
C PRO B 75 20.89 16.83 -18.70
N GLN B 76 21.05 15.53 -18.91
CA GLN B 76 22.25 14.76 -18.60
C GLN B 76 22.58 13.70 -19.67
N GLU B 77 22.28 13.97 -20.94
CA GLU B 77 22.55 13.07 -22.06
C GLU B 77 24.04 12.79 -22.26
N LEU B 78 24.37 11.59 -22.72
CA LEU B 78 25.70 11.21 -23.19
C LEU B 78 25.58 10.44 -24.52
N VAL B 79 26.41 10.79 -25.50
CA VAL B 79 26.50 10.09 -26.77
C VAL B 79 27.37 8.84 -26.66
N LEU B 80 26.98 7.75 -27.31
CA LEU B 80 27.75 6.51 -27.33
C LEU B 80 28.50 6.42 -28.66
N GLY B 81 29.78 6.09 -28.61
CA GLY B 81 30.68 6.36 -29.73
C GLY B 81 30.33 5.60 -31.02
N ASN B 82 30.12 4.29 -30.92
CA ASN B 82 30.08 3.41 -32.08
C ASN B 82 29.04 2.27 -31.98
N VAL B 83 28.17 2.31 -30.97
CA VAL B 83 27.16 1.26 -30.79
C VAL B 83 26.05 1.38 -31.84
N THR B 84 25.48 0.25 -32.22
CA THR B 84 24.25 0.20 -33.02
C THR B 84 23.25 -0.72 -32.36
N GLU B 85 21.98 -0.34 -32.41
CA GLU B 85 20.86 -1.06 -31.83
C GLU B 85 19.71 -1.06 -32.83
N ASN B 86 18.78 -2.00 -32.70
CA ASN B 86 17.52 -1.96 -33.42
C ASN B 86 16.40 -1.47 -32.49
N PHE B 87 15.60 -0.54 -32.96
CA PHE B 87 14.50 0.12 -32.25
C PHE B 87 13.20 -0.19 -33.00
N ASN B 88 12.05 -0.25 -32.31
CA ASN B 88 10.78 -0.56 -32.95
C ASN B 88 9.58 0.13 -32.29
N MET B 89 9.09 1.21 -32.89
CA MET B 89 8.02 2.03 -32.32
C MET B 89 6.78 1.20 -31.98
N TRP B 90 6.37 0.31 -32.86
CA TRP B 90 5.14 -0.48 -32.71
C TRP B 90 5.24 -1.69 -31.79
N LYS B 91 6.25 -1.74 -30.93
CA LYS B 91 6.35 -2.70 -29.81
C LYS B 91 6.96 -2.10 -28.54
N ASN B 92 7.12 -0.78 -28.45
CA ASN B 92 7.74 -0.13 -27.29
C ASN B 92 6.79 -0.10 -26.09
N ASP B 93 7.05 -0.90 -25.06
CA ASP B 93 6.19 -1.00 -23.87
C ASP B 93 6.08 0.29 -23.05
N MET B 94 6.91 1.32 -23.31
CA MET B 94 6.67 2.65 -22.74
C MET B 94 5.31 3.22 -23.15
N VAL B 95 4.82 2.98 -24.38
CA VAL B 95 3.52 3.54 -24.78
C VAL B 95 2.38 2.92 -24.02
N ASP B 96 2.41 1.61 -23.80
CA ASP B 96 1.35 0.92 -23.08
C ASP B 96 1.43 1.14 -21.58
N GLN B 97 2.63 1.39 -21.04
CA GLN B 97 2.80 1.86 -19.66
C GLN B 97 2.22 3.26 -19.49
N MET B 98 2.50 4.19 -20.40
CA MET B 98 2.02 5.57 -20.28
C MET B 98 0.51 5.63 -20.42
N HIS B 99 -0.06 4.81 -21.30
CA HIS B 99 -1.51 4.72 -21.42
C HIS B 99 -2.15 4.28 -20.11
N GLU B 100 -1.64 3.24 -19.47
CA GLU B 100 -2.18 2.79 -18.19
C GLU B 100 -1.99 3.84 -17.09
N ASP B 101 -0.85 4.51 -17.05
CA ASP B 101 -0.52 5.58 -16.10
C ASP B 101 -1.53 6.74 -16.22
N ILE B 102 -1.71 7.31 -17.42
CA ILE B 102 -2.68 8.37 -17.66
C ILE B 102 -4.11 7.92 -17.35
N ILE B 103 -4.57 6.77 -17.84
CA ILE B 103 -5.94 6.31 -17.61
C ILE B 103 -6.19 6.18 -16.12
N SER B 104 -5.25 5.58 -15.40
CA SER B 104 -5.43 5.33 -13.97
C SER B 104 -5.45 6.63 -13.19
N LEU B 105 -4.47 7.49 -13.43
CA LEU B 105 -4.33 8.78 -12.77
C LEU B 105 -5.53 9.70 -12.99
N TRP B 106 -5.93 9.83 -14.24
CA TRP B 106 -6.95 10.78 -14.66
C TRP B 106 -8.35 10.14 -14.71
N ASP B 107 -8.49 8.98 -14.08
CA ASP B 107 -9.74 8.44 -13.51
C ASP B 107 -9.76 8.68 -11.99
N GLN B 108 -8.66 8.37 -11.29
CA GLN B 108 -8.49 8.61 -9.86
C GLN B 108 -8.69 10.07 -9.46
N SER B 109 -8.34 11.03 -10.30
CA SER B 109 -8.58 12.45 -10.02
C SER B 109 -10.06 12.87 -9.98
N LEU B 110 -11.02 12.01 -10.32
CA LEU B 110 -12.45 12.25 -10.10
C LEU B 110 -12.95 11.78 -8.73
N LYS B 111 -12.21 10.90 -8.04
CA LYS B 111 -12.65 10.22 -6.82
C LYS B 111 -13.16 11.13 -5.70
N PRO B 112 -12.57 12.30 -5.38
CA PRO B 112 -13.08 13.12 -4.28
C PRO B 112 -14.35 13.92 -4.60
N CYS B 113 -14.76 14.03 -5.87
CA CYS B 113 -15.71 15.04 -6.31
C CYS B 113 -17.18 14.57 -6.29
N VAL B 114 -18.12 15.51 -6.48
CA VAL B 114 -19.56 15.25 -6.38
C VAL B 114 -20.09 14.32 -7.48
N LYS B 115 -20.83 13.30 -7.07
CA LYS B 115 -21.65 12.46 -7.95
C LYS B 115 -22.94 13.18 -8.31
N LEU B 116 -23.27 13.27 -9.59
CA LEU B 116 -24.50 13.90 -10.07
C LEU B 116 -25.71 12.96 -10.06
N THR B 117 -25.72 11.89 -9.26
CA THR B 117 -26.87 10.98 -9.16
C THR B 117 -28.18 11.69 -8.82
N PRO B 118 -28.22 12.70 -7.92
CA PRO B 118 -29.45 13.44 -7.64
C PRO B 118 -29.95 14.33 -8.79
N LEU B 119 -29.21 14.42 -9.89
CA LEU B 119 -29.56 15.19 -11.09
C LEU B 119 -30.22 14.34 -12.18
N CYS B 120 -30.23 13.00 -12.09
CA CYS B 120 -30.99 12.15 -13.00
C CYS B 120 -32.49 12.26 -12.73
N VAL B 121 -33.09 13.36 -13.16
CA VAL B 121 -34.45 13.80 -12.81
C VAL B 121 -35.24 14.03 -14.09
N THR B 122 -36.56 13.93 -14.04
CA THR B 122 -37.40 14.24 -15.20
C THR B 122 -37.24 15.71 -15.55
N LEU B 123 -36.63 15.98 -16.69
CA LEU B 123 -36.07 17.27 -17.03
C LEU B 123 -36.95 17.87 -18.11
N ILE B 124 -37.59 19.01 -17.84
CA ILE B 124 -38.58 19.62 -18.72
C ILE B 124 -37.99 20.87 -19.38
N CYS B 125 -38.02 20.93 -20.71
CA CYS B 125 -37.17 21.85 -21.49
C CYS B 125 -37.89 22.59 -22.62
N SER B 126 -37.37 23.76 -22.96
CA SER B 126 -37.83 24.69 -24.01
C SER B 126 -36.63 25.33 -24.70
N ASP B 127 -36.84 26.02 -25.82
CA ASP B 127 -35.76 26.68 -26.55
C ASP B 127 -35.10 27.80 -25.74
N ALA B 128 -33.77 27.89 -25.78
CA ALA B 128 -33.04 28.93 -25.08
C ALA B 128 -33.09 30.25 -25.86
N THR B 129 -33.38 31.36 -25.18
CA THR B 129 -33.35 32.68 -25.82
C THR B 129 -32.92 33.82 -24.91
N VAL B 130 -31.93 34.57 -25.38
CA VAL B 130 -31.55 35.91 -24.91
C VAL B 130 -32.39 36.92 -25.69
N LYS B 131 -32.60 38.15 -25.20
CA LYS B 131 -33.33 39.19 -25.96
C LYS B 131 -32.76 39.42 -27.38
N THR B 132 -31.47 39.15 -27.56
CA THR B 132 -30.73 39.24 -28.84
C THR B 132 -31.04 38.11 -29.83
N GLY B 133 -31.59 36.97 -29.39
CA GLY B 133 -31.97 35.87 -30.27
C GLY B 133 -32.11 34.51 -29.59
N THR B 134 -32.47 33.49 -30.37
CA THR B 134 -32.42 32.08 -29.97
C THR B 134 -31.03 31.49 -30.19
N VAL B 135 -30.63 30.58 -29.32
CA VAL B 135 -29.40 29.78 -29.47
C VAL B 135 -29.82 28.38 -29.84
N GLU B 136 -29.38 27.88 -31.01
CA GLU B 136 -29.82 26.57 -31.51
C GLU B 136 -29.02 25.42 -30.89
N GLU B 137 -27.81 25.68 -30.40
CA GLU B 137 -26.93 24.68 -29.80
C GLU B 137 -27.35 24.28 -28.36
N MET B 138 -28.24 25.03 -27.72
CA MET B 138 -28.61 24.83 -26.31
C MET B 138 -30.11 24.75 -26.10
N LYS B 139 -30.54 23.91 -25.17
CA LYS B 139 -31.89 23.93 -24.60
C LYS B 139 -31.86 24.60 -23.24
N ASN B 140 -33.02 25.07 -22.80
CA ASN B 140 -33.26 25.57 -21.46
C ASN B 140 -34.08 24.53 -20.72
N CYS B 141 -33.56 23.96 -19.64
CA CYS B 141 -34.19 22.87 -18.91
C CYS B 141 -34.42 23.21 -17.44
N SER B 142 -35.52 22.71 -16.90
CA SER B 142 -36.03 22.95 -15.55
C SER B 142 -36.28 21.62 -14.83
N PHE B 143 -35.95 21.56 -13.56
CA PHE B 143 -35.97 20.34 -12.75
C PHE B 143 -36.15 20.62 -11.25
N ASN B 144 -36.32 19.57 -10.44
CA ASN B 144 -36.41 19.63 -8.98
C ASN B 144 -35.12 19.11 -8.32
N THR B 145 -34.54 19.87 -7.40
CA THR B 145 -33.28 19.52 -6.70
C THR B 145 -33.46 19.39 -5.19
N THR B 146 -32.64 18.54 -4.57
CA THR B 146 -32.62 18.31 -3.12
C THR B 146 -31.76 19.36 -2.40
N THR B 147 -32.21 19.85 -1.24
CA THR B 147 -31.45 20.78 -0.36
C THR B 147 -30.78 20.02 0.80
N GLU B 148 -29.90 20.62 1.63
CA GLU B 148 -29.43 19.91 2.84
C GLU B 148 -30.57 19.59 3.84
N ILE B 149 -31.69 20.33 3.76
CA ILE B 149 -32.97 19.91 4.33
C ILE B 149 -33.69 18.99 3.33
N ARG B 150 -33.55 17.66 3.49
CA ARG B 150 -34.01 16.60 2.58
C ARG B 150 -35.50 16.60 2.27
N ASP B 151 -36.35 17.03 3.19
CA ASP B 151 -37.81 16.94 3.09
C ASP B 151 -38.47 18.03 2.21
N LYS B 152 -37.69 18.98 1.69
CA LYS B 152 -38.14 20.04 0.75
C LYS B 152 -37.35 19.94 -0.54
N GLU B 153 -37.98 20.29 -1.66
CA GLU B 153 -37.39 20.27 -2.99
C GLU B 153 -37.56 21.61 -3.70
N LYS B 154 -36.55 22.06 -4.43
CA LYS B 154 -36.54 23.38 -5.08
C LYS B 154 -36.60 23.28 -6.61
N LYS B 155 -37.50 24.05 -7.23
CA LYS B 155 -37.63 24.21 -8.69
C LYS B 155 -36.49 25.08 -9.21
N GLU B 156 -35.72 24.60 -10.16
CA GLU B 156 -34.45 25.21 -10.58
C GLU B 156 -34.17 24.96 -12.07
N TYR B 157 -33.35 25.80 -12.73
CA TYR B 157 -33.11 25.74 -14.17
C TYR B 157 -31.65 25.89 -14.58
N ALA B 158 -31.29 25.28 -15.70
CA ALA B 158 -29.97 25.35 -16.32
C ALA B 158 -30.06 25.27 -17.85
N LEU B 159 -29.14 25.92 -18.56
CA LEU B 159 -28.97 25.70 -19.98
C LEU B 159 -28.06 24.49 -20.19
N PHE B 160 -28.40 23.61 -21.12
CA PHE B 160 -27.57 22.46 -21.49
C PHE B 160 -27.33 22.43 -22.99
N TYR B 161 -26.13 22.01 -23.38
CA TYR B 161 -25.76 21.79 -24.77
C TYR B 161 -26.48 20.57 -25.33
N LYS B 162 -27.07 20.70 -26.52
CA LYS B 162 -27.95 19.69 -27.10
C LYS B 162 -27.37 18.29 -27.16
N PRO B 163 -26.11 18.04 -27.52
CA PRO B 163 -25.57 16.68 -27.57
C PRO B 163 -25.51 15.90 -26.25
N ASP B 164 -25.80 16.49 -25.09
CA ASP B 164 -25.84 15.77 -23.79
C ASP B 164 -27.25 15.43 -23.27
N ILE B 165 -28.29 15.83 -23.99
CA ILE B 165 -29.71 15.62 -23.63
C ILE B 165 -30.38 14.62 -24.58
N VAL B 166 -31.16 13.66 -24.07
CA VAL B 166 -31.85 12.62 -24.87
C VAL B 166 -33.37 12.60 -24.58
N PRO B 167 -34.24 12.47 -25.60
CA PRO B 167 -35.69 12.51 -25.44
C PRO B 167 -36.25 11.22 -24.84
N LEU B 168 -37.23 11.34 -23.94
CA LEU B 168 -37.55 10.29 -22.96
C LEU B 168 -38.63 9.31 -23.38
N SER B 169 -39.48 9.66 -24.35
CA SER B 169 -40.43 8.75 -24.98
C SER B 169 -40.69 9.14 -26.43
N GLU B 170 -40.92 8.16 -27.29
CA GLU B 170 -41.30 8.36 -28.70
C GLU B 170 -42.77 8.77 -28.89
N THR B 171 -43.61 8.70 -27.85
CA THR B 171 -45.07 8.74 -27.97
C THR B 171 -45.63 10.01 -28.63
N ASN B 172 -45.04 11.17 -28.35
CA ASN B 172 -45.39 12.47 -28.92
C ASN B 172 -44.17 13.40 -28.93
N ASN B 173 -44.15 14.38 -29.84
CA ASN B 173 -43.19 15.50 -29.81
C ASN B 173 -43.47 16.35 -28.55
N THR B 174 -42.52 16.33 -27.60
CA THR B 174 -42.76 16.71 -26.19
C THR B 174 -41.54 17.41 -25.56
N SER B 175 -41.80 18.15 -24.48
CA SER B 175 -40.80 18.90 -23.71
C SER B 175 -40.03 18.07 -22.69
N GLU B 176 -40.14 16.75 -22.67
CA GLU B 176 -39.61 15.89 -21.62
C GLU B 176 -38.34 15.15 -22.05
N TYR B 177 -37.28 15.28 -21.25
CA TYR B 177 -35.93 14.85 -21.57
C TYR B 177 -35.18 14.27 -20.36
N ARG B 178 -33.99 13.72 -20.60
CA ARG B 178 -33.13 13.02 -19.65
C ARG B 178 -31.66 13.27 -19.95
N LEU B 179 -30.79 13.31 -18.92
CA LEU B 179 -29.34 13.39 -19.10
C LEU B 179 -28.81 12.08 -19.69
N ILE B 180 -27.96 12.13 -20.72
CA ILE B 180 -27.58 10.96 -21.51
C ILE B 180 -26.94 9.82 -20.72
N ASN B 181 -26.17 10.11 -19.68
CA ASN B 181 -25.50 9.10 -18.88
C ASN B 181 -26.44 8.25 -18.02
N CYS B 182 -27.64 8.74 -17.69
CA CYS B 182 -28.51 8.15 -16.66
C CYS B 182 -29.15 6.79 -17.03
N ASN B 183 -28.70 6.13 -18.10
CA ASN B 183 -29.00 4.73 -18.39
C ASN B 183 -27.76 3.81 -18.40
N THR B 184 -26.58 4.30 -18.01
CA THR B 184 -25.32 3.58 -18.14
C THR B 184 -24.40 3.76 -16.94
N SER B 185 -24.15 5.01 -16.51
CA SER B 185 -23.23 5.33 -15.42
C SER B 185 -23.66 6.59 -14.68
N ALA B 186 -23.32 6.71 -13.40
CA ALA B 186 -23.49 7.95 -12.66
C ALA B 186 -22.24 8.83 -12.85
N CYS B 187 -22.38 10.03 -13.39
CA CYS B 187 -21.22 10.87 -13.66
C CYS B 187 -20.74 11.63 -12.43
N THR B 188 -19.45 11.93 -12.43
CA THR B 188 -18.81 12.79 -11.43
C THR B 188 -18.38 14.10 -12.04
N GLN B 189 -18.69 15.22 -11.38
CA GLN B 189 -18.19 16.53 -11.75
C GLN B 189 -16.69 16.60 -11.48
N ALA B 190 -15.90 17.23 -12.33
CA ALA B 190 -14.50 17.53 -12.00
C ALA B 190 -14.43 18.69 -11.00
N CYS B 191 -13.72 18.53 -9.88
CA CYS B 191 -13.60 19.57 -8.86
C CYS B 191 -12.89 20.82 -9.44
N PRO B 192 -13.45 22.04 -9.35
CA PRO B 192 -12.88 23.21 -10.01
C PRO B 192 -11.45 23.63 -9.62
N LYS B 193 -10.88 23.09 -8.53
CA LYS B 193 -9.45 23.28 -8.20
C LYS B 193 -8.52 22.61 -9.21
N VAL B 194 -8.90 21.44 -9.72
CA VAL B 194 -8.14 20.65 -10.70
C VAL B 194 -8.10 21.38 -12.04
N THR B 195 -7.00 21.25 -12.78
CA THR B 195 -6.87 21.76 -14.14
C THR B 195 -6.21 20.74 -15.06
N PHE B 196 -6.66 20.73 -16.31
CA PHE B 196 -6.33 19.75 -17.33
C PHE B 196 -5.21 20.18 -18.27
N GLU B 197 -4.67 21.39 -18.11
CA GLU B 197 -3.59 21.90 -18.97
C GLU B 197 -2.41 20.91 -18.94
N PRO B 198 -1.94 20.36 -20.07
CA PRO B 198 -0.87 19.38 -20.06
C PRO B 198 0.45 19.98 -19.54
N ILE B 199 0.90 19.55 -18.36
CA ILE B 199 2.25 19.77 -17.86
C ILE B 199 3.23 18.84 -18.61
N PRO B 200 4.48 19.22 -18.89
CA PRO B 200 5.44 18.29 -19.45
C PRO B 200 5.79 17.17 -18.45
N ILE B 201 5.69 15.91 -18.89
CA ILE B 201 5.99 14.71 -18.09
C ILE B 201 7.30 14.09 -18.55
N HIS B 202 8.17 13.73 -17.62
CA HIS B 202 9.40 13.00 -17.90
C HIS B 202 9.30 11.56 -17.39
N TYR B 203 9.81 10.59 -18.14
CA TYR B 203 9.93 9.21 -17.68
C TYR B 203 11.39 8.84 -17.47
N CYS B 204 11.68 8.09 -16.40
CA CYS B 204 13.06 7.75 -16.02
C CYS B 204 13.25 6.28 -15.66
N ALA B 205 14.48 5.79 -15.78
CA ALA B 205 14.84 4.43 -15.46
C ALA B 205 15.11 4.23 -13.95
N PRO B 206 14.59 3.17 -13.31
CA PRO B 206 15.05 2.76 -11.99
C PRO B 206 16.46 2.17 -12.05
N ALA B 207 17.14 2.06 -10.91
CA ALA B 207 18.54 1.61 -10.86
C ALA B 207 18.73 0.23 -11.53
N GLY B 208 19.77 0.05 -12.34
CA GLY B 208 19.97 -1.20 -13.07
C GLY B 208 19.28 -1.26 -14.44
N TYR B 209 18.64 -0.19 -14.87
CA TYR B 209 18.02 -0.01 -16.18
C TYR B 209 18.50 1.31 -16.82
N ALA B 210 18.34 1.44 -18.13
CA ALA B 210 18.69 2.64 -18.87
C ALA B 210 17.71 2.89 -20.02
N ILE B 211 17.66 4.14 -20.47
CA ILE B 211 16.95 4.56 -21.68
C ILE B 211 17.97 4.91 -22.75
N LEU B 212 17.77 4.37 -23.95
CA LEU B 212 18.55 4.65 -25.13
C LEU B 212 17.70 5.40 -26.15
N LYS B 213 18.33 6.30 -26.90
CA LYS B 213 17.70 7.31 -27.74
C LYS B 213 18.34 7.35 -29.12
N CYS B 214 17.56 7.34 -30.21
CA CYS B 214 18.11 7.52 -31.57
C CYS B 214 18.20 9.00 -31.94
N ASN B 215 19.39 9.45 -32.32
CA ASN B 215 19.61 10.79 -32.85
C ASN B 215 19.43 10.87 -34.37
N ASP B 216 19.34 9.74 -35.07
CA ASP B 216 19.41 9.69 -36.52
C ASP B 216 18.26 10.40 -37.21
N GLU B 217 18.53 11.21 -38.22
CA GLU B 217 17.50 11.87 -39.01
C GLU B 217 16.70 10.84 -39.82
N THR B 218 15.39 11.02 -39.96
CA THR B 218 14.52 10.14 -40.77
C THR B 218 14.57 8.67 -40.36
N PHE B 219 14.46 8.39 -39.06
CA PHE B 219 14.57 7.03 -38.52
C PHE B 219 13.51 6.05 -39.02
N ASN B 220 12.37 6.50 -39.57
CA ASN B 220 11.33 5.62 -40.13
C ASN B 220 10.69 4.68 -39.09
N GLY B 221 10.82 4.99 -37.80
CA GLY B 221 10.14 4.32 -36.68
C GLY B 221 10.57 2.88 -36.36
N THR B 222 11.37 2.22 -37.22
CA THR B 222 11.80 0.85 -37.02
C THR B 222 13.12 0.53 -37.74
N GLY B 223 13.85 -0.46 -37.24
CA GLY B 223 15.05 -1.01 -37.90
C GLY B 223 16.38 -0.54 -37.29
N PRO B 224 17.50 -0.80 -37.98
CA PRO B 224 18.82 -0.56 -37.43
C PRO B 224 19.15 0.93 -37.39
N CYS B 225 19.62 1.39 -36.24
CA CYS B 225 19.92 2.79 -35.96
C CYS B 225 21.39 2.98 -35.57
N SER B 226 21.94 4.15 -35.89
CA SER B 226 23.31 4.56 -35.56
C SER B 226 23.30 5.99 -35.03
N ASN B 227 24.35 6.39 -34.32
CA ASN B 227 24.35 7.52 -33.39
C ASN B 227 23.24 7.42 -32.33
N VAL B 228 23.42 6.50 -31.38
CA VAL B 228 22.59 6.35 -30.18
C VAL B 228 23.17 7.16 -29.02
N SER B 229 22.31 7.64 -28.12
CA SER B 229 22.69 8.26 -26.84
C SER B 229 22.00 7.56 -25.69
N THR B 230 22.56 7.65 -24.49
CA THR B 230 21.85 7.31 -23.25
C THR B 230 21.47 8.55 -22.48
N VAL B 231 20.29 8.53 -21.87
CA VAL B 231 19.75 9.65 -21.10
C VAL B 231 19.02 9.07 -19.91
N GLN B 232 19.21 9.56 -18.69
CA GLN B 232 18.60 8.96 -17.51
C GLN B 232 17.08 9.13 -17.48
N CYS B 233 16.57 10.12 -18.22
CA CYS B 233 15.16 10.43 -18.36
C CYS B 233 14.85 10.93 -19.78
N THR B 234 13.59 10.83 -20.20
CA THR B 234 13.13 11.40 -21.47
C THR B 234 13.07 12.92 -21.44
N HIS B 235 12.96 13.57 -22.60
CA HIS B 235 12.48 14.95 -22.65
C HIS B 235 11.03 15.04 -22.16
N GLY B 236 10.48 16.25 -22.07
CA GLY B 236 9.09 16.42 -21.67
C GLY B 236 8.16 15.86 -22.74
N ILE B 237 7.29 14.93 -22.38
CA ILE B 237 6.16 14.51 -23.20
C ILE B 237 4.94 15.21 -22.64
N ARG B 238 4.26 16.01 -23.46
CA ARG B 238 2.99 16.63 -23.07
C ARG B 238 1.91 15.57 -23.22
N PRO B 239 1.11 15.26 -22.20
CA PRO B 239 0.05 14.24 -22.26
C PRO B 239 -1.21 14.76 -22.99
N VAL B 240 -1.03 15.45 -24.11
CA VAL B 240 -2.11 16.06 -24.90
C VAL B 240 -2.98 15.02 -25.59
N VAL B 241 -4.29 15.20 -25.52
CA VAL B 241 -5.29 14.31 -26.11
C VAL B 241 -6.05 15.02 -27.22
N SER B 242 -5.96 14.50 -28.43
CA SER B 242 -6.69 14.98 -29.61
C SER B 242 -6.86 13.85 -30.63
N THR B 243 -7.83 13.93 -31.55
CA THR B 243 -8.28 12.76 -32.35
C THR B 243 -7.84 12.70 -33.82
N GLN B 244 -7.62 13.82 -34.51
CA GLN B 244 -7.21 13.81 -35.92
C GLN B 244 -5.93 14.59 -36.19
N LEU B 245 -5.80 15.76 -35.59
CA LEU B 245 -4.59 16.58 -35.61
C LEU B 245 -3.88 16.50 -34.27
N LEU B 246 -2.58 16.24 -34.27
CA LEU B 246 -1.75 16.28 -33.07
C LEU B 246 -1.39 17.74 -32.74
N LEU B 247 -1.88 18.24 -31.62
CA LEU B 247 -1.59 19.59 -31.14
C LEU B 247 -0.40 19.62 -30.17
N ASN B 248 0.42 20.67 -30.24
CA ASN B 248 1.53 21.00 -29.34
C ASN B 248 2.60 19.91 -29.16
N GLY B 249 2.73 18.97 -30.09
CA GLY B 249 3.77 17.94 -30.04
C GLY B 249 5.16 18.46 -30.41
N SER B 250 6.21 17.70 -30.12
CA SER B 250 7.59 18.02 -30.49
C SER B 250 7.76 17.96 -32.00
N LEU B 251 8.41 18.94 -32.64
CA LEU B 251 8.49 19.05 -34.11
C LEU B 251 9.46 18.05 -34.75
N ALA B 252 9.32 17.80 -36.05
CA ALA B 252 10.30 17.00 -36.81
C ALA B 252 11.58 17.79 -37.09
N GLU B 253 12.73 17.12 -37.15
CA GLU B 253 14.02 17.80 -37.02
C GLU B 253 14.58 18.40 -38.31
N LYS B 254 14.35 17.78 -39.48
CA LYS B 254 14.85 18.32 -40.77
C LYS B 254 13.91 18.17 -41.98
N GLU B 255 13.04 17.17 -42.01
CA GLU B 255 12.12 16.88 -43.12
C GLU B 255 10.93 16.05 -42.64
N ILE B 256 9.83 16.01 -43.40
CA ILE B 256 8.60 15.34 -42.96
C ILE B 256 8.84 13.83 -42.87
N VAL B 257 8.50 13.24 -41.73
CA VAL B 257 8.65 11.80 -41.49
C VAL B 257 7.29 11.12 -41.52
N ILE B 258 7.17 10.03 -42.26
CA ILE B 258 5.93 9.26 -42.42
C ILE B 258 6.12 7.88 -41.84
N ARG B 259 5.30 7.46 -40.87
CA ARG B 259 5.50 6.23 -40.08
C ARG B 259 4.27 5.35 -40.03
N SER B 260 4.42 4.05 -40.26
CA SER B 260 3.42 3.03 -39.96
C SER B 260 4.05 1.65 -39.94
N GLU B 261 3.39 0.64 -39.38
CA GLU B 261 3.94 -0.73 -39.38
C GLU B 261 4.20 -1.28 -40.78
N ASN B 262 3.28 -1.04 -41.71
CA ASN B 262 3.27 -1.64 -43.04
C ASN B 262 2.38 -0.81 -43.97
N LEU B 263 2.93 0.14 -44.72
CA LEU B 263 2.14 1.03 -45.57
C LEU B 263 1.24 0.31 -46.58
N THR B 264 1.56 -0.93 -46.94
CA THR B 264 0.71 -1.69 -47.89
C THR B 264 -0.61 -2.11 -47.25
N ASN B 265 -0.65 -2.32 -45.94
CA ASN B 265 -1.83 -2.74 -45.22
C ASN B 265 -2.74 -1.53 -44.90
N ASN B 266 -3.91 -1.47 -45.52
CA ASN B 266 -4.87 -0.39 -45.31
C ASN B 266 -5.37 -0.26 -43.86
N ALA B 267 -5.32 -1.31 -43.06
CA ALA B 267 -5.82 -1.33 -41.69
C ALA B 267 -4.91 -0.67 -40.64
N LYS B 268 -3.75 -0.13 -41.03
CA LYS B 268 -2.77 0.49 -40.11
C LYS B 268 -2.74 2.02 -40.22
N ILE B 269 -2.76 2.70 -39.07
CA ILE B 269 -2.68 4.15 -38.97
C ILE B 269 -1.35 4.65 -39.53
N ILE B 270 -1.35 5.79 -40.21
CA ILE B 270 -0.14 6.49 -40.62
C ILE B 270 0.02 7.71 -39.74
N ILE B 271 1.18 7.85 -39.09
CA ILE B 271 1.57 9.04 -38.35
C ILE B 271 2.41 9.90 -39.28
N VAL B 272 2.08 11.17 -39.43
CA VAL B 272 2.85 12.12 -40.22
C VAL B 272 3.33 13.23 -39.32
N HIS B 273 4.63 13.52 -39.34
CA HIS B 273 5.29 14.41 -38.39
C HIS B 273 5.89 15.62 -39.12
N LEU B 274 5.40 16.83 -38.84
CA LEU B 274 5.70 18.02 -39.63
C LEU B 274 6.98 18.75 -39.21
N HIS B 275 7.63 19.39 -40.17
CA HIS B 275 8.86 20.17 -39.97
C HIS B 275 8.58 21.64 -39.65
N THR B 276 7.76 22.31 -40.45
CA THR B 276 7.31 23.68 -40.21
C THR B 276 5.87 23.68 -39.70
N PRO B 277 5.55 24.30 -38.54
CA PRO B 277 4.22 24.25 -37.98
C PRO B 277 3.17 25.01 -38.79
N VAL B 278 1.90 24.70 -38.52
CA VAL B 278 0.76 25.56 -38.84
C VAL B 278 0.00 25.83 -37.55
N GLU B 279 -0.46 27.06 -37.35
CA GLU B 279 -1.00 27.51 -36.07
C GLU B 279 -2.53 27.59 -36.13
N ILE B 280 -3.20 26.96 -35.18
CA ILE B 280 -4.67 26.93 -35.07
C ILE B 280 -5.10 27.77 -33.88
N VAL B 281 -6.03 28.68 -34.12
CA VAL B 281 -6.72 29.48 -33.10
C VAL B 281 -8.17 29.03 -33.04
N CYS B 282 -8.65 28.76 -31.83
CA CYS B 282 -10.01 28.27 -31.60
C CYS B 282 -10.70 29.06 -30.48
N THR B 283 -12.01 29.25 -30.57
CA THR B 283 -12.73 30.04 -29.59
C THR B 283 -14.16 29.61 -29.34
N ARG B 284 -14.64 29.85 -28.11
CA ARG B 284 -16.05 30.07 -27.83
C ARG B 284 -16.24 31.59 -27.73
N PRO B 285 -16.94 32.22 -28.68
CA PRO B 285 -16.95 33.67 -28.78
C PRO B 285 -17.99 34.34 -27.90
N ASN B 286 -18.97 33.59 -27.39
CA ASN B 286 -20.10 34.10 -26.61
C ASN B 286 -19.88 33.91 -25.11
N ASN B 287 -20.22 34.93 -24.32
CA ASN B 287 -20.02 34.98 -22.88
C ASN B 287 -21.13 34.24 -22.13
N ASN B 288 -20.77 33.17 -21.41
CA ASN B 288 -21.66 32.39 -20.58
C ASN B 288 -21.49 32.77 -19.11
N THR B 289 -22.59 33.02 -18.42
CA THR B 289 -22.61 33.21 -16.95
C THR B 289 -22.78 31.87 -16.26
N ARG B 290 -22.19 31.71 -15.08
CA ARG B 290 -22.20 30.46 -14.31
C ARG B 290 -23.03 30.57 -13.03
N LYS B 291 -23.83 29.54 -12.73
CA LYS B 291 -24.64 29.45 -11.50
C LYS B 291 -24.38 28.16 -10.75
N SER B 292 -24.47 28.23 -9.43
CA SER B 292 -24.25 27.11 -8.52
C SER B 292 -25.57 26.65 -7.93
N VAL B 293 -25.85 25.37 -8.07
CA VAL B 293 -27.08 24.71 -7.60
C VAL B 293 -26.76 23.85 -6.40
N ARG B 294 -27.58 23.93 -5.35
CA ARG B 294 -27.51 23.04 -4.19
C ARG B 294 -28.01 21.65 -4.56
N ILE B 295 -27.32 20.60 -4.14
CA ILE B 295 -27.61 19.22 -4.55
C ILE B 295 -27.34 18.27 -3.37
N GLY B 296 -28.10 18.46 -2.29
CA GLY B 296 -27.90 17.80 -1.00
C GLY B 296 -26.91 18.51 -0.06
N PRO B 297 -26.46 17.85 1.03
CA PRO B 297 -25.50 18.40 1.97
C PRO B 297 -24.11 18.59 1.38
N GLY B 298 -23.55 19.80 1.50
CA GLY B 298 -22.16 20.17 1.18
C GLY B 298 -21.82 20.24 -0.33
N GLN B 299 -22.37 19.32 -1.11
CA GLN B 299 -22.19 19.18 -2.54
C GLN B 299 -22.83 20.33 -3.34
N THR B 300 -22.22 20.76 -4.45
CA THR B 300 -22.80 21.75 -5.37
C THR B 300 -22.46 21.51 -6.84
N PHE B 301 -23.42 21.82 -7.72
CA PHE B 301 -23.38 21.57 -9.14
C PHE B 301 -23.24 22.89 -9.90
N TYR B 302 -22.30 22.98 -10.83
CA TYR B 302 -22.09 24.19 -11.62
C TYR B 302 -22.64 24.01 -13.05
N ALA B 303 -23.46 24.94 -13.50
CA ALA B 303 -24.11 24.89 -14.81
C ALA B 303 -24.27 26.28 -15.44
N THR B 304 -24.52 26.32 -16.75
CA THR B 304 -24.65 27.58 -17.50
C THR B 304 -25.99 28.24 -17.21
N GLY B 305 -25.98 29.50 -16.80
CA GLY B 305 -27.19 30.22 -16.37
C GLY B 305 -27.82 31.07 -17.47
N ASP B 306 -27.05 31.98 -18.05
CA ASP B 306 -27.50 32.94 -19.05
C ASP B 306 -26.34 33.34 -19.99
N ILE B 307 -26.65 33.78 -21.20
CA ILE B 307 -25.69 34.17 -22.23
C ILE B 307 -25.78 35.69 -22.43
N ILE B 308 -24.65 36.41 -22.42
CA ILE B 308 -24.67 37.85 -22.08
C ILE B 308 -25.24 38.78 -23.14
N GLY B 309 -25.09 38.50 -24.44
CA GLY B 309 -25.28 39.51 -25.49
C GLY B 309 -25.30 38.93 -26.90
N ASP B 310 -24.28 39.24 -27.70
CA ASP B 310 -24.13 38.69 -29.05
C ASP B 310 -23.93 37.17 -29.03
N ILE B 311 -24.38 36.47 -30.07
CA ILE B 311 -24.23 35.01 -30.23
C ILE B 311 -23.62 34.65 -31.59
N LYS B 312 -22.63 33.76 -31.59
CA LYS B 312 -21.98 33.20 -32.79
C LYS B 312 -21.43 31.80 -32.47
N GLN B 313 -21.40 30.88 -33.42
CA GLN B 313 -20.97 29.50 -33.15
C GLN B 313 -19.47 29.38 -32.83
N ALA B 314 -19.10 28.40 -32.02
CA ALA B 314 -17.71 28.10 -31.72
C ALA B 314 -16.95 27.66 -32.98
N HIS B 315 -15.78 28.22 -33.21
CA HIS B 315 -15.08 28.11 -34.49
C HIS B 315 -13.56 28.20 -34.33
N CYS B 316 -12.84 27.74 -35.35
CA CYS B 316 -11.38 27.80 -35.44
C CYS B 316 -10.91 28.29 -36.80
N ASN B 317 -9.72 28.87 -36.87
CA ASN B 317 -9.10 29.30 -38.12
C ASN B 317 -7.69 28.72 -38.29
N ILE B 318 -7.34 28.42 -39.53
CA ILE B 318 -5.99 28.02 -39.98
C ILE B 318 -5.66 28.84 -41.23
N SER B 319 -4.42 29.32 -41.37
CA SER B 319 -4.05 30.15 -42.51
C SER B 319 -3.98 29.30 -43.78
N GLU B 320 -4.74 29.67 -44.81
CA GLU B 320 -5.06 28.76 -45.91
C GLU B 320 -3.85 28.42 -46.77
N GLU B 321 -2.96 29.37 -46.99
CA GLU B 321 -1.77 29.16 -47.78
C GLU B 321 -0.77 28.26 -47.05
N LYS B 322 -0.56 28.47 -45.74
CA LYS B 322 0.34 27.61 -44.96
C LYS B 322 -0.21 26.20 -44.83
N TRP B 323 -1.53 26.04 -44.73
CA TRP B 323 -2.13 24.72 -44.82
C TRP B 323 -1.90 24.07 -46.18
N ASN B 324 -2.17 24.79 -47.27
CA ASN B 324 -1.98 24.25 -48.62
C ASN B 324 -0.54 23.77 -48.84
N ASP B 325 0.42 24.62 -48.47
CA ASP B 325 1.83 24.32 -48.57
C ASP B 325 2.17 23.05 -47.76
N THR B 326 1.65 22.95 -46.54
CA THR B 326 1.86 21.78 -45.69
C THR B 326 1.25 20.53 -46.31
N LEU B 327 0.04 20.61 -46.82
CA LEU B 327 -0.68 19.47 -47.39
C LEU B 327 0.00 18.98 -48.67
N GLN B 328 0.59 19.91 -49.43
CA GLN B 328 1.42 19.61 -50.59
C GLN B 328 2.76 18.98 -50.19
N LYS B 329 3.43 19.52 -49.17
CA LYS B 329 4.75 19.06 -48.75
C LYS B 329 4.67 17.68 -48.09
N VAL B 330 3.60 17.39 -47.36
CA VAL B 330 3.26 16.01 -46.97
C VAL B 330 3.07 15.16 -48.22
N GLY B 331 2.39 15.68 -49.23
CA GLY B 331 2.11 14.97 -50.46
C GLY B 331 3.35 14.41 -51.15
N ILE B 332 4.38 15.22 -51.39
CA ILE B 332 5.55 14.76 -52.12
C ILE B 332 6.37 13.70 -51.34
N GLU B 333 6.36 13.72 -50.01
CA GLU B 333 6.93 12.63 -49.21
C GLU B 333 6.03 11.39 -49.17
N LEU B 334 4.71 11.56 -49.18
CA LEU B 334 3.76 10.47 -49.20
C LEU B 334 3.78 9.73 -50.55
N GLN B 335 4.11 10.42 -51.64
CA GLN B 335 4.19 9.80 -52.97
C GLN B 335 5.28 8.73 -53.05
N LYS B 336 6.40 8.90 -52.36
CA LYS B 336 7.60 8.05 -52.47
C LYS B 336 7.37 6.58 -52.05
N HIS B 337 6.26 6.29 -51.40
CA HIS B 337 5.85 4.93 -51.02
C HIS B 337 4.79 4.32 -51.94
N PHE B 338 4.29 5.08 -52.92
CA PHE B 338 3.31 4.68 -53.94
C PHE B 338 3.66 5.36 -55.27
N PRO B 339 4.87 5.14 -55.82
CA PRO B 339 5.55 6.13 -56.66
C PRO B 339 4.78 6.68 -57.86
N ASN B 340 4.07 5.82 -58.58
CA ASN B 340 3.37 6.19 -59.82
C ASN B 340 1.96 6.75 -59.61
N LYS B 341 1.36 6.58 -58.42
CA LYS B 341 -0.05 6.94 -58.16
C LYS B 341 -0.22 8.41 -57.71
N THR B 342 -1.32 9.04 -58.12
CA THR B 342 -1.73 10.35 -57.62
C THR B 342 -2.41 10.19 -56.26
N ILE B 343 -2.40 11.24 -55.43
CA ILE B 343 -2.90 11.18 -54.03
C ILE B 343 -3.91 12.28 -53.75
N LYS B 344 -5.00 11.97 -53.06
CA LYS B 344 -6.08 12.92 -52.74
C LYS B 344 -6.70 12.69 -51.36
N TYR B 345 -7.18 13.77 -50.74
CA TYR B 345 -7.57 13.81 -49.33
C TYR B 345 -9.08 14.06 -49.19
N ASN B 346 -9.72 13.42 -48.23
CA ASN B 346 -11.19 13.38 -48.09
C ASN B 346 -11.63 13.30 -46.61
N GLN B 347 -12.93 13.40 -46.33
CA GLN B 347 -13.53 13.39 -44.98
C GLN B 347 -13.26 12.09 -44.23
N SER B 348 -13.46 12.13 -42.91
CA SER B 348 -13.42 10.94 -42.05
C SER B 348 -14.64 10.04 -42.28
N ALA B 349 -14.69 8.89 -41.61
CA ALA B 349 -15.62 7.79 -41.90
C ALA B 349 -17.12 8.06 -41.62
N GLY B 350 -17.48 9.15 -40.95
CA GLY B 350 -18.88 9.47 -40.59
C GLY B 350 -19.39 8.70 -39.36
N GLY B 351 -20.60 9.03 -38.92
CA GLY B 351 -21.23 8.45 -37.73
C GLY B 351 -21.04 9.30 -36.47
N ASP B 352 -20.64 8.67 -35.36
CA ASP B 352 -20.55 9.30 -34.05
C ASP B 352 -19.38 10.30 -33.91
N MET B 353 -19.65 11.44 -33.27
CA MET B 353 -18.74 12.58 -33.21
C MET B 353 -17.33 12.21 -32.74
N GLU B 354 -17.22 11.35 -31.73
CA GLU B 354 -15.96 11.04 -31.07
C GLU B 354 -14.90 10.40 -31.99
N ILE B 355 -15.27 9.81 -33.14
CA ILE B 355 -14.31 9.35 -34.16
C ILE B 355 -14.31 10.23 -35.40
N THR B 356 -15.47 10.68 -35.87
CA THR B 356 -15.56 11.40 -37.14
C THR B 356 -15.23 12.90 -37.05
N THR B 357 -14.74 13.40 -35.92
CA THR B 357 -14.47 14.84 -35.70
C THR B 357 -13.17 15.07 -34.92
N HIS B 358 -12.63 16.29 -35.02
CA HIS B 358 -11.45 16.75 -34.29
C HIS B 358 -11.83 17.12 -32.87
N SER B 359 -11.54 16.25 -31.90
CA SER B 359 -11.70 16.58 -30.48
C SER B 359 -10.45 17.20 -29.87
N PHE B 360 -10.63 18.11 -28.91
CA PHE B 360 -9.58 18.63 -28.02
C PHE B 360 -10.20 19.35 -26.82
N ASN B 361 -9.41 19.61 -25.78
CA ASN B 361 -9.82 20.39 -24.62
C ASN B 361 -9.13 21.75 -24.57
N CYS B 362 -9.87 22.80 -24.23
CA CYS B 362 -9.41 24.18 -24.29
C CYS B 362 -10.04 25.00 -23.18
N GLY B 363 -9.22 25.56 -22.29
CA GLY B 363 -9.66 26.27 -21.09
C GLY B 363 -10.38 25.40 -20.06
N GLY B 364 -10.55 24.11 -20.31
CA GLY B 364 -11.38 23.18 -19.55
C GLY B 364 -12.70 22.80 -20.23
N GLU B 365 -13.13 23.48 -21.29
CA GLU B 365 -14.23 23.02 -22.13
C GLU B 365 -13.75 21.99 -23.16
N PHE B 366 -14.63 21.10 -23.62
CA PHE B 366 -14.31 20.09 -24.63
C PHE B 366 -14.94 20.46 -25.95
N PHE B 367 -14.11 20.62 -26.98
CA PHE B 367 -14.49 21.03 -28.32
C PHE B 367 -14.45 19.82 -29.27
N TYR B 368 -15.44 19.71 -30.13
CA TYR B 368 -15.48 18.78 -31.25
C TYR B 368 -15.72 19.55 -32.53
N CYS B 369 -14.83 19.47 -33.52
CA CYS B 369 -14.87 20.29 -34.74
C CYS B 369 -14.88 19.47 -36.03
N ASN B 370 -15.56 19.97 -37.05
CA ASN B 370 -15.76 19.31 -38.33
C ASN B 370 -14.66 19.68 -39.32
N THR B 371 -13.94 18.68 -39.85
CA THR B 371 -12.71 18.87 -40.62
C THR B 371 -12.88 18.75 -42.12
N SER B 372 -14.10 18.67 -42.66
CA SER B 372 -14.36 18.53 -44.08
C SER B 372 -13.77 19.64 -44.96
N ASN B 373 -13.68 20.86 -44.47
CA ASN B 373 -13.03 21.96 -45.18
C ASN B 373 -11.49 21.80 -45.29
N LEU B 374 -10.88 21.11 -44.34
CA LEU B 374 -9.43 21.07 -44.15
C LEU B 374 -8.76 19.96 -44.98
N PHE B 375 -9.31 18.74 -44.94
CA PHE B 375 -8.81 17.59 -45.70
C PHE B 375 -9.59 17.43 -47.01
N ASN B 376 -9.44 18.37 -47.94
CA ASN B 376 -10.12 18.39 -49.24
C ASN B 376 -9.18 18.90 -50.34
N GLY B 377 -8.59 18.00 -51.13
CA GLY B 377 -7.62 18.37 -52.17
C GLY B 377 -7.00 17.18 -52.89
N THR B 378 -6.19 17.45 -53.92
CA THR B 378 -5.53 16.46 -54.78
C THR B 378 -4.09 16.90 -55.08
N TYR B 379 -3.19 15.97 -55.33
CA TYR B 379 -1.80 16.27 -55.71
C TYR B 379 -1.25 15.30 -56.76
N ASN B 380 -0.49 15.86 -57.71
CA ASN B 380 0.34 15.12 -58.67
C ASN B 380 1.69 15.79 -58.95
N GLY B 381 1.84 17.10 -58.76
CA GLY B 381 3.12 17.81 -58.85
C GLY B 381 2.98 19.33 -58.72
N THR B 382 4.03 20.00 -58.26
CA THR B 382 4.14 21.48 -58.20
C THR B 382 3.01 22.18 -57.46
N SER B 394 -5.87 34.80 -46.77
CA SER B 394 -7.07 34.01 -46.56
C SER B 394 -6.90 32.97 -45.44
N THR B 395 -7.98 32.67 -44.73
CA THR B 395 -8.02 31.63 -43.70
C THR B 395 -9.11 30.62 -44.01
N ILE B 396 -8.83 29.34 -43.81
CA ILE B 396 -9.86 28.31 -43.77
C ILE B 396 -10.46 28.31 -42.38
N THR B 397 -11.75 28.05 -42.27
CA THR B 397 -12.46 28.06 -40.99
C THR B 397 -13.22 26.78 -40.75
N LEU B 398 -13.17 26.31 -39.52
CA LEU B 398 -13.83 25.12 -39.04
C LEU B 398 -14.90 25.54 -38.03
N GLN B 399 -16.04 24.86 -37.99
CA GLN B 399 -17.08 25.11 -37.01
C GLN B 399 -17.35 23.88 -36.15
N CYS B 400 -17.70 24.13 -34.90
CA CYS B 400 -17.55 23.19 -33.79
C CYS B 400 -18.83 23.08 -32.94
N ARG B 401 -18.93 22.02 -32.16
CA ARG B 401 -19.94 21.78 -31.13
C ARG B 401 -19.26 21.49 -29.80
N ILE B 402 -19.83 21.94 -28.71
CA ILE B 402 -19.29 21.75 -27.35
C ILE B 402 -20.12 20.73 -26.58
N LYS B 403 -19.47 19.85 -25.82
CA LYS B 403 -20.09 18.85 -24.94
C LYS B 403 -19.60 19.03 -23.51
N GLN B 404 -20.40 18.65 -22.53
CA GLN B 404 -19.99 18.60 -21.14
C GLN B 404 -19.85 17.18 -20.60
N ILE B 405 -20.72 16.25 -20.99
CA ILE B 405 -20.68 14.86 -20.52
C ILE B 405 -19.80 14.05 -21.47
N ILE B 406 -18.64 13.62 -20.99
CA ILE B 406 -17.61 12.99 -21.82
C ILE B 406 -17.12 11.68 -21.23
N ASN B 407 -16.98 10.65 -22.07
CA ASN B 407 -16.37 9.37 -21.74
C ASN B 407 -14.89 9.42 -22.17
N MET B 408 -13.96 9.52 -21.21
CA MET B 408 -12.61 10.05 -21.48
C MET B 408 -11.80 9.22 -22.49
N TRP B 409 -11.82 7.90 -22.40
CA TRP B 409 -11.10 6.99 -23.31
C TRP B 409 -11.82 5.66 -23.47
N GLN B 410 -12.35 5.39 -24.66
CA GLN B 410 -12.79 4.07 -25.13
C GLN B 410 -13.63 3.23 -24.13
N GLY B 411 -14.47 3.89 -23.32
CA GLY B 411 -15.32 3.23 -22.33
C GLY B 411 -14.57 2.64 -21.13
N VAL B 412 -13.27 2.88 -20.99
CA VAL B 412 -12.44 2.37 -19.90
C VAL B 412 -12.64 3.15 -18.59
N GLY B 413 -12.89 4.46 -18.66
CA GLY B 413 -13.03 5.36 -17.50
C GLY B 413 -14.45 5.81 -17.15
N ARG B 414 -14.61 6.48 -16.01
CA ARG B 414 -15.87 7.10 -15.57
C ARG B 414 -16.37 8.17 -16.54
N CYS B 415 -17.68 8.45 -16.56
CA CYS B 415 -18.20 9.61 -17.25
C CYS B 415 -17.97 10.88 -16.43
N MET B 416 -17.28 11.84 -17.03
CA MET B 416 -16.95 13.11 -16.43
C MET B 416 -17.91 14.18 -16.91
N TYR B 417 -18.41 15.03 -16.02
CA TYR B 417 -19.06 16.27 -16.40
C TYR B 417 -18.02 17.37 -16.33
N ALA B 418 -17.78 18.05 -17.44
CA ALA B 418 -16.89 19.19 -17.51
C ALA B 418 -17.67 20.45 -17.10
N PRO B 419 -17.32 21.09 -15.98
CA PRO B 419 -18.08 22.25 -15.52
C PRO B 419 -17.80 23.45 -16.42
N PRO B 420 -18.77 24.33 -16.65
CA PRO B 420 -18.59 25.45 -17.56
C PRO B 420 -17.60 26.48 -17.01
N ILE B 421 -16.82 27.07 -17.92
CA ILE B 421 -15.88 28.15 -17.61
C ILE B 421 -16.49 29.48 -18.07
N ALA B 422 -16.50 30.50 -17.21
CA ALA B 422 -17.18 31.76 -17.47
C ALA B 422 -16.47 32.61 -18.53
N GLY B 423 -17.20 33.48 -19.22
CA GLY B 423 -16.65 34.40 -20.21
C GLY B 423 -16.36 33.78 -21.57
N ASN B 424 -15.72 34.53 -22.45
CA ASN B 424 -15.19 34.00 -23.70
C ASN B 424 -13.89 33.21 -23.45
N ILE B 425 -13.60 32.24 -24.32
CA ILE B 425 -12.44 31.35 -24.20
C ILE B 425 -11.71 31.31 -25.54
N THR B 426 -10.39 31.31 -25.53
CA THR B 426 -9.55 31.15 -26.72
C THR B 426 -8.35 30.25 -26.43
N CYS B 427 -7.89 29.49 -27.44
CA CYS B 427 -6.67 28.73 -27.41
C CYS B 427 -5.84 28.99 -28.67
N ARG B 428 -4.51 29.09 -28.51
CA ARG B 428 -3.51 29.03 -29.59
C ARG B 428 -2.78 27.69 -29.50
N SER B 429 -2.66 26.95 -30.59
CA SER B 429 -1.94 25.68 -30.59
C SER B 429 -1.18 25.50 -31.89
N ASN B 430 -0.13 24.69 -31.87
CA ASN B 430 0.61 24.33 -33.08
C ASN B 430 0.15 22.95 -33.54
N ILE B 431 -0.23 22.81 -34.80
CA ILE B 431 -0.46 21.50 -35.40
C ILE B 431 0.90 20.92 -35.74
N THR B 432 1.34 19.94 -34.97
CA THR B 432 2.60 19.22 -35.17
C THR B 432 2.49 18.05 -36.13
N GLY B 433 1.33 17.42 -36.27
CA GLY B 433 1.22 16.20 -37.06
C GLY B 433 -0.19 15.73 -37.33
N LEU B 434 -0.32 14.79 -38.25
CA LEU B 434 -1.58 14.30 -38.78
C LEU B 434 -1.68 12.79 -38.56
N LEU B 435 -2.87 12.29 -38.23
CA LEU B 435 -3.17 10.86 -38.24
C LEU B 435 -4.07 10.54 -39.42
N LEU B 436 -3.66 9.61 -40.26
CA LEU B 436 -4.28 9.29 -41.53
C LEU B 436 -4.51 7.79 -41.69
N THR B 437 -5.38 7.44 -42.62
CA THR B 437 -5.70 6.08 -43.05
C THR B 437 -6.07 6.11 -44.52
N ARG B 438 -5.81 5.02 -45.24
CA ARG B 438 -5.87 4.94 -46.70
C ARG B 438 -6.87 3.87 -47.11
N ASP B 439 -7.80 4.20 -48.01
CA ASP B 439 -8.91 3.31 -48.32
C ASP B 439 -8.48 1.94 -48.86
N THR B 442 -10.65 -2.05 -54.42
CA THR B 442 -10.42 -0.65 -54.78
C THR B 442 -11.44 -0.13 -55.80
N ASN B 443 -11.76 1.16 -55.73
CA ASN B 443 -12.54 1.87 -56.74
C ASN B 443 -11.68 2.46 -57.88
N SER B 444 -10.35 2.37 -57.80
CA SER B 444 -9.41 3.08 -58.67
C SER B 444 -8.05 2.38 -58.78
N ASN B 445 -7.28 2.72 -59.82
CA ASN B 445 -5.88 2.29 -59.98
C ASN B 445 -4.91 3.49 -59.95
N GLU B 446 -5.30 4.63 -60.51
CA GLU B 446 -4.49 5.85 -60.62
C GLU B 446 -4.44 6.71 -59.35
N THR B 447 -5.33 6.48 -58.38
CA THR B 447 -5.51 7.36 -57.21
C THR B 447 -5.48 6.62 -55.88
N GLU B 448 -4.77 7.16 -54.90
CA GLU B 448 -4.87 6.77 -53.49
C GLU B 448 -5.61 7.86 -52.71
N THR B 449 -6.58 7.43 -51.89
CA THR B 449 -7.47 8.30 -51.12
C THR B 449 -7.18 8.17 -49.62
N PHE B 450 -6.92 9.31 -48.97
CA PHE B 450 -6.53 9.38 -47.57
C PHE B 450 -7.55 10.14 -46.72
N ARG B 451 -7.82 9.65 -45.50
CA ARG B 451 -8.86 10.13 -44.59
C ARG B 451 -8.38 10.23 -43.16
N PRO B 452 -8.81 11.22 -42.36
CA PRO B 452 -8.46 11.30 -40.96
C PRO B 452 -9.07 10.18 -40.12
N ALA B 453 -8.30 9.65 -39.17
CA ALA B 453 -8.71 8.61 -38.24
C ALA B 453 -7.84 8.67 -36.99
N GLY B 454 -8.25 8.05 -35.88
CA GLY B 454 -7.47 8.05 -34.65
C GLY B 454 -8.24 7.48 -33.46
N GLY B 455 -7.88 7.91 -32.25
CA GLY B 455 -8.65 7.64 -31.03
C GLY B 455 -8.29 6.35 -30.28
N ASP B 456 -7.51 5.45 -30.86
CA ASP B 456 -6.67 4.55 -30.06
C ASP B 456 -5.57 5.43 -29.49
N MET B 457 -5.77 5.88 -28.26
CA MET B 457 -5.05 6.99 -27.67
C MET B 457 -3.52 6.80 -27.69
N ARG B 458 -3.06 5.54 -27.71
CA ARG B 458 -1.66 5.17 -27.76
C ARG B 458 -0.93 5.85 -28.90
N ASP B 459 -1.57 6.07 -30.04
CA ASP B 459 -0.89 6.62 -31.20
C ASP B 459 -0.44 8.07 -31.03
N ASN B 460 -1.10 8.85 -30.17
CA ASN B 460 -0.59 10.18 -29.83
C ASN B 460 0.69 10.09 -28.99
N TRP B 461 0.72 9.19 -28.00
CA TRP B 461 1.90 9.00 -27.15
C TRP B 461 3.03 8.28 -27.87
N ARG B 462 2.74 7.37 -28.82
CA ARG B 462 3.73 6.80 -29.74
C ARG B 462 4.47 7.87 -30.51
N SER B 463 3.80 8.94 -30.92
CA SER B 463 4.43 10.00 -31.70
C SER B 463 5.52 10.77 -30.95
N GLU B 464 5.45 10.86 -29.62
CA GLU B 464 6.50 11.48 -28.81
C GLU B 464 7.57 10.47 -28.38
N LEU B 465 7.27 9.18 -28.37
CA LEU B 465 8.13 8.10 -27.87
C LEU B 465 8.69 7.19 -28.98
N TYR B 466 8.69 7.63 -30.24
CA TYR B 466 9.23 6.83 -31.34
C TYR B 466 10.73 6.56 -31.22
N LYS B 467 11.46 7.48 -30.58
CA LYS B 467 12.92 7.49 -30.53
C LYS B 467 13.54 6.76 -29.34
N TYR B 468 12.77 6.08 -28.50
CA TYR B 468 13.22 5.55 -27.21
C TYR B 468 13.11 4.04 -27.04
N LYS B 469 14.03 3.47 -26.25
CA LYS B 469 14.11 2.06 -25.90
C LYS B 469 14.55 1.87 -24.45
N VAL B 470 14.00 0.91 -23.72
CA VAL B 470 14.40 0.57 -22.34
C VAL B 470 15.21 -0.71 -22.32
N VAL B 471 16.30 -0.72 -21.56
CA VAL B 471 17.23 -1.86 -21.44
C VAL B 471 17.64 -2.11 -19.99
N LYS B 472 18.04 -3.34 -19.67
CA LYS B 472 18.54 -3.77 -18.36
C LYS B 472 20.04 -3.96 -18.41
N ILE B 473 20.80 -3.35 -17.50
CA ILE B 473 22.25 -3.55 -17.40
C ILE B 473 22.51 -4.93 -16.80
N GLU B 474 23.44 -5.71 -17.34
CA GLU B 474 23.83 -7.01 -16.77
C GLU B 474 25.31 -6.98 -16.41
N PRO B 475 25.67 -6.56 -15.20
CA PRO B 475 27.02 -6.09 -14.92
C PRO B 475 28.09 -7.18 -14.82
N LEU B 476 27.71 -8.46 -14.68
CA LEU B 476 28.65 -9.58 -14.67
C LEU B 476 29.08 -9.97 -16.07
N GLY B 477 30.25 -10.55 -16.16
CA GLY B 477 30.70 -11.26 -17.35
C GLY B 477 31.98 -12.03 -17.08
N VAL B 478 32.30 -12.93 -18.00
CA VAL B 478 33.50 -13.74 -18.00
C VAL B 478 34.25 -13.61 -19.31
N ALA B 479 35.58 -13.67 -19.24
CA ALA B 479 36.47 -13.55 -20.39
C ALA B 479 37.76 -14.36 -20.17
N PRO B 480 38.49 -14.73 -21.23
CA PRO B 480 39.80 -15.34 -21.09
C PRO B 480 40.90 -14.32 -20.75
N THR B 481 41.86 -14.72 -19.91
CA THR B 481 43.08 -13.95 -19.62
C THR B 481 44.27 -14.83 -19.26
N ARG B 482 45.48 -14.28 -19.29
CA ARG B 482 46.72 -14.92 -18.83
C ARG B 482 47.03 -14.58 -17.36
N CYS B 483 46.23 -15.09 -16.44
CA CYS B 483 46.42 -14.94 -14.99
C CYS B 483 46.10 -16.24 -14.23
N LYS B 484 46.91 -16.57 -13.22
CA LYS B 484 46.69 -17.64 -12.22
C LYS B 484 46.29 -17.02 -10.89
N ARG B 485 45.33 -17.61 -10.16
CA ARG B 485 45.16 -17.28 -8.74
C ARG B 485 46.33 -17.86 -7.94
N ARG B 486 46.84 -17.11 -6.95
CA ARG B 486 47.92 -17.58 -6.06
C ARG B 486 47.36 -18.64 -5.10
N VAL B 487 47.78 -19.89 -5.26
CA VAL B 487 47.37 -21.02 -4.41
C VAL B 487 48.37 -22.16 -4.45
N LEU B 504 32.76 7.79 -17.67
CA LEU B 504 32.30 9.18 -17.72
C LEU B 504 30.77 9.35 -17.62
N GLY B 505 30.02 8.25 -17.62
CA GLY B 505 28.57 8.24 -17.48
C GLY B 505 27.98 6.83 -17.49
N PHE B 506 26.67 6.74 -17.33
CA PHE B 506 25.92 5.56 -16.88
C PHE B 506 26.26 4.22 -17.55
N LEU B 507 26.64 4.27 -18.83
CA LEU B 507 27.06 3.14 -19.67
C LEU B 507 28.15 3.60 -20.65
N GLY B 508 28.91 4.63 -20.32
CA GLY B 508 29.51 5.51 -21.33
C GLY B 508 30.42 4.86 -22.38
N ALA B 509 31.15 3.82 -22.01
CA ALA B 509 32.11 3.15 -22.89
C ALA B 509 31.51 2.12 -23.86
N ALA B 510 30.20 1.84 -23.81
CA ALA B 510 29.64 0.55 -24.24
C ALA B 510 29.97 0.05 -25.66
N GLY B 511 30.25 0.92 -26.62
CA GLY B 511 30.66 0.53 -27.98
C GLY B 511 32.16 0.32 -28.19
N SER B 512 32.98 0.49 -27.15
CA SER B 512 34.45 0.54 -27.25
C SER B 512 35.11 -0.84 -27.18
N THR B 513 36.41 -0.89 -27.51
CA THR B 513 37.31 -2.03 -27.34
C THR B 513 37.35 -2.52 -25.88
N MET B 514 37.23 -3.83 -25.63
CA MET B 514 37.05 -4.35 -24.26
C MET B 514 38.10 -3.90 -23.26
N GLY B 515 39.35 -3.80 -23.69
CA GLY B 515 40.42 -3.31 -22.83
C GLY B 515 40.18 -1.90 -22.32
N ALA B 516 39.62 -1.01 -23.13
CA ALA B 516 39.31 0.35 -22.70
C ALA B 516 38.21 0.38 -21.64
N ALA B 517 37.16 -0.43 -21.80
CA ALA B 517 36.07 -0.49 -20.83
C ALA B 517 36.53 -1.00 -19.47
N SER B 518 37.53 -1.89 -19.42
CA SER B 518 38.10 -2.37 -18.16
C SER B 518 38.72 -1.26 -17.30
N MET B 519 39.01 -0.08 -17.86
CA MET B 519 39.54 1.08 -17.14
C MET B 519 38.46 1.94 -16.46
N THR B 520 37.17 1.65 -16.66
CA THR B 520 36.05 2.47 -16.18
C THR B 520 34.95 1.66 -15.48
N LEU B 521 35.26 0.46 -15.01
CA LEU B 521 34.28 -0.51 -14.48
C LEU B 521 33.46 0.03 -13.31
N THR B 522 34.06 0.88 -12.47
CA THR B 522 33.41 1.49 -11.30
C THR B 522 32.19 2.33 -11.67
N VAL B 523 32.15 2.91 -12.85
CA VAL B 523 31.05 3.80 -13.24
C VAL B 523 29.76 3.02 -13.43
N GLN B 524 29.81 1.88 -14.13
CA GLN B 524 28.66 0.99 -14.26
C GLN B 524 28.36 0.23 -12.97
N ALA B 525 29.22 0.28 -11.96
CA ALA B 525 29.00 -0.36 -10.68
C ALA B 525 28.16 0.51 -9.75
N ARG B 526 28.48 1.80 -9.60
CA ARG B 526 27.79 2.67 -8.65
C ARG B 526 26.32 2.90 -9.00
N ASN B 527 25.97 3.07 -10.27
CA ASN B 527 24.59 3.34 -10.69
C ASN B 527 23.65 2.12 -10.64
N LEU B 528 24.11 0.96 -10.17
CA LEU B 528 23.26 -0.20 -9.91
C LEU B 528 22.42 -0.04 -8.63
N LEU B 529 22.69 0.97 -7.80
CA LEU B 529 22.11 1.10 -6.47
C LEU B 529 21.77 2.56 -6.14
N SER B 530 20.70 2.77 -5.37
CA SER B 530 20.24 4.11 -4.93
C SER B 530 19.43 4.05 -3.63
N PRO B 553 -1.65 2.96 -2.57
CA PRO B 553 -1.94 3.26 -3.96
C PRO B 553 -0.77 2.87 -4.88
N VAL B 554 -1.09 2.63 -6.16
CA VAL B 554 -0.13 2.17 -7.19
C VAL B 554 1.12 3.05 -7.24
N TRP B 555 0.92 4.36 -7.17
CA TRP B 555 1.95 5.40 -7.21
C TRP B 555 3.00 5.29 -6.11
N GLY B 556 2.64 4.71 -4.95
CA GLY B 556 3.55 4.37 -3.85
C GLY B 556 4.13 2.98 -4.01
N ILE B 557 3.26 1.99 -4.21
CA ILE B 557 3.67 0.58 -4.22
C ILE B 557 4.68 0.28 -5.32
N LYS B 558 4.53 0.86 -6.52
CA LYS B 558 5.48 0.64 -7.61
C LYS B 558 6.86 1.24 -7.38
N GLN B 559 7.00 2.32 -6.61
CA GLN B 559 8.33 2.77 -6.23
C GLN B 559 9.00 1.77 -5.28
N LEU B 560 8.28 1.28 -4.26
CA LEU B 560 8.85 0.30 -3.34
C LEU B 560 9.16 -1.01 -4.04
N GLN B 561 8.27 -1.48 -4.90
CA GLN B 561 8.47 -2.69 -5.71
C GLN B 561 9.70 -2.57 -6.62
N ALA B 562 9.90 -1.43 -7.26
CA ALA B 562 11.07 -1.21 -8.10
C ALA B 562 12.36 -1.19 -7.27
N ARG B 563 12.37 -0.46 -6.15
CA ARG B 563 13.56 -0.32 -5.31
C ARG B 563 13.99 -1.64 -4.69
N VAL B 564 13.06 -2.43 -4.19
CA VAL B 564 13.39 -3.72 -3.59
C VAL B 564 13.97 -4.68 -4.63
N LEU B 565 13.42 -4.73 -5.85
CA LEU B 565 14.00 -5.54 -6.92
C LEU B 565 15.42 -5.10 -7.28
N ALA B 566 15.69 -3.79 -7.30
CA ALA B 566 17.03 -3.27 -7.53
C ALA B 566 18.03 -3.67 -6.44
N VAL B 567 17.63 -3.65 -5.17
CA VAL B 567 18.46 -4.17 -4.07
C VAL B 567 18.69 -5.67 -4.20
N GLU B 568 17.65 -6.46 -4.47
CA GLU B 568 17.77 -7.92 -4.59
C GLU B 568 18.67 -8.36 -5.73
N ARG B 569 18.64 -7.67 -6.88
CA ARG B 569 19.57 -7.93 -7.97
C ARG B 569 21.02 -7.66 -7.56
N TYR B 570 21.28 -6.56 -6.89
CA TYR B 570 22.63 -6.27 -6.44
C TYR B 570 23.13 -7.33 -5.45
N LEU B 571 22.29 -7.78 -4.52
CA LEU B 571 22.73 -8.77 -3.55
C LEU B 571 23.04 -10.11 -4.21
N ARG B 572 22.25 -10.54 -5.19
CA ARG B 572 22.57 -11.76 -5.95
C ARG B 572 23.92 -11.63 -6.64
N ASP B 573 24.24 -10.50 -7.24
CA ASP B 573 25.54 -10.29 -7.85
C ASP B 573 26.66 -10.50 -6.82
N GLN B 574 26.58 -9.82 -5.68
CA GLN B 574 27.66 -9.90 -4.69
C GLN B 574 27.75 -11.29 -4.08
N GLN B 575 26.64 -12.02 -3.97
CA GLN B 575 26.64 -13.37 -3.45
C GLN B 575 27.34 -14.35 -4.39
N LEU B 576 27.12 -14.28 -5.70
CA LEU B 576 27.89 -15.09 -6.64
C LEU B 576 29.38 -14.78 -6.53
N LEU B 577 29.75 -13.51 -6.45
CA LEU B 577 31.15 -13.12 -6.32
C LEU B 577 31.75 -13.62 -5.01
N GLY B 578 30.95 -13.82 -3.97
CA GLY B 578 31.36 -14.50 -2.75
C GLY B 578 31.61 -15.98 -2.98
N ILE B 579 30.63 -16.68 -3.54
CA ILE B 579 30.71 -18.12 -3.82
C ILE B 579 31.87 -18.47 -4.74
N TRP B 580 32.33 -17.55 -5.60
CA TRP B 580 33.48 -17.76 -6.49
C TRP B 580 34.82 -17.29 -5.92
N GLY B 581 34.85 -16.82 -4.68
CA GLY B 581 36.08 -16.43 -3.98
C GLY B 581 36.61 -15.02 -4.26
N CYS B 582 35.86 -14.19 -4.98
CA CYS B 582 36.23 -12.79 -5.23
C CYS B 582 35.81 -11.84 -4.10
N SER B 583 34.76 -12.16 -3.34
CA SER B 583 34.45 -11.60 -2.02
C SER B 583 34.51 -10.06 -1.95
N GLY B 584 33.86 -9.40 -2.90
CA GLY B 584 33.90 -7.95 -3.04
C GLY B 584 35.19 -7.45 -3.66
N LYS B 585 35.41 -7.72 -4.95
CA LYS B 585 36.49 -7.14 -5.76
C LYS B 585 36.03 -7.07 -7.23
N LEU B 586 36.45 -6.04 -7.97
CA LEU B 586 35.87 -5.70 -9.28
C LEU B 586 36.46 -6.47 -10.46
N ILE B 587 37.74 -6.84 -10.37
CA ILE B 587 38.45 -7.68 -11.34
C ILE B 587 39.05 -8.84 -10.57
N CYS B 588 38.82 -10.06 -11.00
CA CYS B 588 39.16 -11.24 -10.21
C CYS B 588 39.59 -12.41 -11.08
N CYS B 589 40.58 -13.15 -10.63
CA CYS B 589 41.34 -14.12 -11.39
C CYS B 589 41.34 -15.47 -10.67
N THR B 590 41.28 -16.56 -11.44
CA THR B 590 40.83 -17.87 -10.95
C THR B 590 41.54 -19.01 -11.67
N ASN B 591 41.66 -20.15 -10.98
CA ASN B 591 42.35 -21.34 -11.47
C ASN B 591 41.57 -22.21 -12.48
N VAL B 592 40.40 -21.78 -12.98
CA VAL B 592 39.65 -22.55 -13.99
C VAL B 592 40.23 -22.30 -15.39
N PRO B 593 40.84 -23.29 -16.06
CA PRO B 593 41.44 -23.10 -17.37
C PRO B 593 40.40 -22.87 -18.46
N TRP B 594 40.67 -21.94 -19.38
CA TRP B 594 39.81 -21.68 -20.53
C TRP B 594 39.73 -22.90 -21.44
N ASN B 595 38.57 -23.17 -22.04
CA ASN B 595 38.35 -24.32 -22.91
C ASN B 595 38.05 -23.89 -24.35
N SER B 596 38.84 -24.38 -25.30
CA SER B 596 38.66 -24.11 -26.73
C SER B 596 37.29 -24.51 -27.27
N SER B 597 36.55 -25.40 -26.59
CA SER B 597 35.19 -25.76 -26.96
C SER B 597 34.19 -24.59 -26.84
N TRP B 598 34.52 -23.54 -26.08
CA TRP B 598 33.73 -22.32 -25.98
C TRP B 598 34.12 -21.28 -27.05
N SER B 599 35.40 -20.95 -27.18
CA SER B 599 35.92 -20.03 -28.22
C SER B 599 37.43 -20.20 -28.46
N ASN B 600 37.90 -19.77 -29.63
CA ASN B 600 39.24 -20.04 -30.18
C ASN B 600 39.99 -18.79 -30.63
N ARG B 601 39.39 -17.59 -30.46
CA ARG B 601 39.97 -16.31 -30.88
C ARG B 601 41.31 -16.03 -30.19
N ASN B 602 42.20 -15.28 -30.83
CA ASN B 602 43.49 -14.89 -30.25
C ASN B 602 43.28 -13.94 -29.05
N LEU B 603 44.25 -13.83 -28.14
CA LEU B 603 44.13 -12.94 -26.97
C LEU B 603 43.93 -11.47 -27.39
N SER B 604 44.73 -10.98 -28.33
CA SER B 604 44.57 -9.62 -28.88
C SER B 604 43.28 -9.46 -29.67
N GLU B 605 42.85 -10.49 -30.41
CA GLU B 605 41.62 -10.42 -31.21
C GLU B 605 40.37 -10.30 -30.32
N ILE B 606 40.39 -10.95 -29.15
CA ILE B 606 39.43 -10.69 -28.07
C ILE B 606 39.59 -9.26 -27.54
N TRP B 607 40.76 -8.93 -27.01
CA TRP B 607 40.90 -7.78 -26.12
C TRP B 607 41.01 -6.42 -26.82
N ASP B 608 41.53 -6.38 -28.04
CA ASP B 608 41.73 -5.15 -28.80
C ASP B 608 40.65 -4.92 -29.85
N ASN B 609 40.14 -5.97 -30.50
CA ASN B 609 39.39 -5.85 -31.75
C ASN B 609 37.88 -6.09 -31.62
N MET B 610 37.33 -6.23 -30.41
CA MET B 610 35.93 -6.53 -30.16
C MET B 610 35.37 -5.65 -29.04
N THR B 611 34.05 -5.47 -29.01
CA THR B 611 33.34 -4.67 -28.01
C THR B 611 32.47 -5.54 -27.12
N TRP B 612 32.32 -5.20 -25.83
CA TRP B 612 31.86 -6.15 -24.81
C TRP B 612 30.54 -6.83 -25.13
N LEU B 613 29.53 -6.12 -25.61
CA LEU B 613 28.24 -6.74 -25.90
C LEU B 613 28.32 -7.75 -27.06
N GLN B 614 29.27 -7.62 -27.98
CA GLN B 614 29.51 -8.65 -29.00
C GLN B 614 30.13 -9.88 -28.39
N TRP B 615 31.12 -9.72 -27.52
CA TRP B 615 31.73 -10.86 -26.81
C TRP B 615 30.69 -11.59 -25.96
N ASP B 616 29.83 -10.83 -25.28
CA ASP B 616 28.75 -11.39 -24.49
C ASP B 616 27.77 -12.18 -25.36
N LYS B 617 27.39 -11.63 -26.52
CA LYS B 617 26.52 -12.33 -27.46
C LYS B 617 27.16 -13.65 -27.88
N GLU B 618 28.43 -13.66 -28.25
CA GLU B 618 29.10 -14.89 -28.63
C GLU B 618 29.18 -15.92 -27.51
N ILE B 619 29.63 -15.56 -26.31
CA ILE B 619 29.77 -16.55 -25.22
C ILE B 619 28.41 -16.98 -24.64
N SER B 620 27.33 -16.25 -24.94
CA SER B 620 26.01 -16.41 -24.30
C SER B 620 25.62 -17.86 -24.01
N ASN B 621 25.59 -18.75 -25.00
CA ASN B 621 25.02 -20.08 -24.83
C ASN B 621 25.83 -20.97 -23.87
N TYR B 622 27.14 -20.80 -23.82
CA TYR B 622 28.01 -21.54 -22.90
C TYR B 622 27.97 -21.03 -21.46
N THR B 623 27.42 -19.85 -21.20
CA THR B 623 27.70 -19.11 -19.95
C THR B 623 27.32 -19.90 -18.70
N GLN B 624 26.17 -20.56 -18.71
CA GLN B 624 25.70 -21.36 -17.58
C GLN B 624 26.57 -22.60 -17.28
N ILE B 625 27.43 -23.04 -18.20
CA ILE B 625 28.43 -24.08 -17.91
C ILE B 625 29.48 -23.50 -16.95
N ILE B 626 29.98 -22.31 -17.24
CA ILE B 626 31.13 -21.71 -16.56
C ILE B 626 30.88 -21.56 -15.06
N TYR B 627 29.69 -21.14 -14.65
CA TYR B 627 29.43 -20.84 -13.24
C TYR B 627 29.51 -22.10 -12.36
N GLY B 628 29.20 -23.28 -12.91
CA GLY B 628 29.32 -24.53 -12.17
C GLY B 628 30.79 -24.86 -11.87
N LEU B 629 31.68 -24.64 -12.83
CA LEU B 629 33.11 -24.84 -12.65
C LEU B 629 33.65 -23.91 -11.56
N LEU B 630 33.19 -22.66 -11.55
CA LEU B 630 33.66 -21.69 -10.57
C LEU B 630 33.25 -22.10 -9.16
N GLU B 631 31.99 -22.50 -8.97
CA GLU B 631 31.50 -22.88 -7.64
C GLU B 631 32.20 -24.14 -7.11
N GLU B 632 32.35 -25.19 -7.93
CA GLU B 632 33.04 -26.38 -7.43
C GLU B 632 34.52 -26.10 -7.17
N SER B 633 35.17 -25.27 -7.99
CA SER B 633 36.57 -24.92 -7.79
C SER B 633 36.76 -24.20 -6.46
N GLN B 634 35.93 -23.22 -6.14
CA GLN B 634 36.06 -22.52 -4.86
C GLN B 634 35.83 -23.48 -3.69
N ASN B 635 34.87 -24.40 -3.81
CA ASN B 635 34.62 -25.34 -2.72
C ASN B 635 35.81 -26.28 -2.52
N GLN B 636 36.41 -26.78 -3.60
CA GLN B 636 37.64 -27.56 -3.52
C GLN B 636 38.76 -26.78 -2.84
N GLN B 637 38.95 -25.53 -3.23
CA GLN B 637 40.04 -24.71 -2.75
C GLN B 637 39.89 -24.43 -1.25
N GLU B 638 38.69 -24.15 -0.78
CA GLU B 638 38.44 -23.87 0.63
C GLU B 638 38.68 -25.11 1.51
N LYS B 639 38.30 -26.30 1.04
CA LYS B 639 38.58 -27.54 1.76
C LYS B 639 40.07 -27.82 1.84
N ASN B 640 40.81 -27.61 0.76
CA ASN B 640 42.26 -27.75 0.75
C ASN B 640 42.94 -26.79 1.75
N GLU B 641 42.47 -25.54 1.83
CA GLU B 641 42.98 -24.57 2.80
C GLU B 641 42.61 -24.95 4.24
N GLN B 642 41.39 -25.38 4.48
CA GLN B 642 40.91 -25.76 5.80
C GLN B 642 41.63 -26.98 6.35
N ASP B 643 41.98 -27.92 5.47
CA ASP B 643 42.87 -29.02 5.82
C ASP B 643 44.26 -28.51 6.22
N LEU B 644 44.91 -27.71 5.37
CA LEU B 644 46.29 -27.29 5.57
C LEU B 644 46.49 -26.48 6.85
N LEU B 645 45.51 -25.68 7.25
CA LEU B 645 45.61 -24.86 8.45
C LEU B 645 45.86 -25.66 9.74
N ALA B 646 45.56 -26.96 9.78
CA ALA B 646 45.87 -27.82 10.92
C ALA B 646 47.36 -28.23 11.00
N LEU B 647 48.12 -28.05 9.93
CA LEU B 647 49.51 -28.49 9.76
C LEU B 647 50.49 -27.37 9.39
N ASP B 648 49.98 -26.18 9.05
CA ASP B 648 50.74 -25.03 8.52
C ASP B 648 52.02 -24.71 9.31
N GLU C 26 42.68 -32.74 21.59
CA GLU C 26 43.36 -31.63 22.30
C GLU C 26 43.58 -30.41 21.37
N ASN C 27 43.64 -29.21 21.94
CA ASN C 27 43.85 -27.93 21.25
C ASN C 27 42.75 -27.61 20.20
N LEU C 28 41.50 -27.64 20.64
CA LEU C 28 40.35 -27.22 19.84
C LEU C 28 40.15 -25.70 19.92
N TRP C 29 39.67 -25.14 18.82
CA TRP C 29 39.32 -23.73 18.65
C TRP C 29 37.96 -23.65 17.96
N VAL C 30 37.21 -22.57 18.17
CA VAL C 30 35.89 -22.41 17.54
C VAL C 30 36.00 -22.03 16.07
N THR C 31 35.16 -22.60 15.23
CA THR C 31 35.02 -22.26 13.82
C THR C 31 33.57 -21.90 13.53
N VAL C 32 33.38 -20.94 12.63
CA VAL C 32 32.07 -20.48 12.21
C VAL C 32 31.78 -21.01 10.81
N TYR C 33 30.57 -21.53 10.64
CA TYR C 33 30.05 -22.05 9.38
C TYR C 33 28.81 -21.26 8.96
N TYR C 34 28.65 -21.06 7.66
CA TYR C 34 27.46 -20.47 7.06
C TYR C 34 26.80 -21.44 6.08
N GLY C 35 25.47 -21.47 6.04
CA GLY C 35 24.72 -22.43 5.22
C GLY C 35 24.60 -23.81 5.86
N VAL C 36 24.67 -23.88 7.19
CA VAL C 36 24.38 -25.10 7.95
C VAL C 36 22.91 -25.49 7.75
N PRO C 37 22.57 -26.76 7.49
CA PRO C 37 21.18 -27.20 7.36
C PRO C 37 20.54 -27.39 8.74
N VAL C 38 20.03 -26.32 9.33
CA VAL C 38 19.40 -26.33 10.66
C VAL C 38 18.26 -25.31 10.75
N TRP C 39 17.24 -25.60 11.56
CA TRP C 39 15.96 -24.89 11.55
C TRP C 39 15.29 -24.75 12.92
N LYS C 40 14.34 -23.83 13.02
CA LYS C 40 13.48 -23.59 14.19
C LYS C 40 12.03 -23.40 13.77
N GLU C 41 11.11 -23.67 14.69
CA GLU C 41 9.67 -23.60 14.45
C GLU C 41 9.16 -22.16 14.54
N ALA C 42 8.32 -21.74 13.60
CA ALA C 42 8.01 -20.33 13.34
C ALA C 42 6.63 -20.14 12.70
N LYS C 43 6.19 -18.90 12.62
CA LYS C 43 5.01 -18.49 11.87
C LYS C 43 5.34 -17.24 11.07
N THR C 44 4.98 -17.22 9.79
CA THR C 44 5.27 -16.16 8.82
C THR C 44 4.35 -16.38 7.63
N THR C 45 3.83 -15.31 7.06
CA THR C 45 2.73 -15.39 6.10
C THR C 45 3.20 -15.95 4.77
N LEU C 46 2.69 -17.13 4.40
CA LEU C 46 3.01 -17.79 3.15
C LEU C 46 2.40 -17.03 1.97
N PHE C 47 2.92 -17.21 0.77
CA PHE C 47 2.39 -16.53 -0.40
C PHE C 47 1.50 -17.48 -1.21
N CYS C 48 0.32 -17.00 -1.57
CA CYS C 48 -0.69 -17.71 -2.34
C CYS C 48 -0.23 -17.85 -3.80
N ALA C 49 -0.12 -19.07 -4.29
CA ALA C 49 0.29 -19.38 -5.65
C ALA C 49 -0.81 -20.14 -6.40
N SER C 50 -0.93 -19.88 -7.69
CA SER C 50 -1.92 -20.50 -8.58
C SER C 50 -1.25 -21.20 -9.74
N ASP C 51 -1.86 -22.30 -10.17
CA ASP C 51 -1.59 -22.89 -11.48
C ASP C 51 -2.06 -21.95 -12.61
N ALA C 52 -1.64 -22.22 -13.85
CA ALA C 52 -1.84 -21.39 -15.04
C ALA C 52 -1.42 -19.92 -14.82
N ASN C 61 -12.61 -18.06 -9.77
CA ASN C 61 -11.79 -17.07 -10.44
C ASN C 61 -11.16 -16.06 -9.46
N VAL C 62 -11.72 -15.92 -8.26
CA VAL C 62 -11.37 -14.83 -7.33
C VAL C 62 -9.91 -14.90 -6.88
N TRP C 63 -9.39 -16.11 -6.65
CA TRP C 63 -8.03 -16.33 -6.17
C TRP C 63 -6.99 -15.93 -7.21
N ALA C 64 -7.03 -16.55 -8.38
CA ALA C 64 -6.07 -16.36 -9.46
C ALA C 64 -6.15 -15.00 -10.18
N THR C 65 -7.05 -14.11 -9.79
CA THR C 65 -7.17 -12.77 -10.37
C THR C 65 -6.98 -11.62 -9.39
N HIS C 66 -6.71 -11.87 -8.11
CA HIS C 66 -6.38 -10.79 -7.17
C HIS C 66 -5.35 -11.15 -6.10
N ALA C 67 -5.62 -12.13 -5.24
CA ALA C 67 -4.75 -12.44 -4.11
C ALA C 67 -3.60 -13.40 -4.44
N CYS C 68 -3.77 -14.24 -5.46
CA CYS C 68 -2.93 -15.41 -5.67
C CYS C 68 -2.17 -15.29 -7.00
N VAL C 69 -0.84 -15.31 -6.98
CA VAL C 69 -0.05 -15.10 -8.21
C VAL C 69 -0.10 -16.31 -9.15
N PRO C 70 -0.35 -16.13 -10.46
CA PRO C 70 -0.17 -17.21 -11.42
C PRO C 70 1.32 -17.50 -11.53
N THR C 71 1.73 -18.75 -11.28
CA THR C 71 3.16 -19.10 -11.13
C THR C 71 3.47 -20.57 -11.35
N ASP C 72 2.51 -21.32 -11.88
CA ASP C 72 2.62 -22.67 -12.44
C ASP C 72 3.65 -23.58 -11.70
N PRO C 73 3.48 -23.79 -10.37
CA PRO C 73 4.53 -24.31 -9.52
C PRO C 73 4.81 -25.79 -9.81
N SER C 74 5.90 -26.08 -10.52
CA SER C 74 6.21 -27.46 -10.93
C SER C 74 6.68 -28.31 -9.73
N PRO C 75 6.26 -29.59 -9.59
CA PRO C 75 6.61 -30.41 -8.42
C PRO C 75 8.12 -30.58 -8.25
N GLN C 76 8.63 -30.29 -7.05
CA GLN C 76 10.05 -30.20 -6.73
C GLN C 76 10.40 -30.78 -5.34
N GLU C 77 9.67 -31.81 -4.91
CA GLU C 77 9.90 -32.48 -3.62
C GLU C 77 11.27 -33.14 -3.51
N LEU C 78 11.83 -33.15 -2.31
CA LEU C 78 13.02 -33.92 -1.94
C LEU C 78 12.80 -34.64 -0.60
N VAL C 79 13.15 -35.93 -0.54
CA VAL C 79 13.09 -36.73 0.68
C VAL C 79 14.32 -36.48 1.56
N LEU C 80 14.14 -36.41 2.87
CA LEU C 80 15.23 -36.23 3.82
C LEU C 80 15.56 -37.58 4.45
N GLY C 81 16.83 -37.93 4.51
CA GLY C 81 17.24 -39.32 4.70
C GLY C 81 16.82 -39.92 6.04
N ASN C 82 17.08 -39.23 7.14
CA ASN C 82 17.00 -39.82 8.49
C ASN C 82 16.45 -38.85 9.55
N VAL C 83 15.95 -37.68 9.16
CA VAL C 83 15.42 -36.70 10.12
C VAL C 83 14.09 -37.16 10.70
N THR C 84 13.83 -36.78 11.94
CA THR C 84 12.51 -36.93 12.57
C THR C 84 12.09 -35.61 13.18
N GLU C 85 10.81 -35.30 13.07
CA GLU C 85 10.19 -34.08 13.57
C GLU C 85 8.87 -34.44 14.23
N ASN C 86 8.38 -33.58 15.12
CA ASN C 86 7.01 -33.68 15.64
C ASN C 86 6.11 -32.66 14.92
N PHE C 87 4.95 -33.10 14.49
CA PHE C 87 3.95 -32.35 13.74
C PHE C 87 2.66 -32.31 14.57
N ASN C 88 1.84 -31.26 14.45
CA ASN C 88 0.61 -31.15 15.23
C ASN C 88 -0.51 -30.40 14.48
N MET C 89 -1.47 -31.14 13.93
CA MET C 89 -2.54 -30.57 13.11
C MET C 89 -3.30 -29.46 13.83
N TRP C 90 -3.62 -29.65 15.11
CA TRP C 90 -4.44 -28.72 15.88
C TRP C 90 -3.70 -27.50 16.44
N LYS C 91 -2.53 -27.18 15.92
CA LYS C 91 -1.81 -25.92 16.17
C LYS C 91 -1.09 -25.36 14.93
N ASN C 92 -1.35 -25.89 13.73
CA ASN C 92 -0.67 -25.46 12.50
C ASN C 92 -1.20 -24.10 12.03
N ASP C 93 -0.42 -23.03 12.16
CA ASP C 93 -0.83 -21.68 11.79
C ASP C 93 -1.11 -21.48 10.28
N MET C 94 -0.78 -22.44 9.41
CA MET C 94 -1.27 -22.42 8.03
C MET C 94 -2.80 -22.44 7.94
N VAL C 95 -3.50 -23.15 8.84
CA VAL C 95 -4.96 -23.19 8.76
C VAL C 95 -5.58 -21.85 9.08
N ASP C 96 -5.07 -21.15 10.09
CA ASP C 96 -5.60 -19.86 10.49
C ASP C 96 -5.17 -18.74 9.53
N GLN C 97 -4.02 -18.89 8.87
CA GLN C 97 -3.61 -18.04 7.75
C GLN C 97 -4.56 -18.21 6.57
N MET C 98 -4.86 -19.45 6.18
CA MET C 98 -5.71 -19.71 5.02
C MET C 98 -7.13 -19.24 5.26
N HIS C 99 -7.63 -19.41 6.49
CA HIS C 99 -8.94 -18.89 6.84
C HIS C 99 -9.01 -17.38 6.66
N GLU C 100 -8.03 -16.63 7.16
CA GLU C 100 -8.01 -15.18 6.99
C GLU C 100 -7.86 -14.77 5.52
N ASP C 101 -7.05 -15.49 4.75
CA ASP C 101 -6.84 -15.27 3.32
C ASP C 101 -8.14 -15.42 2.53
N ILE C 102 -8.83 -16.56 2.67
CA ILE C 102 -10.12 -16.82 2.04
C ILE C 102 -11.17 -15.79 2.47
N ILE C 103 -11.36 -15.55 3.77
CA ILE C 103 -12.38 -14.62 4.26
C ILE C 103 -12.14 -13.25 3.67
N SER C 104 -10.89 -12.78 3.68
CA SER C 104 -10.58 -11.44 3.21
C SER C 104 -10.80 -11.32 1.72
N LEU C 105 -10.25 -12.25 0.93
CA LEU C 105 -10.37 -12.25 -0.53
C LEU C 105 -11.82 -12.34 -0.99
N TRP C 106 -12.56 -13.28 -0.42
CA TRP C 106 -13.90 -13.60 -0.87
C TRP C 106 -14.98 -12.82 -0.09
N ASP C 107 -14.55 -11.78 0.62
CA ASP C 107 -15.34 -10.59 0.98
C ASP C 107 -15.01 -9.43 0.03
N GLN C 108 -13.72 -9.18 -0.22
CA GLN C 108 -13.24 -8.17 -1.16
C GLN C 108 -13.76 -8.35 -2.59
N SER C 109 -14.01 -9.57 -3.04
CA SER C 109 -14.61 -9.83 -4.36
C SER C 109 -16.07 -9.37 -4.52
N LEU C 110 -16.75 -8.91 -3.46
CA LEU C 110 -18.07 -8.25 -3.56
C LEU C 110 -17.98 -6.73 -3.76
N LYS C 111 -16.83 -6.12 -3.46
CA LYS C 111 -16.66 -4.66 -3.43
C LYS C 111 -17.10 -3.90 -4.68
N PRO C 112 -16.86 -4.35 -5.93
CA PRO C 112 -17.27 -3.58 -7.09
C PRO C 112 -18.76 -3.65 -7.43
N CYS C 113 -19.53 -4.57 -6.84
CA CYS C 113 -20.85 -4.96 -7.32
C CYS C 113 -22.01 -4.17 -6.72
N VAL C 114 -23.22 -4.33 -7.28
CA VAL C 114 -24.40 -3.56 -6.90
C VAL C 114 -24.89 -3.87 -5.47
N LYS C 115 -25.12 -2.82 -4.69
CA LYS C 115 -25.83 -2.86 -3.41
C LYS C 115 -27.33 -2.93 -3.65
N LEU C 116 -28.02 -3.89 -3.04
CA LEU C 116 -29.47 -4.05 -3.16
C LEU C 116 -30.26 -3.16 -2.18
N THR C 117 -29.69 -2.07 -1.66
CA THR C 117 -30.40 -1.16 -0.75
C THR C 117 -31.72 -0.64 -1.34
N PRO C 118 -31.83 -0.30 -2.64
CA PRO C 118 -33.10 0.13 -3.22
C PRO C 118 -34.17 -0.97 -3.34
N LEU C 119 -33.84 -2.22 -2.98
CA LEU C 119 -34.74 -3.37 -2.99
C LEU C 119 -35.37 -3.66 -1.62
N CYS C 120 -34.92 -3.04 -0.53
CA CYS C 120 -35.59 -3.12 0.78
C CYS C 120 -36.90 -2.34 0.77
N VAL C 121 -37.92 -2.91 0.14
CA VAL C 121 -39.19 -2.25 -0.20
C VAL C 121 -40.34 -3.08 0.35
N THR C 122 -41.49 -2.47 0.62
CA THR C 122 -42.67 -3.20 1.06
C THR C 122 -43.10 -4.15 -0.05
N LEU C 123 -42.96 -5.44 0.20
CA LEU C 123 -42.98 -6.47 -0.82
C LEU C 123 -44.27 -7.25 -0.67
N ILE C 124 -45.14 -7.23 -1.69
CA ILE C 124 -46.48 -7.81 -1.62
C ILE C 124 -46.54 -9.09 -2.45
N CYS C 125 -46.96 -10.19 -1.84
CA CYS C 125 -46.71 -11.54 -2.36
C CYS C 125 -47.92 -12.49 -2.32
N SER C 126 -47.93 -13.44 -3.24
CA SER C 126 -48.93 -14.50 -3.43
C SER C 126 -48.25 -15.81 -3.82
N ASP C 127 -48.99 -16.92 -3.82
CA ASP C 127 -48.43 -18.23 -4.18
C ASP C 127 -47.97 -18.28 -5.64
N ALA C 128 -46.81 -18.88 -5.90
CA ALA C 128 -46.29 -19.03 -7.25
C ALA C 128 -46.98 -20.18 -7.98
N THR C 129 -47.41 -19.96 -9.22
CA THR C 129 -47.99 -21.04 -10.04
C THR C 129 -47.72 -20.92 -11.53
N VAL C 130 -47.20 -22.01 -12.09
CA VAL C 130 -47.16 -22.32 -13.52
C VAL C 130 -48.46 -23.03 -13.87
N LYS C 131 -48.92 -23.05 -15.14
CA LYS C 131 -50.13 -23.80 -15.54
C LYS C 131 -50.09 -25.28 -15.13
N THR C 132 -48.88 -25.85 -15.00
CA THR C 132 -48.61 -27.22 -14.55
C THR C 132 -48.80 -27.45 -13.04
N GLY C 133 -48.81 -26.41 -12.20
CA GLY C 133 -49.04 -26.53 -10.76
C GLY C 133 -48.53 -25.36 -9.91
N THR C 134 -48.75 -25.45 -8.61
CA THR C 134 -48.13 -24.57 -7.61
C THR C 134 -46.75 -25.07 -7.20
N VAL C 135 -45.84 -24.14 -6.92
CA VAL C 135 -44.52 -24.44 -6.35
C VAL C 135 -44.55 -24.01 -4.89
N GLU C 136 -44.32 -24.94 -3.96
CA GLU C 136 -44.43 -24.64 -2.53
C GLU C 136 -43.17 -23.99 -1.97
N GLU C 137 -42.02 -24.18 -2.62
CA GLU C 137 -40.73 -23.64 -2.19
C GLU C 137 -40.57 -22.13 -2.50
N MET C 138 -41.44 -21.55 -3.33
CA MET C 138 -41.32 -20.17 -3.81
C MET C 138 -42.58 -19.35 -3.62
N LYS C 139 -42.43 -18.07 -3.29
CA LYS C 139 -43.49 -17.07 -3.39
C LYS C 139 -43.30 -16.24 -4.65
N ASN C 140 -44.38 -15.60 -5.09
CA ASN C 140 -44.38 -14.61 -6.15
C ASN C 140 -44.57 -13.24 -5.50
N CYS C 141 -43.61 -12.34 -5.63
CA CYS C 141 -43.62 -11.04 -4.97
C CYS C 141 -43.53 -9.88 -5.95
N SER C 142 -44.20 -8.79 -5.62
CA SER C 142 -44.36 -7.57 -6.42
C SER C 142 -43.95 -6.35 -5.60
N PHE C 143 -43.27 -5.40 -6.24
CA PHE C 143 -42.67 -4.24 -5.59
C PHE C 143 -42.50 -3.06 -6.56
N ASN C 144 -42.09 -1.90 -6.03
CA ASN C 144 -41.78 -0.69 -6.80
C ASN C 144 -40.26 -0.46 -6.87
N THR C 145 -39.71 -0.24 -8.08
CA THR C 145 -38.27 -0.03 -8.31
C THR C 145 -37.96 1.33 -8.91
N THR C 146 -36.77 1.86 -8.62
CA THR C 146 -36.26 3.13 -9.15
C THR C 146 -35.62 2.96 -10.53
N THR C 147 -35.87 3.89 -11.46
CA THR C 147 -35.24 3.92 -12.80
C THR C 147 -34.06 4.92 -12.84
N GLU C 148 -33.22 5.01 -13.89
CA GLU C 148 -32.22 6.09 -13.97
C GLU C 148 -32.87 7.50 -14.03
N ILE C 149 -34.14 7.60 -14.44
CA ILE C 149 -35.00 8.74 -14.17
C ILE C 149 -35.64 8.58 -12.77
N ARG C 150 -35.03 9.20 -11.75
CA ARG C 150 -35.35 9.07 -10.31
C ARG C 150 -36.80 9.40 -9.93
N ASP C 151 -37.44 10.33 -10.63
CA ASP C 151 -38.76 10.87 -10.28
C ASP C 151 -39.95 9.97 -10.68
N LYS C 152 -39.71 8.84 -11.35
CA LYS C 152 -40.72 7.83 -11.72
C LYS C 152 -40.34 6.48 -11.11
N GLU C 153 -41.34 5.68 -10.75
CA GLU C 153 -41.17 4.36 -10.16
C GLU C 153 -41.96 3.31 -10.94
N LYS C 154 -41.40 2.11 -11.12
CA LYS C 154 -42.00 1.04 -11.91
C LYS C 154 -42.46 -0.14 -11.07
N LYS C 155 -43.70 -0.61 -11.28
CA LYS C 155 -44.28 -1.82 -10.68
C LYS C 155 -43.68 -3.06 -11.34
N GLU C 156 -43.09 -3.95 -10.56
CA GLU C 156 -42.26 -5.05 -11.07
C GLU C 156 -42.35 -6.29 -10.16
N TYR C 157 -42.07 -7.50 -10.67
CA TYR C 157 -42.24 -8.76 -9.93
C TYR C 157 -41.08 -9.74 -10.08
N ALA C 158 -40.88 -10.56 -9.05
CA ALA C 158 -39.89 -11.63 -9.01
C ALA C 158 -40.38 -12.81 -8.17
N LEU C 159 -39.95 -14.02 -8.51
CA LEU C 159 -40.12 -15.18 -7.65
C LEU C 159 -38.97 -15.22 -6.64
N PHE C 160 -39.26 -15.49 -5.38
CA PHE C 160 -38.24 -15.66 -4.34
C PHE C 160 -38.44 -16.96 -3.60
N TYR C 161 -37.33 -17.60 -3.22
CA TYR C 161 -37.31 -18.80 -2.41
C TYR C 161 -37.72 -18.48 -0.97
N LYS C 162 -38.64 -19.27 -0.41
CA LYS C 162 -39.28 -19.00 0.88
C LYS C 162 -38.31 -18.70 2.03
N PRO C 163 -37.19 -19.40 2.21
CA PRO C 163 -36.28 -19.11 3.32
C PRO C 163 -35.60 -17.73 3.33
N ASP C 164 -35.72 -16.89 2.30
CA ASP C 164 -35.16 -15.53 2.27
C ASP C 164 -36.18 -14.39 2.50
N ILE C 165 -37.45 -14.72 2.69
CA ILE C 165 -38.56 -13.79 2.90
C ILE C 165 -39.11 -13.88 4.33
N VAL C 166 -39.35 -12.76 5.01
CA VAL C 166 -39.87 -12.71 6.40
C VAL C 166 -41.16 -11.86 6.50
N PRO C 167 -42.18 -12.29 7.25
CA PRO C 167 -43.46 -11.58 7.36
C PRO C 167 -43.38 -10.35 8.25
N LEU C 168 -44.05 -9.26 7.85
CA LEU C 168 -43.72 -7.91 8.30
C LEU C 168 -44.50 -7.42 9.53
N SER C 169 -45.65 -8.01 9.83
CA SER C 169 -46.39 -7.77 11.07
C SER C 169 -47.16 -9.03 11.49
N GLU C 170 -47.30 -9.25 12.80
CA GLU C 170 -48.10 -10.33 13.37
C GLU C 170 -49.61 -10.06 13.34
N THR C 171 -50.05 -8.83 13.01
CA THR C 171 -51.42 -8.36 13.27
C THR C 171 -52.53 -9.19 12.60
N ASN C 172 -52.29 -9.66 11.37
CA ASN C 172 -53.19 -10.53 10.59
C ASN C 172 -52.39 -11.41 9.61
N ASN C 173 -52.95 -12.56 9.22
CA ASN C 173 -52.44 -13.37 8.11
C ASN C 173 -52.61 -12.58 6.80
N THR C 174 -51.48 -12.16 6.20
CA THR C 174 -51.42 -11.08 5.21
C THR C 174 -50.37 -11.32 4.12
N SER C 175 -50.53 -10.64 2.99
CA SER C 175 -49.66 -10.71 1.81
C SER C 175 -48.40 -9.85 1.89
N GLU C 176 -48.08 -9.26 3.03
CA GLU C 176 -47.02 -8.25 3.17
C GLU C 176 -45.75 -8.81 3.82
N TYR C 177 -44.61 -8.64 3.15
CA TYR C 177 -43.34 -9.27 3.47
C TYR C 177 -42.13 -8.34 3.26
N ARG C 178 -40.96 -8.80 3.67
CA ARG C 178 -39.68 -8.08 3.66
C ARG C 178 -38.52 -9.02 3.38
N LEU C 179 -37.46 -8.55 2.70
CA LEU C 179 -36.22 -9.31 2.50
C LEU C 179 -35.49 -9.46 3.83
N ILE C 180 -35.02 -10.67 4.15
CA ILE C 180 -34.53 -11.00 5.50
C ILE C 180 -33.36 -10.15 5.99
N ASN C 181 -32.46 -9.72 5.10
CA ASN C 181 -31.30 -8.92 5.47
C ASN C 181 -31.63 -7.49 5.91
N CYS C 182 -32.78 -6.94 5.52
CA CYS C 182 -33.09 -5.50 5.63
C CYS C 182 -33.33 -5.00 7.07
N ASN C 183 -33.01 -5.78 8.11
CA ASN C 183 -32.91 -5.34 9.49
C ASN C 183 -31.49 -5.47 10.10
N THR C 184 -30.48 -5.82 9.30
CA THR C 184 -29.14 -6.16 9.80
C THR C 184 -28.04 -5.61 8.90
N SER C 185 -28.09 -5.86 7.59
CA SER C 185 -27.06 -5.47 6.62
C SER C 185 -27.65 -5.20 5.24
N ALA C 186 -27.01 -4.33 4.46
CA ALA C 186 -27.36 -4.17 3.05
C ALA C 186 -26.57 -5.17 2.21
N CYS C 187 -27.24 -6.06 1.47
CA CYS C 187 -26.54 -7.08 0.72
C CYS C 187 -26.01 -6.58 -0.62
N THR C 188 -24.94 -7.21 -1.08
CA THR C 188 -24.35 -6.99 -2.39
C THR C 188 -24.56 -8.21 -3.28
N GLN C 189 -25.02 -7.99 -4.51
CA GLN C 189 -25.10 -9.04 -5.52
C GLN C 189 -23.69 -9.45 -5.95
N ALA C 190 -23.42 -10.72 -6.19
CA ALA C 190 -22.16 -11.12 -6.82
C ALA C 190 -22.19 -10.80 -8.32
N CYS C 191 -21.19 -10.10 -8.84
CA CYS C 191 -21.13 -9.74 -10.26
C CYS C 191 -21.05 -11.01 -11.14
N PRO C 192 -21.93 -11.20 -12.14
CA PRO C 192 -21.98 -12.45 -12.90
C PRO C 192 -20.72 -12.87 -13.68
N LYS C 193 -19.72 -12.00 -13.85
CA LYS C 193 -18.39 -12.38 -14.39
C LYS C 193 -17.62 -13.31 -13.45
N VAL C 194 -17.73 -13.10 -12.14
CA VAL C 194 -17.06 -13.88 -11.10
C VAL C 194 -17.64 -15.30 -11.06
N THR C 195 -16.82 -16.29 -10.74
CA THR C 195 -17.25 -17.67 -10.52
C THR C 195 -16.58 -18.28 -9.29
N PHE C 196 -17.34 -19.12 -8.60
CA PHE C 196 -17.01 -19.68 -7.29
C PHE C 196 -16.41 -21.09 -7.38
N GLU C 197 -16.26 -21.67 -8.58
CA GLU C 197 -15.69 -23.01 -8.73
C GLU C 197 -14.30 -23.06 -8.09
N PRO C 198 -14.02 -23.96 -7.13
CA PRO C 198 -12.73 -23.98 -6.46
C PRO C 198 -11.59 -24.33 -7.44
N ILE C 199 -10.71 -23.37 -7.72
CA ILE C 199 -9.41 -23.61 -8.36
C ILE C 199 -8.45 -24.19 -7.31
N PRO C 200 -7.54 -25.11 -7.63
CA PRO C 200 -6.56 -25.57 -6.66
C PRO C 200 -5.56 -24.46 -6.31
N ILE C 201 -5.38 -24.20 -5.02
CA ILE C 201 -4.49 -23.18 -4.46
C ILE C 201 -3.23 -23.84 -3.92
N HIS C 202 -2.07 -23.26 -4.21
CA HIS C 202 -0.80 -23.69 -3.64
C HIS C 202 -0.30 -22.67 -2.63
N TYR C 203 0.25 -23.11 -1.50
CA TYR C 203 0.97 -22.23 -0.59
C TYR C 203 2.46 -22.51 -0.66
N CYS C 204 3.27 -21.46 -0.74
CA CYS C 204 4.72 -21.57 -0.87
C CYS C 204 5.47 -20.81 0.24
N ALA C 205 6.66 -21.29 0.58
CA ALA C 205 7.53 -20.63 1.56
C ALA C 205 8.30 -19.42 0.98
N PRO C 206 8.36 -18.28 1.66
CA PRO C 206 9.27 -17.20 1.29
C PRO C 206 10.73 -17.56 1.60
N ALA C 207 11.68 -16.79 1.06
CA ALA C 207 13.10 -17.08 1.22
C ALA C 207 13.54 -17.12 2.69
N GLY C 208 14.35 -18.10 3.10
CA GLY C 208 14.73 -18.27 4.50
C GLY C 208 13.74 -19.09 5.35
N TYR C 209 12.70 -19.63 4.72
CA TYR C 209 11.73 -20.53 5.31
C TYR C 209 11.55 -21.79 4.45
N ALA C 210 10.98 -22.84 5.01
CA ALA C 210 10.69 -24.07 4.30
C ALA C 210 9.40 -24.72 4.80
N ILE C 211 8.84 -25.59 3.97
CA ILE C 211 7.71 -26.46 4.31
C ILE C 211 8.21 -27.89 4.39
N LEU C 212 7.87 -28.57 5.48
CA LEU C 212 8.15 -29.97 5.72
C LEU C 212 6.85 -30.76 5.71
N LYS C 213 6.91 -32.00 5.21
CA LYS C 213 5.78 -32.85 4.85
C LYS C 213 5.95 -34.26 5.42
N CYS C 214 4.95 -34.83 6.09
CA CYS C 214 5.00 -36.24 6.51
C CYS C 214 4.50 -37.18 5.43
N ASN C 215 5.32 -38.16 5.05
CA ASN C 215 4.94 -39.22 4.14
C ASN C 215 4.32 -40.44 4.85
N ASP C 216 4.40 -40.51 6.18
CA ASP C 216 4.08 -41.72 6.93
C ASP C 216 2.61 -42.10 6.84
N GLU C 217 2.31 -43.37 6.62
CA GLU C 217 0.94 -43.87 6.61
C GLU C 217 0.32 -43.80 8.01
N THR C 218 -0.96 -43.45 8.11
CA THR C 218 -1.69 -43.41 9.39
C THR C 218 -1.05 -42.50 10.45
N PHE C 219 -0.69 -41.28 10.05
CA PHE C 219 0.00 -40.32 10.92
C PHE C 219 -0.78 -39.90 12.18
N ASN C 220 -2.11 -40.08 12.24
CA ASN C 220 -2.92 -39.77 13.43
C ASN C 220 -2.90 -38.27 13.81
N GLY C 221 -2.51 -37.39 12.89
CA GLY C 221 -2.60 -35.93 13.01
C GLY C 221 -1.65 -35.26 14.02
N THR C 222 -0.96 -36.02 14.88
CA THR C 222 -0.07 -35.46 15.89
C THR C 222 1.02 -36.45 16.31
N GLY C 223 2.14 -35.95 16.81
CA GLY C 223 3.21 -36.75 17.42
C GLY C 223 4.44 -36.96 16.52
N PRO C 224 5.34 -37.88 16.91
CA PRO C 224 6.61 -38.05 16.24
C PRO C 224 6.44 -38.76 14.89
N CYS C 225 7.03 -38.20 13.85
CA CYS C 225 6.93 -38.65 12.48
C CYS C 225 8.30 -39.00 11.89
N SER C 226 8.34 -39.96 10.97
CA SER C 226 9.52 -40.42 10.26
C SER C 226 9.20 -40.56 8.76
N ASN C 227 10.23 -40.55 7.92
CA ASN C 227 10.12 -40.25 6.49
C ASN C 227 9.45 -38.89 6.21
N VAL C 228 10.18 -37.81 6.50
CA VAL C 228 9.81 -36.43 6.15
C VAL C 228 10.40 -36.04 4.79
N SER C 229 9.73 -35.14 4.07
CA SER C 229 10.23 -34.51 2.85
C SER C 229 10.16 -33.00 2.99
N THR C 230 10.97 -32.27 2.22
CA THR C 230 10.79 -30.84 2.01
C THR C 230 10.27 -30.55 0.61
N VAL C 231 9.38 -29.58 0.51
CA VAL C 231 8.75 -29.17 -0.75
C VAL C 231 8.61 -27.67 -0.73
N GLN C 232 8.94 -26.97 -1.81
CA GLN C 232 8.91 -25.50 -1.83
C GLN C 232 7.49 -24.92 -1.79
N CYS C 233 6.51 -25.71 -2.21
CA CYS C 233 5.09 -25.39 -2.17
C CYS C 233 4.27 -26.63 -1.84
N THR C 234 3.08 -26.45 -1.27
CA THR C 234 2.12 -27.54 -1.05
C THR C 234 1.56 -28.08 -2.35
N HIS C 235 0.92 -29.26 -2.32
CA HIS C 235 0.03 -29.67 -3.41
C HIS C 235 -1.17 -28.73 -3.51
N GLY C 236 -2.04 -28.93 -4.49
CA GLY C 236 -3.23 -28.11 -4.63
C GLY C 236 -4.20 -28.38 -3.48
N ILE C 237 -4.58 -27.36 -2.74
CA ILE C 237 -5.69 -27.41 -1.79
C ILE C 237 -6.86 -26.74 -2.49
N ARG C 238 -7.97 -27.46 -2.68
CA ARG C 238 -9.20 -26.88 -3.19
C ARG C 238 -9.88 -26.15 -2.05
N PRO C 239 -10.21 -24.85 -2.17
CA PRO C 239 -10.85 -24.06 -1.12
C PRO C 239 -12.36 -24.36 -0.99
N VAL C 240 -12.75 -25.64 -1.07
CA VAL C 240 -14.14 -26.10 -1.04
C VAL C 240 -14.79 -25.90 0.33
N VAL C 241 -16.01 -25.39 0.35
CA VAL C 241 -16.79 -25.10 1.55
C VAL C 241 -18.01 -26.00 1.61
N SER C 242 -18.11 -26.82 2.65
CA SER C 242 -19.26 -27.69 2.94
C SER C 242 -19.34 -28.00 4.43
N THR C 243 -20.50 -28.40 4.96
CA THR C 243 -20.74 -28.39 6.43
C THR C 243 -20.74 -29.74 7.14
N GLN C 244 -21.10 -30.85 6.49
CA GLN C 244 -21.13 -32.18 7.15
C GLN C 244 -20.30 -33.23 6.42
N LEU C 245 -20.39 -33.27 5.10
CA LEU C 245 -19.57 -34.10 4.23
C LEU C 245 -18.52 -33.25 3.54
N LEU C 246 -17.27 -33.67 3.54
CA LEU C 246 -16.19 -33.04 2.79
C LEU C 246 -16.24 -33.51 1.34
N LEU C 247 -16.53 -32.60 0.42
CA LEU C 247 -16.58 -32.86 -1.01
C LEU C 247 -15.24 -32.56 -1.71
N ASN C 248 -14.86 -33.36 -2.70
CA ASN C 248 -13.70 -33.21 -3.59
C ASN C 248 -12.34 -33.05 -2.91
N GLY C 249 -12.18 -33.48 -1.67
CA GLY C 249 -10.89 -33.45 -0.97
C GLY C 249 -9.91 -34.52 -1.44
N SER C 250 -8.64 -34.39 -1.09
CA SER C 250 -7.60 -35.38 -1.39
C SER C 250 -7.85 -36.68 -0.62
N LEU C 251 -7.76 -37.86 -1.24
CA LEU C 251 -8.14 -39.13 -0.60
C LEU C 251 -7.12 -39.65 0.42
N ALA C 252 -7.53 -40.56 1.30
CA ALA C 252 -6.60 -41.25 2.21
C ALA C 252 -5.78 -42.31 1.48
N GLU C 253 -4.54 -42.55 1.91
CA GLU C 253 -3.56 -43.23 1.07
C GLU C 253 -3.62 -44.77 1.11
N LYS C 254 -3.95 -45.38 2.25
CA LYS C 254 -4.04 -46.86 2.37
C LYS C 254 -5.18 -47.42 3.23
N GLU C 255 -5.65 -46.68 4.23
CA GLU C 255 -6.70 -47.11 5.17
C GLU C 255 -7.37 -45.90 5.83
N ILE C 256 -8.56 -46.07 6.40
CA ILE C 256 -9.33 -44.94 6.94
C ILE C 256 -8.60 -44.34 8.14
N VAL C 257 -8.40 -43.04 8.14
CA VAL C 257 -7.73 -42.32 9.23
C VAL C 257 -8.74 -41.51 10.02
N ILE C 258 -8.71 -41.63 11.35
CA ILE C 258 -9.62 -40.95 12.28
C ILE C 258 -8.83 -39.98 13.14
N ARG C 259 -9.17 -38.69 13.14
CA ARG C 259 -8.37 -37.63 13.75
C ARG C 259 -9.18 -36.74 14.68
N SER C 260 -8.69 -36.46 15.88
CA SER C 260 -9.18 -35.39 16.76
C SER C 260 -8.15 -35.07 17.83
N GLU C 261 -8.26 -33.94 18.51
CA GLU C 261 -7.33 -33.59 19.59
C GLU C 261 -7.30 -34.62 20.73
N ASN C 262 -8.47 -35.12 21.13
CA ASN C 262 -8.67 -35.97 22.30
C ASN C 262 -10.00 -36.70 22.19
N LEU C 263 -10.02 -37.93 21.66
CA LEU C 263 -11.27 -38.67 21.44
C LEU C 263 -12.13 -38.84 22.70
N THR C 264 -11.54 -38.77 23.90
CA THR C 264 -12.33 -38.89 25.13
C THR C 264 -13.21 -37.67 25.38
N ASN C 265 -12.80 -36.49 24.91
CA ASN C 265 -13.53 -35.25 25.09
C ASN C 265 -14.65 -35.12 24.04
N ASN C 266 -15.90 -35.17 24.47
CA ASN C 266 -17.07 -35.07 23.59
C ASN C 266 -17.15 -33.72 22.83
N ALA C 267 -16.53 -32.65 23.33
CA ALA C 267 -16.59 -31.32 22.75
C ALA C 267 -15.69 -31.10 21.51
N LYS C 268 -14.93 -32.10 21.06
CA LYS C 268 -13.98 -32.00 19.94
C LYS C 268 -14.48 -32.72 18.69
N ILE C 269 -14.40 -32.05 17.53
CA ILE C 269 -14.77 -32.59 16.22
C ILE C 269 -13.89 -33.78 15.88
N ILE C 270 -14.45 -34.80 15.25
CA ILE C 270 -13.70 -35.90 14.67
C ILE C 270 -13.70 -35.74 13.16
N ILE C 271 -12.51 -35.74 12.55
CA ILE C 271 -12.34 -35.76 11.11
C ILE C 271 -12.12 -37.22 10.70
N VAL C 272 -12.88 -37.71 9.73
CA VAL C 272 -12.71 -39.07 9.20
C VAL C 272 -12.39 -38.98 7.73
N HIS C 273 -11.31 -39.63 7.30
CA HIS C 273 -10.74 -39.48 5.97
C HIS C 273 -10.79 -40.81 5.21
N LEU C 274 -11.55 -40.87 4.11
CA LEU C 274 -11.88 -42.13 3.43
C LEU C 274 -10.85 -42.58 2.41
N HIS C 275 -10.74 -43.91 2.24
CA HIS C 275 -9.82 -44.54 1.29
C HIS C 275 -10.46 -44.77 -0.09
N THR C 276 -11.64 -45.36 -0.13
CA THR C 276 -12.43 -45.55 -1.35
C THR C 276 -13.59 -44.54 -1.39
N PRO C 277 -13.75 -43.72 -2.45
CA PRO C 277 -14.77 -42.70 -2.49
C PRO C 277 -16.20 -43.25 -2.56
N VAL C 278 -17.17 -42.40 -2.24
CA VAL C 278 -18.56 -42.55 -2.66
C VAL C 278 -18.98 -41.29 -3.40
N GLU C 279 -19.73 -41.45 -4.48
CA GLU C 279 -20.01 -40.36 -5.42
C GLU C 279 -21.43 -39.82 -5.24
N ILE C 280 -21.56 -38.51 -5.07
CA ILE C 280 -22.84 -37.83 -4.87
C ILE C 280 -23.18 -37.03 -6.12
N VAL C 281 -24.38 -37.22 -6.64
CA VAL C 281 -24.97 -36.42 -7.72
C VAL C 281 -26.11 -35.61 -7.15
N CYS C 282 -26.12 -34.31 -7.44
CA CYS C 282 -27.13 -33.37 -6.93
C CYS C 282 -27.69 -32.51 -8.06
N THR C 283 -28.95 -32.12 -7.97
CA THR C 283 -29.59 -31.36 -9.04
C THR C 283 -30.67 -30.40 -8.58
N ARG C 284 -30.83 -29.29 -9.32
CA ARG C 284 -32.10 -28.58 -9.44
C ARG C 284 -32.73 -29.04 -10.74
N PRO C 285 -33.84 -29.80 -10.72
CA PRO C 285 -34.34 -30.46 -11.90
C PRO C 285 -35.25 -29.58 -12.75
N ASN C 286 -35.75 -28.47 -12.21
CA ASN C 286 -36.72 -27.59 -12.86
C ASN C 286 -36.03 -26.37 -13.48
N ASN C 287 -36.44 -26.00 -14.70
CA ASN C 287 -35.87 -24.91 -15.48
C ASN C 287 -36.43 -23.55 -15.06
N ASN C 288 -35.55 -22.68 -14.56
CA ASN C 288 -35.87 -21.31 -14.16
C ASN C 288 -35.42 -20.33 -15.24
N THR C 289 -36.30 -19.42 -15.64
CA THR C 289 -35.97 -18.29 -16.52
C THR C 289 -35.49 -17.11 -15.70
N ARG C 290 -34.57 -16.31 -16.24
CA ARG C 290 -33.95 -15.17 -15.56
C ARG C 290 -34.39 -13.84 -16.16
N LYS C 291 -34.69 -12.85 -15.30
CA LYS C 291 -35.04 -11.48 -15.72
C LYS C 291 -34.18 -10.43 -15.02
N SER C 292 -33.91 -9.35 -15.72
CA SER C 292 -33.09 -8.24 -15.25
C SER C 292 -33.96 -7.04 -14.96
N VAL C 293 -33.84 -6.51 -13.75
CA VAL C 293 -34.60 -5.37 -13.23
C VAL C 293 -33.70 -4.16 -13.14
N ARG C 294 -34.17 -3.01 -13.60
CA ARG C 294 -33.48 -1.72 -13.44
C ARG C 294 -33.60 -1.25 -11.99
N ILE C 295 -32.52 -0.78 -11.40
CA ILE C 295 -32.44 -0.42 -9.98
C ILE C 295 -31.56 0.82 -9.79
N GLY C 296 -32.00 1.93 -10.38
CA GLY C 296 -31.24 3.19 -10.48
C GLY C 296 -30.31 3.27 -11.71
N PRO C 297 -29.38 4.24 -11.74
CA PRO C 297 -28.43 4.41 -12.84
C PRO C 297 -27.40 3.29 -12.92
N GLY C 298 -27.26 2.68 -14.09
CA GLY C 298 -26.21 1.70 -14.45
C GLY C 298 -26.35 0.31 -13.82
N GLN C 299 -26.77 0.25 -12.56
CA GLN C 299 -26.97 -0.95 -11.77
C GLN C 299 -28.15 -1.81 -12.25
N THR C 300 -28.05 -3.14 -12.16
CA THR C 300 -29.15 -4.06 -12.46
C THR C 300 -29.18 -5.30 -11.57
N PHE C 301 -30.39 -5.76 -11.26
CA PHE C 301 -30.69 -6.85 -10.35
C PHE C 301 -31.20 -8.06 -11.12
N TYR C 302 -30.64 -9.24 -10.88
CA TYR C 302 -31.07 -10.47 -11.54
C TYR C 302 -31.91 -11.33 -10.60
N ALA C 303 -33.08 -11.76 -11.04
CA ALA C 303 -34.02 -12.55 -10.25
C ALA C 303 -34.79 -13.57 -11.10
N THR C 304 -35.40 -14.57 -10.46
CA THR C 304 -36.14 -15.64 -11.13
C THR C 304 -37.48 -15.13 -11.64
N GLY C 305 -37.76 -15.30 -12.92
CA GLY C 305 -38.97 -14.77 -13.57
C GLY C 305 -40.12 -15.75 -13.65
N ASP C 306 -39.88 -16.90 -14.26
CA ASP C 306 -40.88 -17.95 -14.51
C ASP C 306 -40.23 -19.33 -14.57
N ILE C 307 -41.00 -20.38 -14.28
CA ILE C 307 -40.55 -21.78 -14.26
C ILE C 307 -41.18 -22.52 -15.44
N ILE C 308 -40.39 -23.25 -16.23
CA ILE C 308 -40.77 -23.55 -17.62
C ILE C 308 -41.90 -24.57 -17.81
N GLY C 309 -42.03 -25.59 -16.95
CA GLY C 309 -42.82 -26.77 -17.26
C GLY C 309 -43.06 -27.70 -16.07
N ASP C 310 -42.47 -28.89 -16.08
CA ASP C 310 -42.53 -29.83 -14.97
C ASP C 310 -41.85 -29.28 -13.70
N ILE C 311 -42.33 -29.67 -12.52
CA ILE C 311 -41.77 -29.27 -11.23
C ILE C 311 -41.48 -30.48 -10.33
N LYS C 312 -40.30 -30.52 -9.71
CA LYS C 312 -39.86 -31.53 -8.74
C LYS C 312 -38.83 -30.92 -7.79
N GLN C 313 -38.77 -31.35 -6.53
CA GLN C 313 -37.86 -30.73 -5.56
C GLN C 313 -36.37 -31.04 -5.83
N ALA C 314 -35.49 -30.12 -5.45
CA ALA C 314 -34.06 -30.31 -5.56
C ALA C 314 -33.58 -31.47 -4.68
N HIS C 315 -32.77 -32.36 -5.22
CA HIS C 315 -32.46 -33.64 -4.60
C HIS C 315 -31.08 -34.16 -4.98
N CYS C 316 -30.57 -35.10 -4.19
CA CYS C 316 -29.29 -35.78 -4.41
C CYS C 316 -29.41 -37.29 -4.23
N ASN C 317 -28.54 -38.06 -4.87
CA ASN C 317 -28.47 -39.50 -4.72
C ASN C 317 -27.07 -39.99 -4.35
N ILE C 318 -27.00 -41.02 -3.52
CA ILE C 318 -25.78 -41.77 -3.16
C ILE C 318 -26.10 -43.26 -3.30
N SER C 319 -25.18 -44.07 -3.82
CA SER C 319 -25.44 -45.49 -4.02
C SER C 319 -25.45 -46.22 -2.68
N GLU C 320 -26.55 -46.90 -2.37
CA GLU C 320 -26.85 -47.31 -0.99
C GLU C 320 -25.89 -48.36 -0.45
N GLU C 321 -25.46 -49.29 -1.30
CA GLU C 321 -24.54 -50.34 -0.91
C GLU C 321 -23.14 -49.77 -0.65
N LYS C 322 -22.65 -48.87 -1.50
CA LYS C 322 -21.34 -48.24 -1.30
C LYS C 322 -21.34 -47.33 -0.08
N TRP C 323 -22.45 -46.67 0.22
CA TRP C 323 -22.58 -45.95 1.48
C TRP C 323 -22.55 -46.90 2.66
N ASN C 324 -23.34 -47.97 2.64
CA ASN C 324 -23.37 -48.94 3.75
C ASN C 324 -21.98 -49.51 4.05
N ASP C 325 -21.29 -49.93 2.99
CA ASP C 325 -19.94 -50.45 3.08
C ASP C 325 -19.00 -49.42 3.70
N THR C 326 -19.09 -48.17 3.27
CA THR C 326 -18.28 -47.08 3.82
C THR C 326 -18.60 -46.84 5.29
N LEU C 327 -19.87 -46.80 5.65
CA LEU C 327 -20.30 -46.52 7.01
C LEU C 327 -19.89 -47.64 7.97
N GLN C 328 -19.88 -48.88 7.47
CA GLN C 328 -19.36 -50.04 8.17
C GLN C 328 -17.83 -49.99 8.30
N LYS C 329 -17.11 -49.65 7.23
CA LYS C 329 -15.65 -49.65 7.22
C LYS C 329 -15.09 -48.52 8.08
N VAL C 330 -15.75 -47.37 8.13
CA VAL C 330 -15.51 -46.35 9.17
C VAL C 330 -15.75 -46.96 10.54
N GLY C 331 -16.82 -47.72 10.70
CA GLY C 331 -17.20 -48.33 11.97
C GLY C 331 -16.09 -49.17 12.60
N ILE C 332 -15.49 -50.10 11.87
CA ILE C 332 -14.49 -50.99 12.46
C ILE C 332 -13.18 -50.25 12.84
N GLU C 333 -12.82 -49.16 12.17
CA GLU C 333 -11.73 -48.29 12.62
C GLU C 333 -12.13 -47.40 13.79
N LEU C 334 -13.38 -46.94 13.85
CA LEU C 334 -13.89 -46.13 14.94
C LEU C 334 -14.01 -46.94 16.24
N GLN C 335 -14.25 -48.25 16.14
CA GLN C 335 -14.34 -49.13 17.31
C GLN C 335 -13.04 -49.20 18.12
N LYS C 336 -11.88 -49.15 17.45
CA LYS C 336 -10.55 -49.37 18.05
C LYS C 336 -10.17 -48.35 19.13
N HIS C 337 -10.89 -47.24 19.23
CA HIS C 337 -10.72 -46.22 20.27
C HIS C 337 -11.74 -46.30 21.40
N PHE C 338 -12.71 -47.22 21.32
CA PHE C 338 -13.76 -47.48 22.31
C PHE C 338 -14.04 -49.00 22.34
N PRO C 339 -13.03 -49.84 22.61
CA PRO C 339 -12.98 -51.21 22.08
C PRO C 339 -14.18 -52.11 22.33
N ASN C 340 -14.75 -52.06 23.53
CA ASN C 340 -15.85 -52.95 23.93
C ASN C 340 -17.25 -52.44 23.56
N LYS C 341 -17.40 -51.16 23.20
CA LYS C 341 -18.71 -50.52 22.98
C LYS C 341 -19.21 -50.68 21.54
N THR C 342 -20.53 -50.83 21.37
CA THR C 342 -21.19 -50.78 20.05
C THR C 342 -21.36 -49.33 19.61
N ILE C 343 -21.46 -49.08 18.31
CA ILE C 343 -21.49 -47.71 17.75
C ILE C 343 -22.68 -47.52 16.81
N LYS C 344 -23.37 -46.38 16.90
CA LYS C 344 -24.57 -46.08 16.09
C LYS C 344 -24.67 -44.60 15.69
N TYR C 345 -25.27 -44.33 14.54
CA TYR C 345 -25.24 -43.04 13.86
C TYR C 345 -26.64 -42.42 13.81
N ASN C 346 -26.74 -41.10 13.98
CA ASN C 346 -28.01 -40.39 14.16
C ASN C 346 -27.97 -38.96 13.56
N GLN C 347 -29.09 -38.25 13.53
CA GLN C 347 -29.26 -36.90 12.97
C GLN C 347 -28.38 -35.86 13.66
N SER C 348 -28.20 -34.72 13.00
CA SER C 348 -27.54 -33.55 13.59
C SER C 348 -28.41 -32.87 14.66
N ALA C 349 -27.89 -31.84 15.31
CA ALA C 349 -28.46 -31.26 16.53
C ALA C 349 -29.82 -30.54 16.39
N GLY C 350 -30.31 -30.28 15.18
CA GLY C 350 -31.57 -29.56 14.94
C GLY C 350 -31.44 -28.03 15.06
N GLY C 351 -32.51 -27.32 14.75
CA GLY C 351 -32.56 -25.84 14.75
C GLY C 351 -32.30 -25.24 13.36
N ASP C 352 -31.43 -24.23 13.29
CA ASP C 352 -31.18 -23.44 12.09
C ASP C 352 -30.41 -24.21 10.99
N MET C 353 -30.84 -24.04 9.73
CA MET C 353 -30.37 -24.82 8.59
C MET C 353 -28.85 -24.85 8.46
N GLU C 354 -28.19 -23.72 8.67
CA GLU C 354 -26.76 -23.56 8.43
C GLU C 354 -25.86 -24.48 9.27
N ILE C 355 -26.32 -25.03 10.40
CA ILE C 355 -25.59 -26.07 11.15
C ILE C 355 -26.23 -27.45 11.02
N THR C 356 -27.56 -27.54 11.05
CA THR C 356 -28.23 -28.85 11.06
C THR C 356 -28.39 -29.51 9.70
N THR C 357 -27.79 -28.98 8.63
CA THR C 357 -27.95 -29.50 7.25
C THR C 357 -26.64 -29.48 6.47
N HIS C 358 -26.57 -30.26 5.40
CA HIS C 358 -25.45 -30.32 4.47
C HIS C 358 -25.50 -29.15 3.49
N SER C 359 -24.69 -28.12 3.71
CA SER C 359 -24.54 -27.03 2.76
C SER C 359 -23.44 -27.28 1.74
N PHE C 360 -23.63 -26.80 0.51
CA PHE C 360 -22.60 -26.70 -0.54
C PHE C 360 -23.05 -25.76 -1.66
N ASN C 361 -22.14 -25.33 -2.52
CA ASN C 361 -22.43 -24.52 -3.70
C ASN C 361 -22.23 -25.32 -4.99
N CYS C 362 -23.14 -25.16 -5.95
CA CYS C 362 -23.19 -25.96 -7.17
C CYS C 362 -23.71 -25.13 -8.33
N GLY C 363 -22.90 -24.96 -9.36
CA GLY C 363 -23.19 -24.09 -10.50
C GLY C 363 -23.27 -22.59 -10.17
N GLY C 364 -23.08 -22.21 -8.90
CA GLY C 364 -23.31 -20.87 -8.36
C GLY C 364 -24.57 -20.74 -7.50
N GLU C 365 -25.48 -21.73 -7.49
CA GLU C 365 -26.56 -21.78 -6.51
C GLU C 365 -26.08 -22.39 -5.19
N PHE C 366 -26.72 -22.06 -4.07
CA PHE C 366 -26.38 -22.61 -2.76
C PHE C 366 -27.46 -23.60 -2.32
N PHE C 367 -27.04 -24.83 -2.07
CA PHE C 367 -27.90 -25.94 -1.69
C PHE C 367 -27.73 -26.25 -0.20
N TYR C 368 -28.84 -26.51 0.47
CA TYR C 368 -28.88 -27.03 1.84
C TYR C 368 -29.72 -28.31 1.85
N CYS C 369 -29.16 -29.44 2.27
CA CYS C 369 -29.81 -30.75 2.19
C CYS C 369 -29.91 -31.47 3.53
N ASN C 370 -30.98 -32.25 3.70
CA ASN C 370 -31.31 -32.94 4.94
C ASN C 370 -30.71 -34.35 4.95
N THR C 371 -29.89 -34.67 5.96
CA THR C 371 -29.06 -35.88 5.98
C THR C 371 -29.60 -37.00 6.87
N SER C 372 -30.83 -36.90 7.38
CA SER C 372 -31.42 -37.92 8.25
C SER C 372 -31.49 -39.32 7.65
N ASN C 373 -31.67 -39.45 6.34
CA ASN C 373 -31.64 -40.74 5.66
C ASN C 373 -30.23 -41.38 5.63
N LEU C 374 -29.18 -40.57 5.64
CA LEU C 374 -27.81 -40.99 5.37
C LEU C 374 -27.07 -41.48 6.62
N PHE C 375 -27.17 -40.74 7.73
CA PHE C 375 -26.56 -41.09 9.01
C PHE C 375 -27.58 -41.79 9.93
N ASN C 376 -28.01 -43.00 9.56
CA ASN C 376 -28.99 -43.80 10.30
C ASN C 376 -28.62 -45.28 10.26
N GLY C 377 -28.02 -45.80 11.33
CA GLY C 377 -27.57 -47.20 11.39
C GLY C 377 -26.82 -47.56 12.67
N THR C 378 -26.47 -48.84 12.83
CA THR C 378 -25.79 -49.41 14.00
C THR C 378 -24.73 -50.42 13.55
N TYR C 379 -23.68 -50.61 14.34
CA TYR C 379 -22.63 -51.60 14.06
C TYR C 379 -22.11 -52.29 15.33
N ASN C 380 -21.87 -53.59 15.20
CA ASN C 380 -21.16 -54.41 16.19
C ASN C 380 -20.24 -55.47 15.55
N GLY C 381 -20.47 -55.90 14.31
CA GLY C 381 -19.57 -56.78 13.56
C GLY C 381 -20.15 -57.22 12.22
N THR C 382 -19.29 -57.55 11.25
CA THR C 382 -19.65 -58.15 9.95
C THR C 382 -20.70 -57.37 9.15
N SER C 394 -29.78 -50.14 -5.59
CA SER C 394 -30.55 -49.15 -4.85
C SER C 394 -29.75 -47.90 -4.54
N THR C 395 -30.42 -46.75 -4.47
CA THR C 395 -29.83 -45.47 -4.08
C THR C 395 -30.58 -44.88 -2.91
N ILE C 396 -29.85 -44.31 -1.96
CA ILE C 396 -30.44 -43.44 -0.94
C ILE C 396 -30.59 -42.05 -1.53
N THR C 397 -31.64 -41.34 -1.17
CA THR C 397 -31.92 -40.02 -1.72
C THR C 397 -32.12 -38.99 -0.62
N LEU C 398 -31.58 -37.81 -0.85
CA LEU C 398 -31.65 -36.67 0.04
C LEU C 398 -32.47 -35.58 -0.67
N GLN C 399 -33.27 -34.82 0.07
CA GLN C 399 -34.01 -33.69 -0.48
C GLN C 399 -33.61 -32.38 0.18
N CYS C 400 -33.66 -31.31 -0.60
CA CYS C 400 -32.91 -30.08 -0.36
C CYS C 400 -33.78 -28.82 -0.50
N ARG C 401 -33.30 -27.70 0.04
CA ARG C 401 -33.85 -26.37 -0.12
C ARG C 401 -32.77 -25.43 -0.64
N ILE C 402 -33.12 -24.48 -1.47
CA ILE C 402 -32.19 -23.51 -2.07
C ILE C 402 -32.39 -22.13 -1.45
N LYS C 403 -31.31 -21.41 -1.18
CA LYS C 403 -31.29 -20.03 -0.68
C LYS C 403 -30.50 -19.13 -1.61
N GLN C 404 -30.83 -17.85 -1.64
CA GLN C 404 -30.05 -16.85 -2.36
C GLN C 404 -29.31 -15.89 -1.43
N ILE C 405 -29.90 -15.48 -0.32
CA ILE C 405 -29.29 -14.56 0.62
C ILE C 405 -28.50 -15.35 1.66
N ILE C 406 -27.18 -15.25 1.62
CA ILE C 406 -26.27 -16.09 2.41
C ILE C 406 -25.23 -15.26 3.16
N ASN C 407 -25.02 -15.60 4.44
CA ASN C 407 -23.96 -15.06 5.27
C ASN C 407 -22.76 -16.03 5.23
N MET C 408 -21.68 -15.65 4.52
CA MET C 408 -20.70 -16.63 4.01
C MET C 408 -19.99 -17.45 5.08
N TRP C 409 -19.55 -16.82 6.18
CA TRP C 409 -18.87 -17.49 7.29
C TRP C 409 -19.13 -16.80 8.63
N GLN C 410 -19.86 -17.45 9.53
CA GLN C 410 -19.96 -17.13 10.95
C GLN C 410 -20.17 -15.63 11.30
N GLY C 411 -20.91 -14.90 10.47
CA GLY C 411 -21.18 -13.46 10.66
C GLY C 411 -19.98 -12.54 10.45
N VAL C 412 -18.84 -13.05 9.98
CA VAL C 412 -17.61 -12.28 9.75
C VAL C 412 -17.68 -11.45 8.46
N GLY C 413 -18.35 -11.93 7.42
CA GLY C 413 -18.44 -11.30 6.10
C GLY C 413 -19.77 -10.63 5.76
N ARG C 414 -19.82 -9.89 4.64
CA ARG C 414 -21.02 -9.27 4.07
C ARG C 414 -22.10 -10.30 3.72
N CYS C 415 -23.37 -9.90 3.69
CA CYS C 415 -24.42 -10.73 3.12
C CYS C 415 -24.39 -10.66 1.60
N MET C 416 -24.25 -11.83 0.97
CA MET C 416 -24.19 -11.97 -0.48
C MET C 416 -25.55 -12.43 -0.99
N TYR C 417 -26.01 -11.84 -2.09
CA TYR C 417 -27.11 -12.39 -2.87
C TYR C 417 -26.51 -13.19 -4.01
N ALA C 418 -26.82 -14.48 -4.06
CA ALA C 418 -26.41 -15.36 -5.14
C ALA C 418 -27.41 -15.22 -6.29
N PRO C 419 -26.99 -14.71 -7.45
CA PRO C 419 -27.92 -14.49 -8.56
C PRO C 419 -28.31 -15.82 -9.18
N PRO C 420 -29.53 -15.98 -9.68
CA PRO C 420 -30.00 -17.26 -10.21
C PRO C 420 -29.28 -17.63 -11.50
N ILE C 421 -29.02 -18.92 -11.68
CA ILE C 421 -28.43 -19.49 -12.91
C ILE C 421 -29.55 -20.15 -13.71
N ALA C 422 -29.64 -19.86 -15.01
CA ALA C 422 -30.74 -20.32 -15.86
C ALA C 422 -30.67 -21.82 -16.17
N GLY C 423 -31.81 -22.44 -16.44
CA GLY C 423 -31.89 -23.85 -16.83
C GLY C 423 -31.81 -24.83 -15.66
N ASN C 424 -31.72 -26.12 -15.96
CA ASN C 424 -31.42 -27.14 -14.96
C ASN C 424 -29.93 -27.13 -14.61
N ILE C 425 -29.59 -27.57 -13.40
CA ILE C 425 -28.22 -27.57 -12.87
C ILE C 425 -27.93 -28.95 -12.28
N THR C 426 -26.73 -29.47 -12.50
CA THR C 426 -26.26 -30.72 -11.89
C THR C 426 -24.80 -30.60 -11.44
N CYS C 427 -24.44 -31.32 -10.37
CA CYS C 427 -23.07 -31.47 -9.91
C CYS C 427 -22.76 -32.94 -9.64
N ARG C 428 -21.55 -33.39 -10.00
CA ARG C 428 -20.93 -34.66 -9.56
C ARG C 428 -19.82 -34.32 -8.59
N SER C 429 -19.77 -34.96 -7.42
CA SER C 429 -18.71 -34.74 -6.44
C SER C 429 -18.34 -36.04 -5.75
N ASN C 430 -17.12 -36.12 -5.23
CA ASN C 430 -16.68 -37.25 -4.44
C ASN C 430 -16.77 -36.89 -2.96
N ILE C 431 -17.43 -37.72 -2.15
CA ILE C 431 -17.38 -37.59 -0.70
C ILE C 431 -16.06 -38.18 -0.25
N THR C 432 -15.13 -37.33 0.14
CA THR C 432 -13.81 -37.71 0.65
C THR C 432 -13.80 -37.98 2.15
N GLY C 433 -14.68 -37.36 2.93
CA GLY C 433 -14.61 -37.47 4.39
C GLY C 433 -15.81 -36.94 5.15
N LEU C 434 -15.88 -37.26 6.42
CA LEU C 434 -17.01 -36.99 7.30
C LEU C 434 -16.55 -36.15 8.49
N LEU C 435 -17.37 -35.20 8.93
CA LEU C 435 -17.18 -34.52 10.20
C LEU C 435 -18.23 -34.99 11.19
N LEU C 436 -17.78 -35.46 12.35
CA LEU C 436 -18.60 -36.13 13.35
C LEU C 436 -18.36 -35.55 14.75
N THR C 437 -19.30 -35.82 15.64
CA THR C 437 -19.27 -35.49 17.07
C THR C 437 -20.03 -36.57 17.83
N ARG C 438 -19.64 -36.81 19.08
CA ARG C 438 -20.08 -37.96 19.88
C ARG C 438 -20.76 -37.47 21.14
N ASP C 439 -21.95 -37.96 21.45
CA ASP C 439 -22.76 -37.40 22.54
C ASP C 439 -22.08 -37.47 23.91
N THR C 442 -24.31 -39.54 30.41
CA THR C 442 -24.67 -40.50 29.36
C THR C 442 -26.04 -41.14 29.58
N ASN C 443 -26.73 -41.47 28.49
CA ASN C 443 -27.95 -42.28 28.50
C ASN C 443 -27.69 -43.79 28.43
N SER C 444 -26.43 -44.22 28.27
CA SER C 444 -26.06 -45.61 27.94
C SER C 444 -24.64 -45.96 28.40
N ASN C 445 -24.34 -47.25 28.51
CA ASN C 445 -22.99 -47.78 28.73
C ASN C 445 -22.49 -48.63 27.55
N GLU C 446 -23.37 -49.40 26.92
CA GLU C 446 -23.06 -50.31 25.81
C GLU C 446 -22.94 -49.64 24.44
N THR C 447 -23.39 -48.39 24.29
CA THR C 447 -23.52 -47.72 22.99
C THR C 447 -22.87 -46.34 22.95
N GLU C 448 -22.12 -46.04 21.89
CA GLU C 448 -21.69 -44.69 21.54
C GLU C 448 -22.49 -44.18 20.33
N THR C 449 -23.00 -42.95 20.44
CA THR C 449 -23.86 -42.30 19.44
C THR C 449 -23.14 -41.15 18.77
N PHE C 450 -23.09 -41.18 17.44
CA PHE C 450 -22.36 -40.20 16.61
C PHE C 450 -23.29 -39.41 15.69
N ARG C 451 -23.03 -38.11 15.55
CA ARG C 451 -23.87 -37.13 14.86
C ARG C 451 -23.06 -36.19 13.97
N PRO C 452 -23.55 -35.76 12.81
CA PRO C 452 -22.86 -34.79 11.98
C PRO C 452 -22.81 -33.40 12.62
N ALA C 453 -21.68 -32.73 12.47
CA ALA C 453 -21.46 -31.37 12.97
C ALA C 453 -20.33 -30.71 12.16
N GLY C 454 -20.19 -29.39 12.20
CA GLY C 454 -19.14 -28.69 11.47
C GLY C 454 -19.31 -27.18 11.48
N GLY C 455 -18.79 -26.50 10.47
CA GLY C 455 -19.05 -25.09 10.20
C GLY C 455 -18.10 -24.09 10.88
N ASP C 456 -17.26 -24.51 11.83
CA ASP C 456 -15.99 -23.83 12.06
C ASP C 456 -15.12 -24.17 10.86
N MET C 457 -15.09 -23.25 9.90
CA MET C 457 -14.63 -23.51 8.54
C MET C 457 -13.20 -24.06 8.48
N ARG C 458 -12.38 -23.75 9.50
CA ARG C 458 -11.01 -24.21 9.64
C ARG C 458 -10.89 -25.71 9.51
N ASP C 459 -11.87 -26.48 9.99
CA ASP C 459 -11.76 -27.93 9.99
C ASP C 459 -11.77 -28.55 8.59
N ASN C 460 -12.38 -27.91 7.59
CA ASN C 460 -12.25 -28.36 6.21
C ASN C 460 -10.83 -28.15 5.69
N TRP C 461 -10.23 -27.00 5.95
CA TRP C 461 -8.86 -26.70 5.52
C TRP C 461 -7.81 -27.44 6.32
N ARG C 462 -8.05 -27.74 7.60
CA ARG C 462 -7.23 -28.65 8.41
C ARG C 462 -7.13 -30.03 7.76
N SER C 463 -8.20 -30.54 7.16
CA SER C 463 -8.19 -31.85 6.54
C SER C 463 -7.25 -31.98 5.35
N GLU C 464 -6.96 -30.90 4.61
CA GLU C 464 -5.98 -30.91 3.53
C GLU C 464 -4.57 -30.59 4.01
N LEU C 465 -4.42 -29.92 5.15
CA LEU C 465 -3.16 -29.44 5.70
C LEU C 465 -2.67 -30.19 6.94
N TYR C 466 -3.16 -31.40 7.19
CA TYR C 466 -2.73 -32.20 8.34
C TYR C 466 -1.26 -32.60 8.29
N LYS C 467 -0.71 -32.74 7.08
CA LYS C 467 0.62 -33.29 6.82
C LYS C 467 1.76 -32.26 6.76
N TYR C 468 1.51 -30.99 7.05
CA TYR C 468 2.46 -29.90 6.77
C TYR C 468 2.90 -29.10 8.00
N LYS C 469 4.13 -28.59 7.96
CA LYS C 469 4.76 -27.76 8.99
C LYS C 469 5.63 -26.67 8.34
N VAL C 470 5.65 -25.46 8.89
CA VAL C 470 6.49 -24.34 8.44
C VAL C 470 7.66 -24.13 9.38
N VAL C 471 8.86 -23.96 8.87
CA VAL C 471 10.11 -23.76 9.65
C VAL C 471 10.96 -22.64 9.07
N LYS C 472 11.81 -22.04 9.90
CA LYS C 472 12.78 -20.99 9.54
C LYS C 472 14.18 -21.57 9.50
N ILE C 473 14.92 -21.37 8.41
CA ILE C 473 16.33 -21.79 8.32
C ILE C 473 17.18 -20.83 9.16
N GLU C 474 18.12 -21.33 9.95
CA GLU C 474 19.05 -20.51 10.72
C GLU C 474 20.48 -20.81 10.30
N PRO C 475 21.01 -20.14 9.27
CA PRO C 475 22.15 -20.65 8.53
C PRO C 475 23.50 -20.54 9.25
N LEU C 476 23.61 -19.77 10.33
CA LEU C 476 24.83 -19.67 11.14
C LEU C 476 24.95 -20.84 12.10
N GLY C 477 26.17 -21.15 12.47
CA GLY C 477 26.48 -22.01 13.60
C GLY C 477 27.95 -22.01 13.93
N VAL C 478 28.27 -22.51 15.11
CA VAL C 478 29.62 -22.66 15.61
C VAL C 478 29.89 -24.09 16.04
N ALA C 479 31.12 -24.55 15.86
CA ALA C 479 31.56 -25.90 16.19
C ALA C 479 33.05 -25.91 16.58
N PRO C 480 33.54 -26.91 17.31
CA PRO C 480 34.95 -27.09 17.58
C PRO C 480 35.71 -27.66 16.35
N THR C 481 36.95 -27.21 16.14
CA THR C 481 37.88 -27.77 15.16
C THR C 481 39.34 -27.60 15.55
N ARG C 482 40.25 -28.34 14.90
CA ARG C 482 41.71 -28.18 15.03
C ARG C 482 42.29 -27.25 13.96
N CYS C 483 41.99 -25.97 14.07
CA CYS C 483 42.53 -24.91 13.19
C CYS C 483 42.88 -23.63 13.98
N LYS C 484 44.00 -22.99 13.63
CA LYS C 484 44.43 -21.65 14.07
C LYS C 484 44.23 -20.65 12.95
N ARG C 485 43.77 -19.44 13.24
CA ARG C 485 43.91 -18.33 12.27
C ARG C 485 45.38 -17.91 12.19
N ARG C 486 45.88 -17.60 10.99
CA ARG C 486 47.25 -17.12 10.78
C ARG C 486 47.37 -15.68 11.29
N VAL C 487 48.10 -15.46 12.38
CA VAL C 487 48.33 -14.14 13.00
C VAL C 487 49.61 -14.12 13.83
N LEU C 504 22.06 -30.84 -2.83
CA LEU C 504 21.19 -31.26 -3.93
C LEU C 504 19.78 -30.64 -3.88
N GLY C 505 19.46 -29.88 -2.84
CA GLY C 505 18.19 -29.18 -2.68
C GLY C 505 18.11 -28.39 -1.37
N PHE C 506 17.00 -27.68 -1.17
CA PHE C 506 16.84 -26.52 -0.28
C PHE C 506 17.38 -26.67 1.14
N LEU C 507 17.35 -27.90 1.68
CA LEU C 507 17.86 -28.30 2.99
C LEU C 507 18.42 -29.73 2.94
N GLY C 508 18.86 -30.18 1.76
CA GLY C 508 18.83 -31.61 1.43
C GLY C 508 19.57 -32.57 2.37
N ALA C 509 20.67 -32.14 2.97
CA ALA C 509 21.51 -32.98 3.82
C ALA C 509 21.02 -33.12 5.28
N ALA C 510 19.95 -32.44 5.69
CA ALA C 510 19.74 -32.03 7.09
C ALA C 510 19.80 -33.13 8.17
N GLY C 511 19.50 -34.40 7.86
CA GLY C 511 19.61 -35.51 8.81
C GLY C 511 20.98 -36.19 8.88
N SER C 512 21.96 -35.75 8.09
CA SER C 512 23.24 -36.43 7.87
C SER C 512 24.30 -36.08 8.91
N THR C 513 25.40 -36.85 8.92
CA THR C 513 26.63 -36.61 9.67
C THR C 513 27.23 -35.24 9.37
N MET C 514 27.62 -34.46 10.38
CA MET C 514 28.01 -33.05 10.18
C MET C 514 29.10 -32.83 9.13
N GLY C 515 30.08 -33.72 9.06
CA GLY C 515 31.13 -33.65 8.06
C GLY C 515 30.60 -33.70 6.63
N ALA C 516 29.57 -34.49 6.37
CA ALA C 516 28.97 -34.58 5.04
C ALA C 516 28.27 -33.28 4.65
N ALA C 517 27.54 -32.66 5.58
CA ALA C 517 26.84 -31.40 5.32
C ALA C 517 27.81 -30.26 5.00
N SER C 518 29.01 -30.27 5.58
CA SER C 518 30.04 -29.27 5.28
C SER C 518 30.49 -29.26 3.81
N MET C 519 30.21 -30.31 3.04
CA MET C 519 30.51 -30.42 1.61
C MET C 519 29.45 -29.76 0.70
N THR C 520 28.32 -29.30 1.24
CA THR C 520 27.18 -28.77 0.47
C THR C 520 26.64 -27.43 0.99
N LEU C 521 27.46 -26.68 1.74
CA LEU C 521 27.02 -25.47 2.45
C LEU C 521 26.44 -24.40 1.52
N THR C 522 26.95 -24.29 0.30
CA THR C 522 26.50 -23.32 -0.71
C THR C 522 25.02 -23.46 -1.06
N VAL C 523 24.45 -24.66 -0.96
CA VAL C 523 23.07 -24.90 -1.37
C VAL C 523 22.10 -24.22 -0.41
N GLN C 524 22.32 -24.34 0.90
CA GLN C 524 21.53 -23.64 1.90
C GLN C 524 21.87 -22.14 1.96
N ALA C 525 22.92 -21.69 1.27
CA ALA C 525 23.28 -20.28 1.23
C ALA C 525 22.51 -19.52 0.14
N ARG C 526 22.42 -20.07 -1.07
CA ARG C 526 21.78 -19.36 -2.19
C ARG C 526 20.28 -19.15 -1.99
N ASN C 527 19.55 -20.13 -1.45
CA ASN C 527 18.10 -20.03 -1.27
C ASN C 527 17.66 -19.11 -0.11
N LEU C 528 18.59 -18.43 0.59
CA LEU C 528 18.27 -17.41 1.58
C LEU C 528 17.82 -16.09 0.94
N LEU C 529 17.97 -15.92 -0.38
CA LEU C 529 17.78 -14.65 -1.07
C LEU C 529 17.09 -14.84 -2.43
N SER C 530 16.27 -13.86 -2.84
CA SER C 530 15.55 -13.85 -4.12
C SER C 530 15.21 -12.44 -4.60
N PRO C 553 -3.26 -3.05 -1.61
CA PRO C 553 -3.97 -3.99 -0.74
C PRO C 553 -3.02 -4.92 0.04
N VAL C 554 -3.57 -5.68 0.98
CA VAL C 554 -2.84 -6.72 1.74
C VAL C 554 -2.02 -7.62 0.83
N TRP C 555 -2.59 -8.04 -0.31
CA TRP C 555 -1.97 -8.93 -1.29
C TRP C 555 -0.67 -8.36 -1.88
N GLY C 556 -0.54 -7.03 -1.96
CA GLY C 556 0.70 -6.37 -2.36
C GLY C 556 1.63 -6.16 -1.17
N ILE C 557 1.11 -5.57 -0.09
CA ILE C 557 1.94 -5.16 1.05
C ILE C 557 2.63 -6.36 1.70
N LYS C 558 1.94 -7.49 1.84
CA LYS C 558 2.51 -8.63 2.54
C LYS C 558 3.66 -9.27 1.78
N GLN C 559 3.70 -9.17 0.46
CA GLN C 559 4.86 -9.61 -0.32
C GLN C 559 6.05 -8.67 -0.19
N LEU C 560 5.86 -7.35 -0.22
CA LEU C 560 6.95 -6.42 0.07
C LEU C 560 7.46 -6.58 1.49
N GLN C 561 6.58 -6.75 2.46
CA GLN C 561 6.97 -6.96 3.85
C GLN C 561 7.70 -8.28 4.07
N ALA C 562 7.34 -9.34 3.34
CA ALA C 562 8.08 -10.60 3.36
C ALA C 562 9.48 -10.46 2.76
N ARG C 563 9.58 -9.84 1.59
CA ARG C 563 10.85 -9.68 0.86
C ARG C 563 11.84 -8.82 1.61
N VAL C 564 11.40 -7.70 2.18
CA VAL C 564 12.29 -6.82 2.94
C VAL C 564 12.82 -7.52 4.19
N LEU C 565 12.00 -8.28 4.91
CA LEU C 565 12.48 -9.05 6.06
C LEU C 565 13.52 -10.11 5.64
N ALA C 566 13.33 -10.76 4.49
CA ALA C 566 14.31 -11.70 3.95
C ALA C 566 15.65 -11.04 3.61
N VAL C 567 15.64 -9.85 3.03
CA VAL C 567 16.87 -9.07 2.80
C VAL C 567 17.53 -8.66 4.12
N GLU C 568 16.76 -8.15 5.08
CA GLU C 568 17.32 -7.70 6.35
C GLU C 568 17.95 -8.83 7.16
N ARG C 569 17.37 -10.02 7.15
CA ARG C 569 17.99 -11.20 7.77
C ARG C 569 19.32 -11.55 7.13
N TYR C 570 19.39 -11.56 5.81
CA TYR C 570 20.65 -11.84 5.13
C TYR C 570 21.73 -10.80 5.47
N LEU C 571 21.37 -9.52 5.52
CA LEU C 571 22.37 -8.50 5.82
C LEU C 571 22.89 -8.62 7.24
N ARG C 572 22.04 -8.94 8.22
CA ARG C 572 22.51 -9.19 9.59
C ARG C 572 23.49 -10.35 9.63
N ASP C 573 23.24 -11.43 8.90
CA ASP C 573 24.18 -12.54 8.83
C ASP C 573 25.55 -12.06 8.33
N GLN C 574 25.58 -11.37 7.19
CA GLN C 574 26.85 -10.96 6.61
C GLN C 574 27.57 -9.93 7.48
N GLN C 575 26.83 -9.09 8.20
CA GLN C 575 27.41 -8.12 9.11
C GLN C 575 28.10 -8.77 10.30
N LEU C 576 27.50 -9.79 10.92
CA LEU C 576 28.20 -10.54 11.97
C LEU C 576 29.48 -11.18 11.43
N LEU C 577 29.42 -11.78 10.24
CA LEU C 577 30.59 -12.39 9.64
C LEU C 577 31.67 -11.36 9.32
N GLY C 578 31.30 -10.10 9.11
CA GLY C 578 32.24 -8.98 9.01
C GLY C 578 32.88 -8.67 10.35
N ILE C 579 32.07 -8.45 11.38
CA ILE C 579 32.52 -8.12 12.73
C ILE C 579 33.42 -9.22 13.33
N TRP C 580 33.30 -10.47 12.89
CA TRP C 580 34.15 -11.58 13.34
C TRP C 580 35.38 -11.85 12.45
N GLY C 581 35.60 -11.03 11.42
CA GLY C 581 36.78 -11.11 10.56
C GLY C 581 36.72 -12.12 9.41
N CYS C 582 35.58 -12.75 9.16
CA CYS C 582 35.38 -13.67 8.05
C CYS C 582 35.02 -12.96 6.74
N SER C 583 34.38 -11.79 6.79
CA SER C 583 34.30 -10.81 5.70
C SER C 583 33.86 -11.40 4.34
N GLY C 584 32.80 -12.19 4.35
CA GLY C 584 32.32 -12.91 3.18
C GLY C 584 33.15 -14.14 2.85
N LYS C 585 33.08 -15.17 3.69
CA LYS C 585 33.63 -16.51 3.45
C LYS C 585 32.79 -17.56 4.18
N LEU C 586 32.62 -18.75 3.60
CA LEU C 586 31.62 -19.73 4.05
C LEU C 586 32.07 -20.63 5.20
N ILE C 587 33.36 -20.92 5.30
CA ILE C 587 34.00 -21.65 6.38
C ILE C 587 35.14 -20.80 6.90
N CYS C 588 35.21 -20.55 8.19
CA CYS C 588 36.12 -19.56 8.75
C CYS C 588 36.64 -19.98 10.12
N CYS C 589 37.91 -19.71 10.37
CA CYS C 589 38.69 -20.24 11.47
C CYS C 589 39.33 -19.10 12.27
N THR C 590 39.41 -19.27 13.59
CA THR C 590 39.56 -18.15 14.53
C THR C 590 40.37 -18.56 15.76
N ASN C 591 41.05 -17.60 16.38
CA ASN C 591 41.92 -17.79 17.53
C ASN C 591 41.21 -17.96 18.89
N VAL C 592 39.88 -18.06 18.96
CA VAL C 592 39.16 -18.28 20.22
C VAL C 592 39.20 -19.77 20.61
N PRO C 593 39.89 -20.15 21.70
CA PRO C 593 40.01 -21.55 22.10
C PRO C 593 38.68 -22.11 22.60
N TRP C 594 38.36 -23.35 22.22
CA TRP C 594 37.18 -24.05 22.70
C TRP C 594 37.25 -24.28 24.21
N ASN C 595 36.12 -24.21 24.90
CA ASN C 595 36.04 -24.35 26.36
C ASN C 595 35.23 -25.59 26.76
N SER C 596 35.83 -26.49 27.53
CA SER C 596 35.18 -27.69 28.03
C SER C 596 33.92 -27.43 28.86
N SER C 597 33.73 -26.22 29.38
CA SER C 597 32.51 -25.81 30.08
C SER C 597 31.26 -25.80 29.18
N TRP C 598 31.44 -25.74 27.85
CA TRP C 598 30.35 -25.83 26.87
C TRP C 598 30.07 -27.28 26.47
N SER C 599 31.08 -28.04 26.05
CA SER C 599 30.96 -29.48 25.71
C SER C 599 32.31 -30.20 25.75
N ASN C 600 32.26 -31.53 25.89
CA ASN C 600 33.40 -32.41 26.19
C ASN C 600 33.54 -33.60 25.22
N ARG C 601 32.67 -33.70 24.21
CA ARG C 601 32.66 -34.79 23.23
C ARG C 601 33.97 -34.88 22.44
N ASN C 602 34.35 -36.08 21.98
CA ASN C 602 35.55 -36.27 21.17
C ASN C 602 35.39 -35.60 19.80
N LEU C 603 36.49 -35.28 19.10
CA LEU C 603 36.43 -34.63 17.78
C LEU C 603 35.65 -35.49 16.77
N SER C 604 35.95 -36.78 16.68
CA SER C 604 35.21 -37.72 15.83
C SER C 604 33.76 -37.92 16.29
N GLU C 605 33.50 -37.93 17.59
CA GLU C 605 32.15 -38.12 18.11
C GLU C 605 31.23 -36.94 17.75
N ILE C 606 31.78 -35.73 17.72
CA ILE C 606 31.14 -34.56 17.11
C ILE C 606 30.97 -34.76 15.61
N TRP C 607 32.07 -34.94 14.89
CA TRP C 607 32.07 -34.73 13.44
C TRP C 607 31.54 -35.89 12.61
N ASP C 608 31.64 -37.13 13.10
CA ASP C 608 31.22 -38.34 12.40
C ASP C 608 29.86 -38.86 12.89
N ASN C 609 29.57 -38.75 14.18
CA ASN C 609 28.50 -39.53 14.83
C ASN C 609 27.25 -38.72 15.19
N MET C 610 27.14 -37.46 14.78
CA MET C 610 26.04 -36.55 15.13
C MET C 610 25.57 -35.76 13.91
N THR C 611 24.33 -35.28 13.94
CA THR C 611 23.71 -34.50 12.86
C THR C 611 23.45 -33.06 13.30
N TRP C 612 23.57 -32.09 12.40
CA TRP C 612 23.76 -30.68 12.76
C TRP C 612 22.70 -30.13 13.71
N LEU C 613 21.41 -30.41 13.48
CA LEU C 613 20.37 -29.89 14.36
C LEU C 613 20.43 -30.46 15.78
N GLN C 614 21.00 -31.65 15.98
CA GLN C 614 21.26 -32.15 17.33
C GLN C 614 22.39 -31.40 18.00
N TRP C 615 23.48 -31.15 17.28
CA TRP C 615 24.60 -30.36 17.80
C TRP C 615 24.14 -28.94 18.16
N ASP C 616 23.31 -28.35 17.30
CA ASP C 616 22.74 -27.04 17.55
C ASP C 616 21.86 -27.04 18.81
N LYS C 617 21.01 -28.06 18.97
CA LYS C 617 20.19 -28.19 20.17
C LYS C 617 21.07 -28.26 21.41
N GLU C 618 22.13 -29.07 21.40
CA GLU C 618 23.02 -29.16 22.55
C GLU C 618 23.74 -27.85 22.86
N ILE C 619 24.37 -27.19 21.89
CA ILE C 619 25.12 -25.95 22.17
C ILE C 619 24.20 -24.76 22.45
N SER C 620 22.90 -24.86 22.14
CA SER C 620 21.95 -23.74 22.16
C SER C 620 22.14 -22.76 23.32
N ASN C 621 22.12 -23.20 24.57
CA ASN C 621 22.09 -22.28 25.72
C ASN C 621 23.38 -21.46 25.87
N TYR C 622 24.53 -22.01 25.50
CA TYR C 622 25.81 -21.32 25.55
C TYR C 622 26.02 -20.32 24.41
N THR C 623 25.21 -20.37 23.35
CA THR C 623 25.57 -19.76 22.06
C THR C 623 25.84 -18.26 22.16
N GLN C 624 25.01 -17.53 22.90
CA GLN C 624 25.17 -16.09 23.11
C GLN C 624 26.43 -15.70 23.88
N ILE C 625 27.09 -16.62 24.59
CA ILE C 625 28.41 -16.36 25.17
C ILE C 625 29.45 -16.22 24.05
N ILE C 626 29.43 -17.15 23.08
CA ILE C 626 30.47 -17.31 22.07
C ILE C 626 30.62 -16.04 21.24
N TYR C 627 29.52 -15.39 20.85
CA TYR C 627 29.59 -14.24 19.94
C TYR C 627 30.32 -13.04 20.56
N GLY C 628 30.26 -12.89 21.89
CA GLY C 628 30.99 -11.83 22.58
C GLY C 628 32.51 -12.03 22.49
N LEU C 629 32.97 -13.27 22.64
CA LEU C 629 34.38 -13.61 22.50
C LEU C 629 34.87 -13.33 21.09
N LEU C 630 34.05 -13.63 20.08
CA LEU C 630 34.43 -13.42 18.69
C LEU C 630 34.60 -11.92 18.40
N GLU C 631 33.64 -11.10 18.84
CA GLU C 631 33.70 -9.66 18.59
C GLU C 631 34.89 -8.99 19.29
N GLU C 632 35.14 -9.28 20.56
CA GLU C 632 36.28 -8.68 21.24
C GLU C 632 37.60 -9.17 20.64
N SER C 633 37.69 -10.44 20.24
CA SER C 633 38.90 -10.99 19.63
C SER C 633 39.22 -10.26 18.33
N GLN C 634 38.23 -10.07 17.46
CA GLN C 634 38.49 -9.35 16.21
C GLN C 634 38.92 -7.92 16.47
N ASN C 635 38.32 -7.25 17.46
CA ASN C 635 38.70 -5.88 17.77
C ASN C 635 40.15 -5.80 18.29
N GLN C 636 40.54 -6.73 19.16
CA GLN C 636 41.92 -6.84 19.61
C GLN C 636 42.88 -7.05 18.43
N GLN C 637 42.53 -7.95 17.53
CA GLN C 637 43.38 -8.33 16.41
C GLN C 637 43.59 -7.16 15.45
N GLU C 638 42.54 -6.41 15.16
CA GLU C 638 42.62 -5.26 14.27
C GLU C 638 43.49 -4.13 14.85
N LYS C 639 43.40 -3.89 16.16
CA LYS C 639 44.26 -2.89 16.83
C LYS C 639 45.72 -3.31 16.80
N ASN C 640 46.01 -4.59 17.04
CA ASN C 640 47.36 -5.12 16.95
C ASN C 640 47.95 -4.96 15.53
N GLU C 641 47.14 -5.22 14.49
CA GLU C 641 47.56 -5.02 13.10
C GLU C 641 47.76 -3.53 12.77
N GLN C 642 46.86 -2.67 13.20
CA GLN C 642 46.92 -1.24 12.94
C GLN C 642 48.12 -0.59 13.60
N ASP C 643 48.51 -1.06 14.79
CA ASP C 643 49.76 -0.69 15.42
C ASP C 643 50.96 -1.12 14.57
N LEU C 644 51.05 -2.41 14.22
CA LEU C 644 52.21 -2.98 13.55
C LEU C 644 52.49 -2.33 12.19
N LEU C 645 51.47 -1.93 11.46
CA LEU C 645 51.62 -1.32 10.14
C LEU C 645 52.47 -0.03 10.15
N ALA C 646 52.63 0.64 11.28
CA ALA C 646 53.52 1.80 11.41
C ALA C 646 55.01 1.43 11.48
N LEU C 647 55.35 0.17 11.75
CA LEU C 647 56.69 -0.34 12.01
C LEU C 647 57.11 -1.50 11.08
N ASP C 648 56.17 -2.05 10.30
CA ASP C 648 56.33 -3.26 9.48
C ASP C 648 57.60 -3.25 8.61
C1 NAG D . -40.18 15.45 24.16
C2 NAG D . -40.65 15.12 25.59
C3 NAG D . -41.41 13.79 25.59
C4 NAG D . -42.54 13.80 24.54
C5 NAG D . -42.00 14.12 23.16
C6 NAG D . -43.07 14.19 22.07
C7 NAG D . -39.04 16.10 27.17
C8 NAG D . -37.97 15.80 28.24
N2 NAG D . -39.55 15.05 26.54
O3 NAG D . -41.99 13.51 26.89
O4 NAG D . -43.14 12.47 24.52
O5 NAG D . -41.30 15.40 23.23
O6 NAG D . -44.08 15.15 22.42
O7 NAG D . -39.37 17.25 26.89
C1 NAG D . -44.56 12.44 24.87
C2 NAG D . -45.18 11.10 24.45
C3 NAG D . -46.67 11.09 24.84
C4 NAG D . -46.83 11.36 26.34
C5 NAG D . -46.12 12.66 26.79
C6 NAG D . -46.11 12.86 28.30
C7 NAG D . -44.25 9.94 22.48
C8 NAG D . -44.10 9.96 20.95
N2 NAG D . -45.01 10.90 23.00
O3 NAG D . -47.29 9.81 24.52
O4 NAG D . -48.25 11.49 26.59
O5 NAG D . -44.72 12.62 26.32
O6 NAG D . -47.46 12.98 28.80
O7 NAG D . -43.67 9.11 23.18
C1 NAG E . 22.67 15.17 33.72
C2 NAG E . 22.52 15.46 35.22
C3 NAG E . 22.22 14.16 36.01
C4 NAG E . 21.11 13.30 35.36
C5 NAG E . 21.44 13.09 33.89
C6 NAG E . 20.42 12.22 33.11
C7 NAG E . 24.01 17.38 35.61
C8 NAG E . 25.31 17.88 36.26
N2 NAG E . 23.74 16.09 35.74
O3 NAG E . 21.86 14.49 37.38
O4 NAG E . 21.09 11.96 35.99
O5 NAG E . 21.51 14.41 33.26
O6 NAG E . 21.05 11.74 31.92
O7 NAG E . 23.26 18.13 34.97
C1 NAG E . 20.16 11.77 37.11
C2 NAG E . 19.78 10.28 37.22
C3 NAG E . 18.87 10.05 38.44
C4 NAG E . 19.58 10.55 39.71
C5 NAG E . 20.00 12.02 39.59
C6 NAG E . 20.82 12.49 40.79
C7 NAG E . 18.11 10.18 35.39
C8 NAG E . 17.69 9.43 34.12
N2 NAG E . 19.20 9.73 35.99
O3 NAG E . 18.56 8.64 38.60
O4 NAG E . 18.63 10.40 40.80
O5 NAG E . 20.82 12.19 38.36
O6 NAG E . 21.23 13.86 40.59
O7 NAG E . 17.48 11.14 35.81
C1 NAG F . -6.67 13.15 33.02
C2 NAG F . -7.86 12.91 32.08
C3 NAG F . -8.96 12.12 32.81
C4 NAG F . -8.40 10.82 33.40
C5 NAG F . -7.18 11.07 34.28
C6 NAG F . -6.55 9.74 34.70
C7 NAG F . -8.67 14.42 30.34
C8 NAG F . -9.33 15.76 30.05
N2 NAG F . -8.40 14.18 31.62
O3 NAG F . -10.04 11.79 31.89
O4 NAG F . -9.44 10.25 34.25
O5 NAG F . -6.19 11.87 33.51
O6 NAG F . -5.50 9.96 35.67
O7 NAG F . -8.38 13.63 29.46
C1 NAG F . -10.00 8.97 33.82
C2 NAG F . -10.72 8.33 35.01
C3 NAG F . -11.48 7.08 34.58
C4 NAG F . -12.40 7.38 33.38
C5 NAG F . -11.61 8.00 32.22
C6 NAG F . -12.50 8.37 31.03
C7 NAG F . -9.70 8.65 37.23
C8 NAG F . -8.52 8.30 38.13
N2 NAG F . -9.76 8.01 36.07
O3 NAG F . -12.30 6.57 35.67
O4 NAG F . -12.98 6.13 32.96
O5 NAG F . -10.94 9.22 32.72
O6 NAG F . -11.70 8.95 29.99
O7 NAG F . -10.54 9.48 37.56
C1 NAG G . 11.33 40.17 17.95
C2 NAG G . 12.06 40.12 16.59
C3 NAG G . 12.60 41.52 16.25
C4 NAG G . 11.54 42.65 16.37
C5 NAG G . 10.76 42.54 17.70
C6 NAG G . 9.54 43.48 17.82
C7 NAG G . 13.58 38.47 15.59
C8 NAG G . 14.59 37.34 15.83
N2 NAG G . 13.13 39.13 16.65
O3 NAG G . 13.13 41.51 14.89
O4 NAG G . 12.32 43.91 16.33
O5 NAG G . 10.27 41.15 17.87
O6 NAG G . 8.63 42.98 18.80
O7 NAG G . 13.21 38.78 14.45
C1 NAG G . 11.85 45.15 15.65
C2 NAG G . 11.20 44.95 14.27
C3 NAG G . 10.91 46.33 13.67
C4 NAG G . 9.97 47.14 14.58
C5 NAG G . 10.52 47.23 16.02
C6 NAG G . 9.52 47.86 17.01
C7 NAG G . 11.69 43.11 12.70
C8 NAG G . 12.73 42.47 11.77
N2 NAG G . 12.08 44.21 13.35
O3 NAG G . 10.29 46.21 12.35
O4 NAG G . 9.85 48.46 14.02
O5 NAG G . 10.90 45.88 16.51
O6 NAG G . 8.34 47.05 17.11
O7 NAG G . 10.55 42.65 12.82
C1 NAG H . -18.35 22.50 42.93
C2 NAG H . -18.96 21.17 43.42
C3 NAG H . -20.41 21.40 43.89
C4 NAG H . -20.53 22.56 44.89
C5 NAG H . -19.89 23.83 44.33
C6 NAG H . -19.88 24.99 45.32
C7 NAG H . -18.31 18.99 42.49
C8 NAG H . -18.45 18.01 41.33
N2 NAG H . -18.92 20.15 42.36
O3 NAG H . -20.94 20.19 44.49
O4 NAG H . -21.96 22.82 45.10
O5 NAG H . -18.49 23.52 43.97
O6 NAG H . -19.13 26.08 44.78
O7 NAG H . -17.65 18.71 43.49
C1 NAG H . -22.48 22.52 46.43
C2 NAG H . -23.97 22.95 46.50
C3 NAG H . -24.59 22.57 47.87
C4 NAG H . -24.43 21.06 48.11
C5 NAG H . -22.97 20.60 47.97
C6 NAG H . -22.80 19.07 48.03
C7 NAG H . -23.61 25.39 46.79
C8 NAG H . -23.90 26.77 46.20
N2 NAG H . -24.18 24.36 46.16
O3 NAG H . -26.00 22.91 47.91
O4 NAG H . -24.89 20.80 49.44
O5 NAG H . -22.41 21.08 46.67
O6 NAG H . -23.41 18.45 46.89
O7 NAG H . -22.90 25.24 47.77
C1 NAG I . -12.85 40.01 39.08
C2 NAG I . -14.38 40.02 38.86
C3 NAG I . -15.08 40.97 39.85
C4 NAG I . -14.65 40.66 41.29
C5 NAG I . -13.12 40.73 41.45
C6 NAG I . -12.65 40.36 42.87
C7 NAG I . -15.23 39.56 36.59
C8 NAG I . -15.44 40.11 35.19
N2 NAG I . -14.70 40.40 37.48
O3 NAG I . -16.53 40.84 39.76
O4 NAG I . -15.38 41.54 42.24
O5 NAG I . -12.53 39.77 40.48
O6 NAG I . -11.23 40.53 42.95
O7 NAG I . -15.53 38.41 36.89
C1 NAG I . -15.18 42.99 42.19
C2 NAG I . -16.31 43.72 42.96
C3 NAG I . -16.06 45.23 42.94
C4 NAG I . -14.69 45.56 43.54
C5 NAG I . -13.56 44.80 42.82
C6 NAG I . -12.18 44.98 43.47
C7 NAG I . -18.59 42.80 43.01
C8 NAG I . -19.90 42.59 42.22
N2 NAG I . -17.62 43.42 42.36
O3 NAG I . -17.09 45.93 43.68
O4 NAG I . -14.48 46.98 43.38
O5 NAG I . -13.89 43.36 42.79
O6 NAG I . -12.17 44.48 44.82
O7 NAG I . -18.47 42.40 44.17
C1 NAG J . -34.47 29.73 -19.12
C2 NAG J . -34.38 31.23 -19.48
C3 NAG J . -34.63 32.07 -18.23
C4 NAG J . -35.95 31.67 -17.55
C5 NAG J . -35.96 30.19 -17.21
C6 NAG J . -37.25 29.68 -16.57
C7 NAG J . -32.79 31.47 -21.36
C8 NAG J . -31.44 32.04 -21.79
N2 NAG J . -33.09 31.59 -20.06
O3 NAG J . -34.70 33.49 -18.55
O4 NAG J . -36.07 32.43 -16.30
O5 NAG J . -35.72 29.44 -18.45
O6 NAG J . -38.38 29.99 -17.42
O7 NAG J . -33.54 30.91 -22.15
C1 NAG J . -37.24 33.29 -16.24
C2 NAG J . -37.48 33.74 -14.79
C3 NAG J . -38.72 34.66 -14.76
C4 NAG J . -38.53 35.85 -15.71
C5 NAG J . -38.19 35.40 -17.15
C6 NAG J . -37.81 36.57 -18.07
C7 NAG J . -36.83 32.23 -12.97
C8 NAG J . -37.13 30.91 -12.25
N2 NAG J . -37.67 32.57 -13.93
O3 NAG J . -38.96 35.17 -13.41
O4 NAG J . -39.78 36.58 -15.73
O5 NAG J . -37.03 34.47 -17.10
O6 NAG J . -38.93 37.46 -18.22
O7 NAG J . -35.84 32.90 -12.70
C1 NAG K . 25.08 12.39 -33.15
C2 NAG K . 25.27 13.57 -34.12
C3 NAG K . 25.64 14.87 -33.36
C4 NAG K . 24.73 15.13 -32.14
C5 NAG K . 24.68 13.87 -31.26
C6 NAG K . 23.82 14.00 -29.99
C7 NAG K . 26.09 12.51 -36.18
C8 NAG K . 27.29 12.32 -37.13
N2 NAG K . 26.31 13.25 -35.10
O3 NAG K . 25.60 15.99 -34.28
O4 NAG K . 25.32 16.20 -31.30
O5 NAG K . 24.14 12.79 -32.10
O6 NAG K . 24.22 12.96 -29.08
O7 NAG K . 25.00 11.98 -36.40
C1 NAG K . 24.86 17.57 -31.56
C2 NAG K . 25.03 18.42 -30.28
C3 NAG K . 24.64 19.88 -30.55
C4 NAG K . 25.47 20.44 -31.71
C5 NAG K . 25.34 19.57 -32.98
C6 NAG K . 26.27 20.04 -34.10
C7 NAG K . 23.04 17.63 -29.03
C8 NAG K . 22.55 17.07 -27.69
N2 NAG K . 24.34 17.88 -29.10
O3 NAG K . 24.86 20.71 -29.37
O4 NAG K . 24.97 21.77 -31.98
O5 NAG K . 25.68 18.16 -32.63
O6 NAG K . 26.14 19.15 -35.22
O7 NAG K . 22.29 17.84 -29.97
C1 NAG L . -0.95 24.46 -26.64
C2 NAG L . -2.22 24.26 -25.79
C3 NAG L . -2.75 25.61 -25.31
C4 NAG L . -1.66 26.40 -24.58
C5 NAG L . -0.39 26.53 -25.41
C6 NAG L . 0.73 27.16 -24.58
C7 NAG L . -3.94 22.54 -26.08
C8 NAG L . -5.05 22.03 -26.98
N2 NAG L . -3.25 23.57 -26.55
O3 NAG L . -3.88 25.43 -24.40
O4 NAG L . -2.17 27.76 -24.36
O5 NAG L . 0.03 25.19 -25.86
O6 NAG L . 1.87 27.45 -25.41
O7 NAG L . -3.67 22.02 -25.01
C1 NAG L . -2.38 28.14 -22.97
C2 NAG L . -2.50 29.67 -22.90
C3 NAG L . -2.90 30.13 -21.49
C4 NAG L . -4.15 29.40 -21.02
C5 NAG L . -3.98 27.87 -21.09
C6 NAG L . -5.24 27.10 -20.69
C7 NAG L . -1.05 30.95 -24.43
C8 NAG L . 0.38 31.35 -24.75
N2 NAG L . -1.23 30.28 -23.29
O3 NAG L . -3.16 31.56 -21.48
O4 NAG L . -4.40 29.80 -19.65
O5 NAG L . -3.62 27.52 -22.48
O6 NAG L . -4.99 25.68 -20.78
O7 NAG L . -1.99 31.22 -25.18
C1 NAG M . 2.28 -6.13 -44.97
C2 NAG M . 2.57 -7.52 -44.36
C3 NAG M . 2.51 -8.58 -45.46
C4 NAG M . 1.22 -8.52 -46.33
C5 NAG M . 0.92 -7.07 -46.78
C6 NAG M . -0.45 -6.87 -47.46
C7 NAG M . 4.19 -8.29 -42.68
C8 NAG M . 5.54 -8.03 -41.99
N2 NAG M . 3.87 -7.50 -43.70
O3 NAG M . 2.60 -9.90 -44.86
O4 NAG M . 1.50 -9.37 -47.51
O5 NAG M . 0.98 -6.17 -45.60
O6 NAG M . -0.83 -5.48 -47.37
O7 NAG M . 3.43 -9.19 -42.33
C1 NAG M . 0.49 -10.25 -48.17
C2 NAG M . -0.43 -11.04 -47.20
C3 NAG M . -1.31 -11.98 -48.03
C4 NAG M . -2.16 -11.17 -49.03
C5 NAG M . -1.29 -10.25 -49.91
C6 NAG M . -2.11 -9.29 -50.79
C7 NAG M . 0.17 -11.77 -44.92
C8 NAG M . 1.05 -12.69 -44.06
N2 NAG M . 0.34 -11.84 -46.24
O3 NAG M . -2.21 -12.76 -47.19
O4 NAG M . -2.86 -12.11 -49.87
O5 NAG M . -0.37 -9.46 -49.06
O6 NAG M . -2.89 -8.41 -49.97
O7 NAG M . -0.68 -11.03 -44.42
C1 NAG N . -11.74 33.49 -37.78
C2 NAG N . -11.72 34.68 -36.80
C3 NAG N . -12.97 35.55 -37.00
C4 NAG N . -13.18 35.94 -38.48
C5 NAG N . -13.16 34.71 -39.38
C6 NAG N . -13.25 35.06 -40.87
C7 NAG N . -10.69 34.54 -34.57
C8 NAG N . -10.82 34.04 -33.13
N2 NAG N . -11.65 34.20 -35.41
O3 NAG N . -12.89 36.75 -36.19
O4 NAG N . -14.49 36.58 -38.60
O5 NAG N . -11.90 33.98 -39.15
O6 NAG N . -13.08 33.85 -41.64
O7 NAG N . -9.72 35.20 -34.93
C1 NAG N . -14.49 38.01 -38.91
C2 NAG N . -15.95 38.50 -39.09
C3 NAG N . -16.00 40.01 -39.35
C4 NAG N . -15.30 40.76 -38.20
C5 NAG N . -13.87 40.25 -37.96
C6 NAG N . -13.21 40.85 -36.71
C7 NAG N . -16.34 37.59 -41.38
C8 NAG N . -17.22 36.67 -42.22
N2 NAG N . -16.69 37.73 -40.09
O3 NAG N . -17.37 40.47 -39.45
O4 NAG N . -15.25 42.15 -38.58
O5 NAG N . -13.89 38.77 -37.81
O6 NAG N . -13.88 40.41 -35.52
O7 NAG N . -15.37 38.18 -41.85
C1 NAG O . -13.55 20.99 -51.66
C2 NAG O . -14.99 21.44 -51.33
C3 NAG O . -15.65 22.14 -52.53
C4 NAG O . -14.75 23.28 -53.05
C5 NAG O . -13.35 22.76 -53.42
C6 NAG O . -12.40 23.88 -53.88
C7 NAG O . -16.25 20.10 -49.70
C8 NAG O . -17.01 18.81 -49.43
N2 NAG O . -15.78 20.27 -50.92
O3 NAG O . -16.94 22.70 -52.16
O4 NAG O . -15.42 24.00 -54.16
O5 NAG O . -12.77 22.13 -52.21
O6 NAG O . -11.15 23.32 -54.27
O7 NAG O . -16.05 20.93 -48.80
C1 NAG O . -15.72 23.28 -55.41
C2 NAG O . -16.76 24.08 -56.23
C3 NAG O . -17.04 23.34 -57.56
C4 NAG O . -15.73 23.16 -58.34
C5 NAG O . -14.67 22.41 -57.51
C6 NAG O . -13.30 22.32 -58.19
C7 NAG O . -18.52 25.41 -55.13
C8 NAG O . -19.86 25.37 -54.37
N2 NAG O . -18.02 24.23 -55.49
O3 NAG O . -17.99 24.08 -58.37
O4 NAG O . -16.05 22.35 -59.52
O5 NAG O . -14.52 23.10 -56.20
O6 NAG O . -12.75 23.63 -58.43
O7 NAG O . -17.95 26.47 -55.39
C1 NAG P . -46.15 -13.89 -10.68
C2 NAG P . -46.67 -14.83 -11.79
C3 NAG P . -46.81 -14.04 -13.10
C4 NAG P . -47.68 -12.80 -12.89
C5 NAG P . -47.11 -11.91 -11.79
C6 NAG P . -47.94 -10.66 -11.49
C7 NAG P . -45.84 -17.10 -11.31
C8 NAG P . -44.92 -18.24 -11.78
N2 NAG P . -45.78 -15.96 -12.01
O3 NAG P . -47.42 -14.85 -14.13
O4 NAG P . -47.68 -12.03 -14.15
O5 NAG P . -47.00 -12.71 -10.57
O6 NAG P . -49.29 -11.02 -11.16
O7 NAG P . -46.56 -17.22 -10.32
C1 NAG P . -49.01 -11.86 -14.73
C2 NAG P . -48.96 -10.75 -15.80
C3 NAG P . -50.36 -10.59 -16.42
C4 NAG P . -50.84 -11.94 -16.99
C5 NAG P . -50.79 -13.07 -15.94
C6 NAG P . -51.09 -14.45 -16.54
C7 NAG P . -47.36 -8.91 -15.50
C8 NAG P . -47.00 -7.66 -14.69
N2 NAG P . -48.51 -9.49 -15.20
O3 NAG P . -50.36 -9.61 -17.49
O4 NAG P . -52.21 -11.75 -17.41
O5 NAG P . -49.44 -13.12 -15.35
O6 NAG P . -52.43 -14.49 -17.06
O7 NAG P . -46.61 -9.36 -16.38
C1 NAG Q . 9.27 -42.32 2.08
C2 NAG Q . 8.78 -43.68 1.54
C3 NAG Q . 8.92 -43.72 -0.01
C4 NAG Q . 8.35 -42.46 -0.70
C5 NAG Q . 8.96 -41.21 -0.05
C6 NAG Q . 8.51 -39.88 -0.66
C7 NAG Q . 9.29 -45.26 3.35
C8 NAG Q . 10.16 -46.45 3.79
N2 NAG Q . 9.55 -44.77 2.15
O3 NAG Q . 8.25 -44.91 -0.52
O4 NAG Q . 8.78 -42.45 -2.11
O5 NAG Q . 8.58 -41.25 1.37
O6 NAG Q . 9.45 -38.87 -0.29
O7 NAG Q . 8.41 -44.79 4.06
C1 NAG Q . 7.84 -43.03 -3.09
C2 NAG Q . 8.09 -42.39 -4.48
C3 NAG Q . 7.18 -43.05 -5.53
C4 NAG Q . 7.42 -44.56 -5.56
C5 NAG Q . 7.23 -45.19 -4.17
C6 NAG Q . 7.60 -46.68 -4.16
C7 NAG Q . 6.90 -40.24 -4.13
C8 NAG Q . 7.01 -38.72 -4.23
N2 NAG Q . 7.97 -40.93 -4.49
O3 NAG Q . 7.44 -42.51 -6.86
O4 NAG Q . 6.46 -45.13 -6.48
O5 NAG Q . 8.08 -44.47 -3.18
O6 NAG Q . 7.45 -47.19 -2.81
O7 NAG Q . 5.88 -40.80 -3.72
C1 NAG R . -16.31 -31.40 -7.51
C2 NAG R . -17.15 -30.11 -7.58
C3 NAG R . -17.93 -30.06 -8.89
C4 NAG R . -17.00 -30.21 -10.09
C5 NAG R . -16.13 -31.46 -9.97
C6 NAG R . -15.09 -31.49 -11.10
C7 NAG R . -18.23 -28.97 -5.70
C8 NAG R . -19.32 -29.05 -4.65
N2 NAG R . -18.08 -30.05 -6.46
O3 NAG R . -18.63 -28.79 -9.02
O4 NAG R . -17.83 -30.37 -11.29
O5 NAG R . -15.44 -31.45 -8.67
O6 NAG R . -14.38 -32.74 -11.11
O7 NAG R . -17.51 -27.99 -5.83
C1 NAG R . -17.76 -29.31 -12.26
C2 NAG R . -18.34 -29.83 -13.59
C3 NAG R . -18.45 -28.69 -14.62
C4 NAG R . -19.21 -27.50 -14.04
C5 NAG R . -18.58 -27.01 -12.73
C6 NAG R . -19.36 -25.87 -12.08
C7 NAG R . -17.88 -32.18 -14.15
C8 NAG R . -16.80 -33.18 -14.55
N2 NAG R . -17.50 -30.91 -14.10
O3 NAG R . -19.15 -29.17 -15.81
O4 NAG R . -19.17 -26.45 -15.03
O5 NAG R . -18.54 -28.16 -11.79
O6 NAG R . -18.70 -25.47 -10.86
O7 NAG R . -19.02 -32.53 -13.86
C1 NAG S . -8.65 -35.33 27.24
C2 NAG S . -7.77 -34.38 28.08
C3 NAG S . -7.79 -34.82 29.56
C4 NAG S . -9.22 -35.05 30.12
C5 NAG S . -10.08 -35.89 29.16
C6 NAG S . -11.58 -35.98 29.52
C7 NAG S . -5.58 -33.35 27.65
C8 NAG S . -4.25 -33.43 26.89
N2 NAG S . -6.41 -34.37 27.54
O3 NAG S . -7.10 -33.84 30.36
O4 NAG S . -9.02 -35.78 31.40
O5 NAG S . -9.99 -35.31 27.79
O6 NAG S . -12.35 -36.31 28.35
O7 NAG S . -5.87 -32.38 28.36
C1 NAG S . -9.84 -35.55 32.62
C2 NAG S . -10.13 -34.08 32.96
C3 NAG S . -10.86 -34.02 34.31
C4 NAG S . -12.17 -34.83 34.24
C5 NAG S . -11.93 -36.28 33.77
C6 NAG S . -13.23 -37.05 33.51
C7 NAG S . -8.72 -32.15 32.36
C8 NAG S . -7.38 -31.42 32.59
N2 NAG S . -8.91 -33.28 33.05
O3 NAG S . -11.18 -32.65 34.68
O4 NAG S . -12.73 -34.85 35.57
O5 NAG S . -11.11 -36.27 32.53
O6 NAG S . -14.00 -36.43 32.46
O7 NAG S . -9.58 -31.70 31.60
C1 NAG T . -32.13 -39.87 -8.05
C2 NAG T . -32.21 -39.55 -9.56
C3 NAG T . -33.68 -39.57 -10.02
C4 NAG T . -34.41 -40.86 -9.59
C5 NAG T . -34.25 -41.11 -8.09
C6 NAG T . -34.87 -42.44 -7.64
C7 NAG T . -30.61 -38.09 -10.71
C8 NAG T . -30.16 -36.65 -10.98
N2 NAG T . -31.60 -38.25 -9.85
O3 NAG T . -33.77 -39.44 -11.46
O4 NAG T . -35.84 -40.69 -9.89
O5 NAG T . -32.82 -41.12 -7.77
O6 NAG T . -34.54 -42.64 -6.25
O7 NAG T . -30.05 -39.04 -11.25
C1 NAG T . -36.39 -41.54 -10.95
C2 NAG T . -37.92 -41.29 -11.05
C3 NAG T . -38.53 -42.09 -12.21
C4 NAG T . -37.81 -41.73 -13.52
C5 NAG T . -36.29 -41.91 -13.42
C6 NAG T . -35.53 -41.39 -14.67
C7 NAG T . -38.62 -42.64 -9.09
C8 NAG T . -39.35 -42.59 -7.74
N2 NAG T . -38.62 -41.50 -9.78
O3 NAG T . -39.94 -41.80 -12.35
O4 NAG T . -38.33 -42.63 -14.54
O5 NAG T . -35.78 -41.17 -12.23
O6 NAG T . -35.66 -39.97 -14.77
O7 NAG T . -38.06 -43.65 -9.49
C1 NAG U . -33.62 -45.47 9.78
C2 NAG U . -34.97 -44.79 9.46
C3 NAG U . -36.14 -45.80 9.56
C4 NAG U . -35.84 -47.05 8.71
C5 NAG U . -34.51 -47.70 9.12
C6 NAG U . -34.15 -48.91 8.25
C7 NAG U . -35.21 -42.40 9.98
C8 NAG U . -35.41 -41.35 11.08
N2 NAG U . -35.20 -43.66 10.37
O3 NAG U . -37.38 -45.20 9.08
O4 NAG U . -37.00 -47.98 8.75
O5 NAG U . -33.44 -46.68 8.98
O6 NAG U . -32.95 -49.52 8.74
O7 NAG U . -35.06 -42.08 8.81
C1 NAG U . -37.39 -48.60 10.03
C2 NAG U . -38.82 -49.17 9.92
C3 NAG U . -39.20 -49.86 11.24
C4 NAG U . -38.18 -50.94 11.60
C5 NAG U . -36.75 -50.39 11.64
C6 NAG U . -35.67 -51.46 11.86
C7 NAG U . -40.52 -48.09 8.49
C8 NAG U . -41.50 -46.92 8.35
N2 NAG U . -39.79 -48.12 9.61
O3 NAG U . -40.53 -50.44 11.16
O4 NAG U . -38.54 -51.45 12.90
O5 NAG U . -36.46 -49.66 10.39
O6 NAG U . -35.67 -52.41 10.79
O7 NAG U . -40.43 -48.97 7.63
C1 NAG V . -43.45 13.90 9.05
C2 NAG V . -43.59 15.43 9.16
C3 NAG V . -45.07 15.83 9.03
C4 NAG V . -45.69 15.26 7.74
C5 NAG V . -45.51 13.74 7.64
C6 NAG V . -45.95 13.14 6.31
C7 NAG V . -41.78 16.19 10.64
C8 NAG V . -41.44 16.81 12.00
N2 NAG V . -43.06 15.94 10.42
O3 NAG V . -45.22 17.27 9.02
O4 NAG V . -47.10 15.58 7.76
O5 NAG V . -44.07 13.42 7.81
O6 NAG V . -47.36 13.40 6.09
O7 NAG V . -40.91 15.91 9.81
C1 NAG W . -24.27 27.68 6.77
C2 NAG W . -23.50 28.70 5.90
C3 NAG W . -22.89 29.79 6.79
C4 NAG W . -23.94 30.41 7.71
C5 NAG W . -24.60 29.32 8.56
C6 NAG W . -25.67 29.89 9.50
C7 NAG W . -22.25 28.12 3.85
C8 NAG W . -21.12 27.27 3.27
N2 NAG W . -22.42 28.03 5.17
O3 NAG W . -22.29 30.84 5.98
O4 NAG W . -23.26 31.36 8.56
O5 NAG W . -25.22 28.35 7.64
O6 NAG W . -26.10 28.87 10.41
O7 NAG W . -22.95 28.85 3.15
C1 NAG X . 14.81 32.62 25.96
C2 NAG X . 15.89 32.69 24.84
C3 NAG X . 15.98 34.11 24.25
C4 NAG X . 14.59 34.56 23.78
C5 NAG X . 13.54 34.46 24.90
C6 NAG X . 12.11 34.80 24.45
C7 NAG X . 17.89 32.61 26.31
C8 NAG X . 19.18 31.86 26.65
N2 NAG X . 17.19 32.15 25.28
O3 NAG X . 16.89 34.13 23.12
O4 NAG X . 14.72 35.95 23.36
O5 NAG X . 13.52 33.08 25.43
O6 NAG X . 12.00 36.22 24.22
O7 NAG X . 17.51 33.58 26.98
C1 NAG Y . -5.55 36.42 43.60
C2 NAG Y . -5.29 37.49 44.68
C3 NAG Y . -5.59 38.83 43.99
C4 NAG Y . -4.65 39.01 42.80
C5 NAG Y . -4.64 37.82 41.82
C6 NAG Y . -3.50 37.87 40.79
C7 NAG Y . -7.37 37.25 46.02
C8 NAG Y . -7.93 37.00 47.42
N2 NAG Y . -6.05 37.31 45.92
O3 NAG Y . -5.42 39.93 44.90
O4 NAG Y . -5.15 40.15 42.07
O5 NAG Y . -4.52 36.55 42.56
O6 NAG Y . -2.25 38.25 41.40
O7 NAG Y . -8.09 37.40 45.04
C1 NAG Z . -10.24 43.66 30.35
C2 NAG Z . -10.17 44.91 31.25
C3 NAG Z . -11.32 45.86 30.88
C4 NAG Z . -11.31 46.17 29.37
C5 NAG Z . -11.31 44.90 28.51
C6 NAG Z . -11.15 45.19 27.01
C7 NAG Z . -9.22 44.30 33.42
C8 NAG Z . -9.52 43.89 34.86
N2 NAG Z . -10.27 44.54 32.66
O3 NAG Z . -11.22 47.10 31.62
O4 NAG Z . -12.51 46.94 29.10
O5 NAG Z . -10.19 44.03 28.93
O6 NAG Z . -12.27 45.95 26.53
O7 NAG Z . -8.06 44.37 32.99
C1 NAG AA . -18.67 34.29 30.08
C2 NAG AA . -19.38 34.83 28.82
C3 NAG AA . -19.57 36.35 28.96
C4 NAG AA . -20.32 36.69 30.27
C5 NAG AA . -19.64 36.07 31.50
C6 NAG AA . -20.42 36.26 32.80
C7 NAG AA . -18.82 33.46 26.87
C8 NAG AA . -17.88 33.29 25.71
N2 NAG AA . -18.61 34.54 27.62
O3 NAG AA . -20.29 36.90 27.84
O4 NAG AA . -20.32 38.13 30.41
O5 NAG AA . -19.46 34.62 31.27
O6 NAG AA . -21.69 35.60 32.73
O7 NAG AA . -19.72 32.66 27.09
C1 NAG BA . -1.58 14.47 38.61
C2 NAG BA . -1.80 14.48 40.15
C3 NAG BA . -1.73 13.03 40.70
C4 NAG BA . -2.62 12.07 39.92
C5 NAG BA . -2.33 12.11 38.42
C6 NAG BA . -3.24 11.22 37.57
C7 NAG BA . -0.94 15.86 42.00
C8 NAG BA . 0.20 16.73 42.55
N2 NAG BA . -0.78 15.31 40.80
O3 NAG BA . -2.13 12.99 42.09
O4 NAG BA . -2.35 10.74 40.42
O5 NAG BA . -2.47 13.51 37.95
O6 NAG BA . -4.61 11.62 37.70
O7 NAG BA . -1.97 15.66 42.66
C1 NAG CA . 47.75 19.26 -2.19
C2 NAG CA . 47.86 18.57 -3.56
C3 NAG CA . 48.15 19.59 -4.66
C4 NAG CA . 47.10 20.71 -4.65
C5 NAG CA . 47.00 21.38 -3.28
C6 NAG CA . 45.87 22.42 -3.20
C7 NAG CA . 48.95 16.46 -4.27
C8 NAG CA . 50.07 15.45 -3.98
N2 NAG CA . 48.91 17.55 -3.51
O3 NAG CA . 48.14 18.97 -5.98
O4 NAG CA . 47.51 21.68 -5.64
O5 NAG CA . 46.78 20.35 -2.23
O6 NAG CA . 44.59 21.78 -3.33
O7 NAG CA . 48.12 16.30 -5.17
C1 NAG DA . 52.48 21.46 16.85
C2 NAG DA . 53.63 21.70 17.87
C3 NAG DA . 54.00 23.19 17.87
C4 NAG DA . 54.42 23.63 16.46
C5 NAG DA . 53.31 23.33 15.42
C6 NAG DA . 53.74 23.61 13.98
C7 NAG DA . 52.36 21.59 20.00
C8 NAG DA . 52.21 20.85 21.34
N2 NAG DA . 53.35 21.18 19.21
O3 NAG DA . 55.11 23.45 18.78
O4 NAG DA . 54.65 25.05 16.52
O5 NAG DA . 52.89 21.91 15.52
O6 NAG DA . 54.86 22.78 13.62
O7 NAG DA . 51.62 22.52 19.68
C1 NAG EA . -41.17 19.28 -9.79
C2 NAG EA . -41.77 18.79 -11.14
C3 NAG EA . -43.27 19.12 -11.19
C4 NAG EA . -44.02 18.54 -9.97
C5 NAG EA . -43.39 19.01 -8.65
C6 NAG EA . -43.97 18.33 -7.40
C7 NAG EA . -39.96 18.98 -12.80
C8 NAG EA . -39.48 19.70 -14.07
N2 NAG EA . -41.10 19.42 -12.28
O3 NAG EA . -43.88 18.59 -12.40
O4 NAG EA . -45.38 19.00 -10.04
O5 NAG EA . -41.93 18.70 -8.67
O6 NAG EA . -45.38 18.62 -7.30
O7 NAG EA . -39.33 18.06 -12.28
C1 NAG FA . -28.97 4.09 -23.35
C2 NAG FA . -28.86 2.65 -23.89
C3 NAG FA . -28.40 2.70 -25.37
C4 NAG FA . -29.30 3.61 -26.19
C5 NAG FA . -29.30 5.02 -25.59
C6 NAG FA . -30.18 6.00 -26.39
C7 NAG FA . -28.12 0.70 -22.58
C8 NAG FA . -26.99 0.12 -21.73
N2 NAG FA . -27.87 1.88 -23.13
O3 NAG FA . -28.43 1.36 -25.96
O4 NAG FA . -28.75 3.66 -27.53
O5 NAG FA . -29.81 4.92 -24.20
O6 NAG FA . -29.98 7.33 -25.90
O7 NAG FA . -29.18 0.12 -22.75
C1 NAG GA . 10.12 2.10 -43.02
C2 NAG GA . 10.77 0.73 -42.69
C3 NAG GA . 10.23 -0.36 -43.62
C4 NAG GA . 8.69 -0.39 -43.57
C5 NAG GA . 8.09 1.01 -43.88
C6 NAG GA . 6.56 1.08 -43.72
C7 NAG GA . 13.01 1.16 -43.66
C8 NAG GA . 14.51 1.22 -43.37
N2 NAG GA . 12.24 0.79 -42.64
O3 NAG GA . 10.71 -1.68 -43.22
O4 NAG GA . 8.24 -1.34 -44.56
O5 NAG GA . 8.67 2.00 -42.95
O6 NAG GA . 5.94 0.35 -44.81
O7 NAG GA . 12.54 1.47 -44.74
C1 NAG HA . -4.50 23.23 -51.94
C2 NAG HA . -4.31 23.58 -53.44
C3 NAG HA . -5.22 22.59 -54.19
C4 NAG HA . -4.76 21.16 -53.91
C5 NAG HA . -4.64 20.83 -52.40
C6 NAG HA . -3.92 19.51 -52.10
C7 NAG HA . -5.74 25.61 -53.58
C8 NAG HA . -5.77 27.09 -53.99
N2 NAG HA . -4.59 24.97 -53.79
O3 NAG HA . -5.16 22.83 -55.62
O4 NAG HA . -5.79 20.30 -54.44
O5 NAG HA . -3.91 21.92 -51.71
O6 NAG HA . -2.74 19.36 -52.91
O7 NAG HA . -6.71 25.04 -53.11
C1 NAG IA . -14.83 11.31 -50.83
C2 NAG IA . -14.92 11.50 -52.36
C3 NAG IA . -16.37 11.27 -52.81
C4 NAG IA . -16.89 9.91 -52.34
C5 NAG IA . -16.72 9.72 -50.83
C6 NAG IA . -17.09 8.31 -50.35
C7 NAG IA . -13.24 13.16 -53.07
C8 NAG IA . -12.98 14.63 -53.39
N2 NAG IA . -14.49 12.85 -52.74
O3 NAG IA . -16.47 11.35 -54.26
O4 NAG IA . -18.29 9.86 -52.68
O5 NAG IA . -15.31 9.98 -50.46
O6 NAG IA . -18.48 8.06 -50.59
O7 NAG IA . -12.35 12.31 -53.09
C1 NAG JA . -19.48 18.28 -41.43
C2 NAG JA . -20.65 17.32 -41.15
C3 NAG JA . -21.27 16.89 -42.50
C4 NAG JA . -21.69 18.13 -43.32
C5 NAG JA . -20.53 19.12 -43.50
C6 NAG JA . -20.93 20.43 -44.20
C7 NAG JA . -20.25 16.04 -39.10
C8 NAG JA . -19.68 14.78 -38.52
N2 NAG JA . -20.20 16.14 -40.42
O3 NAG JA . -22.42 16.04 -42.29
O4 NAG JA . -22.12 17.66 -44.62
O5 NAG JA . -19.96 19.45 -42.17
O6 NAG JA . -21.89 21.14 -43.40
O7 NAG JA . -20.74 16.92 -38.39
C1 NAG KA . 4.79 26.46 -31.31
C2 NAG KA . 5.02 27.81 -32.05
C3 NAG KA . 5.71 28.81 -31.11
C4 NAG KA . 4.99 28.92 -29.76
C5 NAG KA . 4.82 27.55 -29.09
C6 NAG KA . 4.04 27.58 -27.77
C7 NAG KA . 5.87 28.42 -34.28
C8 NAG KA . 6.77 28.05 -35.47
N2 NAG KA . 5.85 27.59 -33.24
O3 NAG KA . 5.76 30.14 -31.70
O4 NAG KA . 5.81 29.76 -28.91
O5 NAG KA . 4.11 26.66 -30.03
O6 NAG KA . 2.71 28.08 -27.97
O7 NAG KA . 5.19 29.45 -34.28
C1 NAG LA . 36.25 -28.81 -22.60
C2 NAG LA . 36.19 -29.70 -21.34
C3 NAG LA . 35.81 -31.14 -21.72
C4 NAG LA . 34.50 -31.16 -22.51
C5 NAG LA . 34.58 -30.27 -23.76
C6 NAG LA . 33.25 -30.18 -24.52
C7 NAG LA . 37.65 -29.88 -19.36
C8 NAG LA . 39.07 -29.68 -18.80
N2 NAG LA . 37.49 -29.68 -20.66
O3 NAG LA . 35.62 -31.97 -20.53
O4 NAG LA . 34.28 -32.53 -22.92
O5 NAG LA . 35.01 -28.91 -23.36
O6 NAG LA . 32.26 -29.51 -23.71
O7 NAG LA . 36.71 -30.21 -18.65
C1 NAG MA . 45.19 -15.99 -34.66
C2 NAG MA . 46.44 -15.72 -35.54
C3 NAG MA . 46.29 -16.46 -36.88
C4 NAG MA . 46.12 -17.97 -36.60
C5 NAG MA . 44.93 -18.26 -35.67
C6 NAG MA . 44.82 -19.73 -35.27
C7 NAG MA . 45.92 -13.41 -36.33
C8 NAG MA . 46.40 -11.95 -36.32
N2 NAG MA . 46.72 -14.29 -35.72
O3 NAG MA . 47.46 -16.26 -37.71
O4 NAG MA . 45.89 -18.59 -37.89
O5 NAG MA . 45.03 -17.43 -34.44
O6 NAG MA . 45.99 -20.14 -34.54
O7 NAG MA . 44.86 -13.76 -36.84
C1 NAG NA . -46.19 0.70 -5.37
C2 NAG NA . -46.96 0.04 -4.19
C3 NAG NA . -48.42 0.47 -4.22
C4 NAG NA . -48.56 2.00 -4.22
C5 NAG NA . -47.78 2.64 -5.38
C6 NAG NA . -47.73 4.17 -5.33
C7 NAG NA . -45.85 -2.12 -3.80
C8 NAG NA . -46.00 -3.65 -3.87
N2 NAG NA . -46.87 -1.42 -4.27
O3 NAG NA . -49.14 -0.07 -3.08
O4 NAG NA . -49.97 2.31 -4.38
O5 NAG NA . -46.37 2.17 -5.32
O6 NAG NA . -49.07 4.71 -5.40
O7 NAG NA . -44.83 -1.59 -3.37
C1 NAG OA . -34.08 -9.15 12.49
C2 NAG OA . -33.66 -9.07 13.98
C3 NAG OA . -33.68 -10.48 14.61
C4 NAG OA . -35.02 -11.18 14.36
C5 NAG OA . -35.31 -11.25 12.86
C6 NAG OA . -36.64 -11.95 12.56
C7 NAG OA . -31.99 -7.49 14.87
C8 NAG OA . -30.54 -7.02 14.79
N2 NAG OA . -32.30 -8.53 14.10
O3 NAG OA . -33.44 -10.41 16.04
O4 NAG OA . -34.91 -12.51 14.91
O5 NAG OA . -35.34 -9.86 12.34
O6 NAG OA . -36.75 -12.15 11.15
O7 NAG OA . -32.81 -6.97 15.62
C1 NAG PA . -3.69 -40.23 18.05
C2 NAG PA . -2.57 -39.65 18.96
C3 NAG PA . -2.96 -39.76 20.45
C4 NAG PA . -4.33 -39.09 20.67
C5 NAG PA . -5.41 -39.66 19.73
C6 NAG PA . -6.77 -38.95 19.82
C7 NAG PA . -0.95 -41.52 18.73
C8 NAG PA . 0.46 -41.93 18.31
N2 NAG PA . -1.25 -40.23 18.67
O3 NAG PA . -1.98 -39.10 21.29
O4 NAG PA . -4.70 -39.32 22.04
O5 NAG PA . -4.95 -39.54 18.32
O6 NAG PA . -7.40 -39.29 21.07
O7 NAG PA . -1.79 -42.36 19.09
C1 NAG QA . -26.26 -50.24 6.65
C2 NAG QA . -26.63 -51.69 7.06
C3 NAG QA . -27.33 -51.54 8.42
C4 NAG QA . -26.38 -50.90 9.43
C5 NAG QA . -25.74 -49.59 8.94
C6 NAG QA . -24.57 -49.09 9.81
C7 NAG QA . -28.61 -52.06 5.62
C8 NAG QA . -29.23 -52.97 4.56
N2 NAG QA . -27.43 -52.43 6.08
O3 NAG QA . -27.76 -52.83 8.91
O4 NAG QA . -27.18 -50.59 10.58
O5 NAG QA . -25.24 -49.75 7.56
O6 NAG QA . -23.69 -50.17 10.17
O7 NAG QA . -29.17 -51.04 6.02
C1 NAG RA . -31.41 -40.33 17.84
C2 NAG RA . -31.98 -41.64 18.45
C3 NAG RA . -33.35 -41.33 19.08
C4 NAG RA . -33.24 -40.18 20.10
C5 NAG RA . -32.60 -38.93 19.49
C6 NAG RA . -32.34 -37.82 20.51
C7 NAG RA . -31.21 -43.56 17.14
C8 NAG RA . -31.54 -44.53 16.00
N2 NAG RA . -32.13 -42.66 17.43
O3 NAG RA . -33.87 -42.50 19.77
O4 NAG RA . -34.59 -39.87 20.53
O5 NAG RA . -31.30 -39.29 18.87
O6 NAG RA . -33.59 -37.35 21.05
O7 NAG RA . -30.13 -43.60 17.73
C1 NAG SA . -35.21 -33.58 7.91
C2 NAG SA . -35.88 -32.49 8.78
C3 NAG SA . -36.68 -33.17 9.91
C4 NAG SA . -37.69 -34.17 9.33
C5 NAG SA . -37.02 -35.19 8.39
C6 NAG SA . -37.99 -36.14 7.68
C7 NAG SA . -34.52 -30.44 8.80
C8 NAG SA . -33.43 -29.68 9.49
N2 NAG SA . -34.88 -31.59 9.36
O3 NAG SA . -37.38 -32.19 10.72
O4 NAG SA . -38.29 -34.88 10.44
O5 NAG SA . -36.23 -34.47 7.36
O6 NAG SA . -38.87 -35.39 6.82
O7 NAG SA . -35.05 -30.02 7.76
C1 NAG TA . -13.09 -38.36 -7.77
C2 NAG TA . -13.53 -39.61 -8.59
C3 NAG TA . -12.97 -39.51 -10.02
C4 NAG TA . -13.27 -38.17 -10.69
C5 NAG TA . -12.79 -37.00 -9.81
C6 NAG TA . -13.13 -35.61 -10.38
C7 NAG TA . -13.59 -42.03 -8.13
C8 NAG TA . -13.00 -43.22 -7.36
N2 NAG TA . -13.04 -40.83 -7.94
O3 NAG TA . -13.52 -40.56 -10.87
O4 NAG TA . -12.56 -38.14 -11.94
O5 NAG TA . -13.41 -37.11 -8.48
O6 NAG TA . -14.55 -35.43 -10.50
O7 NAG TA . -14.54 -42.18 -8.91
C1 NAG UA . 35.69 -21.43 30.37
C2 NAG UA . 36.28 -20.01 30.51
C3 NAG UA . 36.30 -19.58 31.98
C4 NAG UA . 34.90 -19.70 32.60
C5 NAG UA . 34.33 -21.12 32.44
C6 NAG UA . 32.88 -21.24 32.94
C7 NAG UA . 38.22 -18.90 29.45
C8 NAG UA . 39.59 -19.10 28.79
N2 NAG UA . 37.63 -19.99 29.95
O3 NAG UA . 36.73 -18.20 32.13
O4 NAG UA . 35.03 -19.39 34.00
O5 NAG UA . 34.39 -21.52 31.02
O6 NAG UA . 32.00 -20.46 32.12
O7 NAG UA . 37.67 -17.80 29.52
C1 NAG VA . 36.20 -40.13 24.04
C2 NAG VA . 36.99 -41.46 24.07
C3 NAG VA . 36.72 -42.20 25.39
C4 NAG VA . 37.13 -41.30 26.57
C5 NAG VA . 36.41 -39.94 26.53
C6 NAG VA . 36.90 -38.97 27.60
C7 NAG VA . 35.56 -42.84 22.56
C8 NAG VA . 35.52 -43.62 21.25
N2 NAG VA . 36.73 -42.31 22.89
O3 NAG VA . 37.48 -43.44 25.46
O4 NAG VA . 36.76 -42.01 27.78
O5 NAG VA . 36.59 -39.31 25.19
O6 NAG VA . 38.30 -38.66 27.42
O7 NAG VA . 34.57 -42.70 23.27
#